data_5JO5
#
_entry.id   5JO5
#
_cell.length_a   115.624
_cell.length_b   65.506
_cell.length_c   128.483
_cell.angle_alpha   90.00
_cell.angle_beta   103.99
_cell.angle_gamma   90.00
#
_symmetry.space_group_name_H-M   'P 1 21 1'
#
loop_
_entity.id
_entity.type
_entity.pdbx_description
1 polymer '10E8 gHV'
2 polymer '10E8 gLV'
3 water water
#
loop_
_entity_poly.entity_id
_entity_poly.type
_entity_poly.pdbx_seq_one_letter_code
_entity_poly.pdbx_strand_id
1 'polypeptide(L)'
;EVQLVESGGGLVKPGGSLRLSCAASGFTFSNAWMSWVRQAPGKGLEWVGRIKSKTDGGTTDYAAPVKGRFTISRDDSKNT
LYLQMNSLKTEDTAVYYCARTGKYYDFWSGYPPGEEYFQDWGRGTLVTVSSASTKGPSVFPLAPSSKSTSGGTAALGCLV
KDYFPEPVTVSWNSGALTSGVHTFPAVLQSSGLYSLSSVVTVPSSSLGTQTYICNVNHKPSNTKVDKRVEPK
;
H,A,C,E
2 'polypeptide(L)'
;SELTQDPAVSVALGQTVRITCQGDSLRSYYASWYQQKPGQAPVLVIYGKNNRPSGIPDRFSGSSSGNTASLTITGAQAED
EADYYCSSRDKSGSRLSVFGGGTKLTVLSQPKAAPSVTLFPPSSEELQANKATLVCLISDFYPGAVTVAWKADSSPVKAG
VETTTPSKQSNNKYAASSYLSLTPEQWKSHRSYSCQVTHEGSTVEKTVAPTE
;
L,B,D,F
#
# COMPACT_ATOMS: atom_id res chain seq x y z
N GLU A 1 -8.24 -31.87 22.09
CA GLU A 1 -7.33 -31.44 23.20
C GLU A 1 -7.95 -30.31 24.01
N VAL A 2 -8.84 -29.53 23.39
CA VAL A 2 -9.68 -28.64 24.18
C VAL A 2 -10.60 -29.49 25.05
N GLN A 3 -10.69 -29.15 26.34
CA GLN A 3 -11.53 -29.86 27.29
C GLN A 3 -12.35 -28.85 28.07
N LEU A 4 -13.65 -29.12 28.18
CA LEU A 4 -14.59 -28.31 28.95
C LEU A 4 -15.46 -29.28 29.73
N VAL A 5 -15.52 -29.14 31.05
CA VAL A 5 -16.27 -30.08 31.88
C VAL A 5 -17.13 -29.31 32.88
N GLU A 6 -18.44 -29.39 32.70
CA GLU A 6 -19.41 -28.75 33.58
C GLU A 6 -19.76 -29.67 34.75
N SER A 7 -20.02 -29.03 35.90
CA SER A 7 -20.42 -29.74 37.10
C SER A 7 -21.33 -28.84 37.93
N GLY A 8 -22.03 -29.44 38.89
CA GLY A 8 -22.82 -28.71 39.85
C GLY A 8 -24.31 -28.85 39.67
N GLY A 9 -24.77 -29.46 38.59
CA GLY A 9 -26.19 -29.62 38.37
C GLY A 9 -26.81 -30.56 39.38
N GLY A 10 -28.07 -30.31 39.70
CA GLY A 10 -28.78 -31.12 40.66
C GLY A 10 -30.21 -30.66 40.77
N LEU A 11 -30.92 -31.25 41.74
CA LEU A 11 -32.31 -30.89 42.00
C LEU A 11 -32.36 -29.71 42.96
N VAL A 12 -33.15 -28.69 42.62
CA VAL A 12 -33.26 -27.49 43.41
C VAL A 12 -34.71 -26.99 43.35
N LYS A 13 -35.15 -26.33 44.42
CA LYS A 13 -36.52 -25.86 44.47
C LYS A 13 -36.66 -24.46 43.87
N PRO A 14 -37.81 -24.15 43.27
CA PRO A 14 -38.05 -22.78 42.81
C PRO A 14 -37.74 -21.77 43.90
N GLY A 15 -37.17 -20.64 43.50
CA GLY A 15 -36.71 -19.63 44.44
C GLY A 15 -35.35 -19.90 45.04
N GLY A 16 -34.80 -21.10 44.85
CA GLY A 16 -33.51 -21.45 45.42
C GLY A 16 -32.36 -20.98 44.56
N SER A 17 -31.16 -21.46 44.91
CA SER A 17 -29.94 -21.07 44.23
C SER A 17 -29.07 -22.30 43.97
N LEU A 18 -28.27 -22.21 42.91
CA LEU A 18 -27.38 -23.30 42.51
C LEU A 18 -26.21 -22.70 41.75
N ARG A 19 -25.01 -23.26 41.95
CA ARG A 19 -23.79 -22.76 41.31
C ARG A 19 -23.20 -23.85 40.42
N LEU A 20 -23.07 -23.54 39.13
CA LEU A 20 -22.42 -24.42 38.18
C LEU A 20 -20.99 -23.99 37.95
N SER A 21 -20.12 -24.96 37.66
CA SER A 21 -18.73 -24.72 37.33
C SER A 21 -18.39 -25.37 36.00
N CYS A 22 -17.51 -24.73 35.25
CA CYS A 22 -16.97 -25.27 34.01
C CYS A 22 -15.45 -25.17 34.08
N ALA A 23 -14.78 -26.32 34.23
CA ALA A 23 -13.34 -26.38 34.29
C ALA A 23 -12.79 -26.69 32.90
N ALA A 24 -11.76 -25.93 32.49
CA ALA A 24 -11.32 -25.91 31.10
C ALA A 24 -9.82 -26.15 31.00
N SER A 25 -9.40 -26.69 29.86
CA SER A 25 -7.99 -26.82 29.54
C SER A 25 -7.83 -27.01 28.04
N GLY A 26 -6.58 -26.91 27.58
CA GLY A 26 -6.25 -27.13 26.20
C GLY A 26 -6.31 -25.89 25.33
N PHE A 27 -6.65 -24.73 25.91
CA PHE A 27 -6.63 -23.45 25.21
C PHE A 27 -6.24 -22.40 26.23
N THR A 28 -5.84 -21.22 25.73
CA THR A 28 -5.41 -20.14 26.61
C THR A 28 -6.65 -19.51 27.22
N PHE A 29 -7.00 -19.97 28.43
CA PHE A 29 -8.29 -19.63 29.02
C PHE A 29 -8.45 -18.12 29.18
N SER A 30 -7.38 -17.43 29.62
CA SER A 30 -7.49 -16.01 29.91
C SER A 30 -7.87 -15.19 28.66
N ASN A 31 -7.57 -15.68 27.45
CA ASN A 31 -7.90 -14.93 26.24
C ASN A 31 -9.24 -15.35 25.61
N ALA A 32 -9.93 -16.33 26.18
CA ALA A 32 -11.16 -16.82 25.58
C ALA A 32 -12.38 -16.10 26.12
N TRP A 33 -13.30 -15.77 25.22
CA TRP A 33 -14.66 -15.51 25.63
C TRP A 33 -15.35 -16.83 25.94
N MET A 34 -16.27 -16.81 26.90
CA MET A 34 -16.92 -18.03 27.39
C MET A 34 -18.41 -17.80 27.55
N SER A 35 -19.20 -18.79 27.11
CA SER A 35 -20.64 -18.67 27.14
C SER A 35 -21.27 -19.88 27.84
N TRP A 36 -22.50 -19.68 28.30
CA TRP A 36 -23.37 -20.76 28.73
C TRP A 36 -24.55 -20.87 27.76
N VAL A 37 -24.92 -22.11 27.44
CA VAL A 37 -26.05 -22.43 26.57
C VAL A 37 -26.79 -23.57 27.25
N ARG A 38 -28.13 -23.56 27.18
CA ARG A 38 -28.91 -24.57 27.86
C ARG A 38 -29.89 -25.24 26.89
N GLN A 39 -30.37 -26.41 27.31
CA GLN A 39 -31.23 -27.22 26.45
C GLN A 39 -32.18 -28.01 27.34
N ALA A 40 -33.46 -27.64 27.31
CA ALA A 40 -34.46 -28.40 28.03
C ALA A 40 -34.58 -29.80 27.41
N PRO A 41 -34.91 -30.81 28.22
CA PRO A 41 -35.01 -32.17 27.67
C PRO A 41 -35.92 -32.24 26.45
N GLY A 42 -35.36 -32.75 25.35
CA GLY A 42 -36.09 -32.91 24.11
C GLY A 42 -36.30 -31.66 23.31
N LYS A 43 -35.69 -30.54 23.70
CA LYS A 43 -35.94 -29.26 23.07
C LYS A 43 -34.64 -28.68 22.49
N GLY A 44 -34.72 -27.42 22.04
CA GLY A 44 -33.62 -26.82 21.31
C GLY A 44 -32.65 -26.09 22.21
N LEU A 45 -31.56 -25.62 21.59
CA LEU A 45 -30.55 -24.86 22.30
C LEU A 45 -31.03 -23.44 22.58
N GLU A 46 -30.68 -22.92 23.76
CA GLU A 46 -31.03 -21.55 24.14
C GLU A 46 -29.82 -20.90 24.77
N TRP A 47 -29.36 -19.80 24.17
CA TRP A 47 -28.24 -19.03 24.71
C TRP A 47 -28.62 -18.44 26.06
N VAL A 48 -27.71 -18.56 27.02
CA VAL A 48 -27.91 -18.03 28.37
C VAL A 48 -27.16 -16.72 28.57
N GLY A 49 -25.88 -16.70 28.21
CA GLY A 49 -25.08 -15.49 28.37
C GLY A 49 -23.64 -15.77 28.05
N ARG A 50 -22.85 -14.69 28.08
CA ARG A 50 -21.44 -14.75 27.70
C ARG A 50 -20.65 -13.74 28.51
N ILE A 51 -19.43 -14.12 28.89
CA ILE A 51 -18.48 -13.22 29.54
C ILE A 51 -17.27 -13.06 28.65
N LYS A 52 -16.81 -11.83 28.49
CA LYS A 52 -15.66 -11.54 27.65
C LYS A 52 -14.36 -11.80 28.42
N SER A 53 -13.26 -11.77 27.69
CA SER A 53 -11.96 -11.89 28.33
C SER A 53 -11.60 -10.61 29.07
N LYS A 54 -10.69 -10.73 30.04
CA LYS A 54 -10.20 -9.56 30.75
C LYS A 54 -9.67 -8.51 29.79
N THR A 55 -8.89 -8.92 28.79
CA THR A 55 -8.32 -7.95 27.85
C THR A 55 -9.40 -7.17 27.13
N ASP A 56 -10.56 -7.78 26.90
CA ASP A 56 -11.66 -7.13 26.21
C ASP A 56 -12.70 -6.54 27.15
N GLY A 57 -12.38 -6.41 28.43
CA GLY A 57 -13.23 -5.73 29.40
C GLY A 57 -13.91 -6.63 30.41
N GLY A 58 -13.96 -7.94 30.17
CA GLY A 58 -14.52 -8.87 31.13
C GLY A 58 -16.01 -8.75 31.35
N THR A 59 -16.73 -8.09 30.44
CA THR A 59 -18.13 -7.77 30.66
C THR A 59 -19.03 -8.95 30.27
N THR A 60 -20.27 -8.91 30.78
CA THR A 60 -21.24 -9.97 30.59
C THR A 60 -22.49 -9.46 29.88
N ASP A 61 -23.10 -10.33 29.08
CA ASP A 61 -24.42 -10.08 28.52
C ASP A 61 -25.27 -11.34 28.69
N TYR A 62 -26.59 -11.13 28.81
CA TYR A 62 -27.51 -12.19 29.19
C TYR A 62 -28.74 -12.22 28.31
N ALA A 63 -29.27 -13.42 28.11
CA ALA A 63 -30.57 -13.58 27.47
C ALA A 63 -31.68 -13.06 28.38
N ALA A 64 -32.71 -12.51 27.76
CA ALA A 64 -33.80 -11.88 28.52
C ALA A 64 -34.40 -12.77 29.60
N PRO A 65 -34.65 -14.07 29.37
CA PRO A 65 -35.33 -14.87 30.40
C PRO A 65 -34.52 -15.08 31.67
N VAL A 66 -33.20 -14.90 31.63
CA VAL A 66 -32.35 -15.13 32.79
C VAL A 66 -31.71 -13.87 33.33
N LYS A 67 -31.77 -12.75 32.59
CA LYS A 67 -31.09 -11.53 33.01
C LYS A 67 -31.64 -11.07 34.36
N GLY A 68 -30.71 -10.82 35.29
CA GLY A 68 -31.08 -10.41 36.64
C GLY A 68 -31.25 -11.55 37.61
N ARG A 69 -31.20 -12.80 37.15
CA ARG A 69 -31.30 -13.96 38.01
C ARG A 69 -30.05 -14.83 38.02
N PHE A 70 -29.32 -14.91 36.91
CA PHE A 70 -28.09 -15.68 36.80
C PHE A 70 -26.90 -14.74 36.70
N THR A 71 -25.76 -15.16 37.28
CA THR A 71 -24.52 -14.40 37.19
C THR A 71 -23.43 -15.29 36.59
N ILE A 72 -22.82 -14.82 35.51
CA ILE A 72 -21.65 -15.48 34.93
C ILE A 72 -20.41 -14.78 35.44
N SER A 73 -19.42 -15.56 35.86
CA SER A 73 -18.14 -15.02 36.30
C SER A 73 -17.06 -16.01 35.91
N ARG A 74 -15.81 -15.58 36.03
CA ARG A 74 -14.67 -16.42 35.66
C ARG A 74 -13.54 -16.23 36.66
N ASP A 75 -12.76 -17.30 36.85
CA ASP A 75 -11.54 -17.25 37.64
C ASP A 75 -10.43 -17.77 36.73
N ASP A 76 -9.69 -16.85 36.12
CA ASP A 76 -8.66 -17.25 35.16
C ASP A 76 -7.54 -18.04 35.83
N SER A 77 -7.27 -17.75 37.11
CA SER A 77 -6.22 -18.48 37.84
C SER A 77 -6.59 -19.94 38.04
N LYS A 78 -7.87 -20.29 37.92
CA LYS A 78 -8.32 -21.67 38.03
C LYS A 78 -8.85 -22.23 36.72
N ASN A 79 -8.77 -21.48 35.63
CA ASN A 79 -9.32 -21.91 34.34
C ASN A 79 -10.77 -22.37 34.50
N THR A 80 -11.55 -21.64 35.29
CA THR A 80 -12.91 -22.05 35.61
C THR A 80 -13.90 -20.92 35.31
N LEU A 81 -15.02 -21.31 34.71
CA LEU A 81 -16.16 -20.44 34.44
C LEU A 81 -17.30 -20.85 35.36
N TYR A 82 -18.07 -19.88 35.85
CA TYR A 82 -19.17 -20.15 36.77
C TYR A 82 -20.49 -19.63 36.24
N LEU A 83 -21.57 -20.31 36.65
CA LEU A 83 -22.93 -19.80 36.50
C LEU A 83 -23.61 -19.88 37.85
N GLN A 84 -23.79 -18.74 38.49
CA GLN A 84 -24.53 -18.65 39.74
C GLN A 84 -26.00 -18.43 39.39
N MET A 85 -26.84 -19.42 39.71
CA MET A 85 -28.25 -19.40 39.36
C MET A 85 -29.05 -19.06 40.61
N ASN A 86 -29.68 -17.88 40.60
CA ASN A 86 -30.54 -17.45 41.69
C ASN A 86 -31.97 -17.30 41.21
N SER A 87 -32.90 -17.26 42.16
CA SER A 87 -34.33 -17.07 41.86
C SER A 87 -34.80 -18.07 40.81
N LEU A 88 -34.46 -19.34 41.02
CA LEU A 88 -34.70 -20.37 40.03
C LEU A 88 -36.18 -20.55 39.76
N LYS A 89 -36.50 -20.92 38.52
CA LYS A 89 -37.86 -21.16 38.07
C LYS A 89 -37.94 -22.55 37.46
N THR A 90 -39.14 -23.13 37.46
CA THR A 90 -39.33 -24.45 36.87
C THR A 90 -38.86 -24.48 35.42
N GLU A 91 -39.04 -23.37 34.69
CA GLU A 91 -38.66 -23.31 33.29
C GLU A 91 -37.15 -23.31 33.08
N ASP A 92 -36.35 -23.21 34.15
CA ASP A 92 -34.91 -23.28 34.03
C ASP A 92 -34.38 -24.71 33.96
N THR A 93 -35.23 -25.71 34.14
CA THR A 93 -34.81 -27.11 34.01
C THR A 93 -34.23 -27.35 32.63
N ALA A 94 -33.00 -27.85 32.59
CA ALA A 94 -32.29 -28.01 31.33
C ALA A 94 -30.90 -28.60 31.60
N VAL A 95 -30.29 -29.11 30.55
CA VAL A 95 -28.85 -29.35 30.53
C VAL A 95 -28.16 -28.02 30.23
N TYR A 96 -27.14 -27.69 31.03
CA TYR A 96 -26.40 -26.45 30.86
C TYR A 96 -25.02 -26.76 30.30
N TYR A 97 -24.70 -26.14 29.17
CA TYR A 97 -23.42 -26.30 28.48
C TYR A 97 -22.54 -25.07 28.65
N CYS A 98 -21.26 -25.33 28.84
CA CYS A 98 -20.19 -24.34 28.74
C CYS A 98 -19.60 -24.37 27.33
N ALA A 99 -19.32 -23.20 26.77
CA ALA A 99 -18.81 -23.13 25.41
C ALA A 99 -17.73 -22.08 25.26
N ARG A 100 -16.58 -22.49 24.74
CA ARG A 100 -15.57 -21.52 24.33
C ARG A 100 -16.07 -20.76 23.11
N THR A 101 -15.99 -19.44 23.16
CA THR A 101 -16.69 -18.59 22.22
C THR A 101 -15.67 -17.79 21.40
N GLY A 102 -15.70 -17.99 20.07
CA GLY A 102 -14.90 -17.20 19.17
C GLY A 102 -15.63 -15.96 18.69
N LYS A 103 -14.89 -15.01 18.14
CA LYS A 103 -15.44 -13.71 17.80
C LYS A 103 -14.79 -13.19 16.53
N TYR A 104 -15.61 -12.57 15.69
CA TYR A 104 -15.14 -11.82 14.52
C TYR A 104 -16.33 -11.44 13.64
N PRO A 113 -19.33 -4.54 12.71
CA PRO A 113 -19.61 -5.41 13.85
C PRO A 113 -19.20 -6.86 13.58
N GLY A 114 -19.74 -7.80 14.34
CA GLY A 114 -19.43 -9.21 14.15
C GLY A 114 -20.09 -10.10 15.17
N GLU A 115 -20.47 -11.31 14.76
CA GLU A 115 -21.18 -12.22 15.64
C GLU A 115 -20.19 -13.13 16.38
N GLU A 116 -20.73 -13.85 17.36
CA GLU A 116 -19.96 -14.80 18.14
C GLU A 116 -20.36 -16.22 17.73
N TYR A 117 -19.43 -17.15 17.89
CA TYR A 117 -19.69 -18.54 17.55
C TYR A 117 -19.07 -19.42 18.62
N PHE A 118 -19.59 -20.64 18.73
CA PHE A 118 -19.32 -21.52 19.86
C PHE A 118 -18.39 -22.63 19.40
N GLN A 119 -17.09 -22.41 19.66
CA GLN A 119 -16.01 -23.21 19.08
C GLN A 119 -15.94 -24.60 19.69
N ASP A 120 -16.13 -24.70 21.00
CA ASP A 120 -16.00 -25.96 21.72
C ASP A 120 -17.06 -25.99 22.80
N TRP A 121 -17.65 -27.17 23.00
CA TRP A 121 -18.73 -27.37 23.96
C TRP A 121 -18.34 -28.46 24.95
N GLY A 122 -18.77 -28.30 26.19
CA GLY A 122 -18.60 -29.33 27.18
C GLY A 122 -19.64 -30.42 27.04
N ARG A 123 -19.63 -31.33 28.03
CA ARG A 123 -20.58 -32.43 28.09
C ARG A 123 -21.96 -31.99 28.58
N GLY A 124 -22.00 -31.01 29.46
CA GLY A 124 -23.24 -30.54 30.04
C GLY A 124 -23.46 -31.08 31.46
N THR A 125 -24.24 -30.32 32.22
CA THR A 125 -24.71 -30.76 33.54
C THR A 125 -26.19 -30.43 33.65
N LEU A 126 -26.95 -31.36 34.25
CA LEU A 126 -28.40 -31.25 34.30
C LEU A 126 -28.87 -30.54 35.56
N VAL A 127 -29.71 -29.52 35.38
CA VAL A 127 -30.38 -28.81 36.47
C VAL A 127 -31.87 -29.12 36.38
N THR A 128 -32.44 -29.65 37.46
CA THR A 128 -33.87 -29.89 37.57
C THR A 128 -34.44 -28.98 38.65
N VAL A 129 -35.47 -28.22 38.30
CA VAL A 129 -36.11 -27.29 39.24
C VAL A 129 -37.52 -27.75 39.51
N SER A 130 -37.79 -28.11 40.77
CA SER A 130 -39.13 -28.53 41.17
C SER A 130 -39.24 -28.37 42.68
N SER A 131 -40.42 -27.99 43.15
CA SER A 131 -40.70 -27.88 44.57
C SER A 131 -41.13 -29.21 45.18
N ALA A 132 -41.26 -30.26 44.37
CA ALA A 132 -41.84 -31.50 44.82
C ALA A 132 -40.86 -32.33 45.63
N SER A 133 -41.42 -33.21 46.46
CA SER A 133 -40.69 -34.30 47.09
C SER A 133 -41.35 -35.61 46.64
N THR A 134 -40.88 -36.72 47.20
CA THR A 134 -41.33 -38.04 46.75
C THR A 134 -42.84 -38.12 46.74
N LYS A 135 -43.38 -38.54 45.60
CA LYS A 135 -44.83 -38.63 45.38
C LYS A 135 -45.08 -39.80 44.43
N GLY A 136 -45.92 -40.73 44.87
CA GLY A 136 -46.23 -41.90 44.07
C GLY A 136 -47.19 -41.58 42.93
N PRO A 137 -47.25 -42.45 41.93
CA PRO A 137 -48.05 -42.18 40.75
C PRO A 137 -49.52 -42.55 40.92
N SER A 138 -50.36 -41.87 40.16
CA SER A 138 -51.75 -42.26 39.96
C SER A 138 -51.86 -42.84 38.56
N VAL A 139 -52.46 -44.03 38.45
CA VAL A 139 -52.47 -44.78 37.20
C VAL A 139 -53.91 -44.88 36.72
N PHE A 140 -54.12 -44.51 35.45
CA PHE A 140 -55.44 -44.51 34.85
C PHE A 140 -55.41 -45.32 33.57
N PRO A 141 -56.49 -46.02 33.23
CA PRO A 141 -56.50 -46.83 32.02
C PRO A 141 -56.71 -45.97 30.78
N LEU A 142 -56.07 -46.40 29.70
CA LEU A 142 -56.34 -45.88 28.36
C LEU A 142 -57.01 -47.02 27.60
N ALA A 143 -58.34 -47.05 27.65
CA ALA A 143 -59.12 -48.21 27.27
C ALA A 143 -59.38 -48.23 25.77
N PRO A 144 -59.38 -49.41 25.14
CA PRO A 144 -59.74 -49.50 23.73
C PRO A 144 -61.26 -49.51 23.53
N SER A 145 -61.67 -49.33 22.29
CA SER A 145 -63.07 -49.41 21.91
C SER A 145 -63.16 -49.29 20.39
N SER A 146 -64.37 -49.14 19.89
CA SER A 146 -64.60 -48.98 18.45
C SER A 146 -63.94 -47.70 17.95
N SER A 150 -58.15 -50.01 15.27
CA SER A 150 -57.61 -49.79 13.93
C SER A 150 -57.56 -51.09 13.13
N GLY A 151 -58.69 -51.46 12.53
CA GLY A 151 -58.77 -52.67 11.75
C GLY A 151 -58.65 -53.93 12.59
N GLY A 152 -57.62 -54.73 12.31
CA GLY A 152 -57.40 -55.94 13.07
C GLY A 152 -56.77 -55.73 14.43
N THR A 153 -56.28 -54.52 14.70
CA THR A 153 -55.53 -54.23 15.92
C THR A 153 -56.24 -53.17 16.74
N ALA A 154 -55.90 -53.14 18.03
CA ALA A 154 -56.39 -52.12 18.94
C ALA A 154 -55.25 -51.68 19.84
N ALA A 155 -55.23 -50.39 20.17
CA ALA A 155 -54.25 -49.84 21.10
C ALA A 155 -54.90 -49.64 22.46
N LEU A 156 -54.19 -50.05 23.51
CA LEU A 156 -54.60 -49.80 24.88
C LEU A 156 -53.35 -49.42 25.67
N GLY A 157 -53.56 -48.78 26.81
CA GLY A 157 -52.41 -48.31 27.55
C GLY A 157 -52.75 -47.89 28.96
N CYS A 158 -51.77 -47.26 29.60
CA CYS A 158 -51.89 -46.78 30.97
C CYS A 158 -51.26 -45.40 31.06
N LEU A 159 -51.98 -44.48 31.70
CA LEU A 159 -51.51 -43.13 31.95
C LEU A 159 -51.01 -43.04 33.39
N VAL A 160 -49.75 -42.65 33.56
CA VAL A 160 -49.09 -42.60 34.85
C VAL A 160 -48.86 -41.14 35.20
N LYS A 161 -49.63 -40.62 36.17
CA LYS A 161 -49.72 -39.18 36.40
C LYS A 161 -49.07 -38.76 37.71
N ASP A 162 -48.36 -37.63 37.64
CA ASP A 162 -48.02 -36.79 38.80
C ASP A 162 -47.21 -37.56 39.85
N TYR A 163 -46.04 -38.02 39.44
CA TYR A 163 -45.12 -38.69 40.34
C TYR A 163 -43.81 -37.92 40.41
N PHE A 164 -43.02 -38.22 41.44
CA PHE A 164 -41.74 -37.57 41.66
C PHE A 164 -40.91 -38.37 42.66
N PRO A 165 -39.60 -38.50 42.42
CA PRO A 165 -38.84 -38.11 41.23
C PRO A 165 -38.92 -39.18 40.15
N GLU A 166 -38.20 -39.00 39.04
CA GLU A 166 -38.02 -40.08 38.09
C GLU A 166 -37.18 -41.17 38.76
N PRO A 167 -37.24 -42.41 38.25
CA PRO A 167 -38.03 -42.90 37.12
C PRO A 167 -39.23 -43.74 37.52
N VAL A 168 -40.14 -43.90 36.57
CA VAL A 168 -41.15 -44.94 36.59
C VAL A 168 -40.77 -45.95 35.51
N THR A 169 -40.91 -47.23 35.82
CA THR A 169 -40.81 -48.26 34.80
C THR A 169 -42.17 -48.94 34.64
N VAL A 170 -42.44 -49.39 33.42
CA VAL A 170 -43.71 -50.03 33.10
C VAL A 170 -43.42 -51.33 32.35
N SER A 171 -44.11 -52.39 32.73
CA SER A 171 -44.14 -53.63 31.98
C SER A 171 -45.58 -54.01 31.77
N TRP A 172 -45.81 -54.99 30.90
CA TRP A 172 -47.15 -55.50 30.62
C TRP A 172 -47.16 -57.00 30.88
N ASN A 173 -48.16 -57.43 31.64
CA ASN A 173 -48.32 -58.84 32.00
C ASN A 173 -47.04 -59.41 32.62
N SER A 174 -46.45 -58.62 33.52
CA SER A 174 -45.26 -59.00 34.28
C SER A 174 -44.09 -59.37 33.37
N GLY A 175 -44.01 -58.73 32.21
CA GLY A 175 -42.93 -58.96 31.28
C GLY A 175 -43.21 -59.99 30.20
N ALA A 176 -44.33 -60.70 30.30
CA ALA A 176 -44.67 -61.69 29.28
C ALA A 176 -45.08 -61.05 27.97
N LEU A 177 -45.50 -59.79 28.00
CA LEU A 177 -45.94 -59.07 26.81
C LEU A 177 -44.93 -57.99 26.49
N THR A 178 -44.26 -58.12 25.34
CA THR A 178 -43.29 -57.13 24.90
C THR A 178 -43.53 -56.66 23.48
N SER A 179 -43.98 -57.54 22.59
CA SER A 179 -44.28 -57.16 21.22
C SER A 179 -45.35 -56.07 21.18
N GLY A 180 -45.05 -54.97 20.50
CA GLY A 180 -45.99 -53.88 20.36
C GLY A 180 -46.07 -52.93 21.53
N VAL A 181 -45.23 -53.11 22.54
CA VAL A 181 -45.23 -52.25 23.72
C VAL A 181 -44.31 -51.07 23.48
N HIS A 182 -44.77 -49.89 23.89
CA HIS A 182 -43.91 -48.72 23.92
C HIS A 182 -44.26 -47.88 25.14
N THR A 183 -43.25 -47.56 25.94
CA THR A 183 -43.40 -46.66 27.08
C THR A 183 -42.70 -45.35 26.74
N PHE A 184 -43.44 -44.26 26.83
CA PHE A 184 -42.95 -42.97 26.34
C PHE A 184 -42.09 -42.27 27.39
N PRO A 185 -41.26 -41.33 26.95
CA PRO A 185 -40.55 -40.48 27.92
C PRO A 185 -41.53 -39.69 28.77
N ALA A 186 -41.08 -39.35 29.98
CA ALA A 186 -41.90 -38.57 30.89
C ALA A 186 -41.90 -37.09 30.50
N VAL A 187 -42.94 -36.39 30.92
CA VAL A 187 -43.05 -34.95 30.78
C VAL A 187 -43.01 -34.33 32.18
N LEU A 188 -42.15 -33.33 32.35
CA LEU A 188 -42.13 -32.55 33.58
C LEU A 188 -43.11 -31.39 33.41
N GLN A 189 -44.12 -31.37 34.25
CA GLN A 189 -45.17 -30.35 34.15
C GLN A 189 -44.78 -29.11 34.95
N SER A 190 -45.49 -28.01 34.66
CA SER A 190 -45.27 -26.77 35.41
C SER A 190 -45.42 -26.98 36.91
N SER A 191 -46.18 -28.00 37.32
CA SER A 191 -46.33 -28.33 38.73
C SER A 191 -45.06 -28.91 39.34
N GLY A 192 -44.07 -29.24 38.52
CA GLY A 192 -42.88 -29.91 39.03
C GLY A 192 -43.03 -31.41 39.21
N LEU A 193 -44.10 -31.99 38.70
CA LEU A 193 -44.36 -33.42 38.77
C LEU A 193 -44.25 -34.03 37.38
N TYR A 194 -43.98 -35.33 37.33
CA TYR A 194 -43.82 -36.05 36.07
C TYR A 194 -45.06 -36.86 35.74
N SER A 195 -45.26 -37.07 34.43
CA SER A 195 -46.27 -38.00 33.94
C SER A 195 -45.73 -38.68 32.69
N LEU A 196 -46.19 -39.90 32.45
CA LEU A 196 -45.87 -40.61 31.21
C LEU A 196 -47.03 -41.53 30.86
N SER A 197 -46.94 -42.13 29.67
CA SER A 197 -47.89 -43.14 29.22
C SER A 197 -47.15 -44.36 28.70
N SER A 198 -47.84 -45.49 28.74
CA SER A 198 -47.36 -46.73 28.13
C SER A 198 -48.51 -47.33 27.33
N VAL A 199 -48.20 -47.82 26.13
CA VAL A 199 -49.20 -48.31 25.21
C VAL A 199 -48.75 -49.65 24.66
N VAL A 200 -49.72 -50.47 24.27
CA VAL A 200 -49.45 -51.72 23.56
C VAL A 200 -50.50 -51.86 22.47
N THR A 201 -50.06 -52.35 21.31
CA THR A 201 -50.96 -52.67 20.21
C THR A 201 -51.14 -54.18 20.13
N VAL A 202 -52.39 -54.62 20.12
CA VAL A 202 -52.71 -56.04 20.17
C VAL A 202 -53.80 -56.35 19.16
N PRO A 203 -53.97 -57.61 18.80
CA PRO A 203 -55.08 -57.98 17.90
C PRO A 203 -56.41 -57.73 18.59
N SER A 204 -57.34 -57.11 17.87
CA SER A 204 -58.66 -56.85 18.44
C SER A 204 -59.31 -58.12 18.95
N SER A 205 -59.06 -59.26 18.30
CA SER A 205 -59.70 -60.50 18.70
C SER A 205 -59.18 -61.02 20.04
N SER A 206 -58.02 -60.55 20.50
CA SER A 206 -57.50 -61.01 21.78
C SER A 206 -58.16 -60.34 22.97
N LEU A 207 -58.90 -59.25 22.75
CA LEU A 207 -59.42 -58.47 23.86
C LEU A 207 -60.44 -59.24 24.68
N GLY A 208 -61.06 -60.26 24.12
CA GLY A 208 -61.91 -61.17 24.86
C GLY A 208 -61.26 -62.48 25.24
N THR A 209 -60.02 -62.72 24.80
CA THR A 209 -59.27 -63.91 25.15
C THR A 209 -58.15 -63.66 26.15
N GLN A 210 -57.47 -62.52 26.05
CA GLN A 210 -56.28 -62.24 26.85
C GLN A 210 -56.52 -61.06 27.77
N THR A 211 -55.98 -61.16 28.98
CA THR A 211 -56.00 -60.07 29.95
C THR A 211 -54.74 -59.23 29.79
N TYR A 212 -54.89 -57.92 29.91
CA TYR A 212 -53.78 -56.99 29.73
C TYR A 212 -53.65 -56.13 30.97
N ILE A 213 -52.52 -56.27 31.66
CA ILE A 213 -52.24 -55.58 32.91
C ILE A 213 -50.95 -54.81 32.74
N CYS A 214 -50.97 -53.52 33.03
CA CYS A 214 -49.74 -52.74 33.08
C CYS A 214 -49.23 -52.73 34.51
N ASN A 215 -47.94 -52.99 34.66
CA ASN A 215 -47.27 -53.03 35.95
C ASN A 215 -46.41 -51.79 36.05
N VAL A 216 -46.77 -50.88 36.94
CA VAL A 216 -46.09 -49.60 37.09
C VAL A 216 -45.27 -49.63 38.36
N ASN A 217 -43.96 -49.43 38.25
CA ASN A 217 -43.05 -49.46 39.38
CA ASN A 217 -43.05 -49.46 39.38
C ASN A 217 -42.49 -48.06 39.60
N HIS A 218 -42.57 -47.57 40.84
CA HIS A 218 -41.97 -46.30 41.23
C HIS A 218 -41.15 -46.58 42.49
N LYS A 219 -39.91 -47.01 42.29
CA LYS A 219 -39.06 -47.37 43.41
C LYS A 219 -38.88 -46.24 44.42
N PRO A 220 -38.73 -44.98 44.01
CA PRO A 220 -38.53 -43.92 45.01
C PRO A 220 -39.62 -43.85 46.07
N SER A 221 -40.87 -44.13 45.71
CA SER A 221 -41.96 -44.10 46.68
C SER A 221 -42.38 -45.49 47.16
N ASN A 222 -41.58 -46.52 46.85
CA ASN A 222 -41.87 -47.88 47.29
C ASN A 222 -43.24 -48.35 46.81
N THR A 223 -43.60 -47.98 45.58
CA THR A 223 -44.93 -48.23 45.04
C THR A 223 -44.87 -49.12 43.80
N LYS A 224 -45.79 -50.07 43.73
CA LYS A 224 -46.06 -50.84 42.51
C LYS A 224 -47.56 -50.86 42.29
N VAL A 225 -48.00 -50.53 41.08
CA VAL A 225 -49.42 -50.49 40.73
C VAL A 225 -49.63 -51.42 39.53
N ASP A 226 -50.57 -52.35 39.69
CA ASP A 226 -51.07 -53.15 38.57
C ASP A 226 -52.45 -52.62 38.17
N LYS A 227 -52.65 -52.38 36.89
CA LYS A 227 -53.91 -51.87 36.36
C LYS A 227 -54.32 -52.78 35.21
N ARG A 228 -55.44 -53.48 35.37
CA ARG A 228 -56.01 -54.27 34.28
C ARG A 228 -56.81 -53.35 33.38
N VAL A 229 -56.45 -53.31 32.10
CA VAL A 229 -57.07 -52.42 31.13
C VAL A 229 -58.03 -53.22 30.29
N GLU A 230 -59.30 -52.82 30.30
CA GLU A 230 -60.36 -53.51 29.58
C GLU A 230 -61.09 -52.53 28.69
N PRO A 231 -61.75 -53.03 27.63
CA PRO A 231 -62.49 -52.12 26.75
C PRO A 231 -63.62 -51.43 27.50
N LYS A 232 -64.00 -50.26 26.99
CA LYS A 232 -65.10 -49.49 27.58
C LYS A 232 -66.40 -50.28 27.52
N SER B 1 -38.51 -16.14 18.67
CA SER B 1 -37.48 -16.80 17.88
C SER B 1 -37.08 -15.94 16.69
N GLU B 2 -36.05 -15.10 16.87
CA GLU B 2 -35.63 -14.23 15.77
C GLU B 2 -35.11 -15.05 14.58
N LEU B 3 -34.59 -16.24 14.83
CA LEU B 3 -34.09 -17.12 13.78
C LEU B 3 -35.02 -18.32 13.64
N THR B 4 -35.46 -18.61 12.42
CA THR B 4 -36.42 -19.67 12.15
C THR B 4 -35.79 -20.71 11.21
N GLN B 5 -36.01 -21.99 11.54
CA GLN B 5 -35.61 -23.11 10.70
C GLN B 5 -36.79 -24.04 10.50
N ASP B 6 -36.75 -24.80 9.41
CA ASP B 6 -37.73 -25.86 9.24
C ASP B 6 -37.47 -26.96 10.26
N PRO B 7 -38.52 -27.59 10.81
CA PRO B 7 -38.29 -28.58 11.88
C PRO B 7 -37.56 -29.83 11.42
N ALA B 8 -37.67 -30.23 10.16
CA ALA B 8 -37.15 -31.52 9.75
C ALA B 8 -36.95 -31.58 8.24
N VAL B 9 -35.88 -32.27 7.84
CA VAL B 9 -35.62 -32.59 6.44
C VAL B 9 -34.99 -33.98 6.41
N SER B 10 -35.13 -34.66 5.27
CA SER B 10 -34.46 -35.94 5.08
C SER B 10 -33.71 -35.97 3.77
N VAL B 11 -32.75 -36.88 3.68
CA VAL B 11 -31.85 -37.01 2.54
C VAL B 11 -31.47 -38.48 2.39
N ALA B 12 -31.37 -38.92 1.14
CA ALA B 12 -30.88 -40.26 0.85
C ALA B 12 -29.36 -40.29 0.89
N LEU B 13 -28.81 -41.47 1.16
CA LEU B 13 -27.35 -41.63 1.17
C LEU B 13 -26.77 -41.13 -0.14
N GLY B 14 -25.70 -40.33 -0.05
CA GLY B 14 -25.00 -39.84 -1.21
C GLY B 14 -25.61 -38.63 -1.88
N GLN B 15 -26.78 -38.19 -1.47
CA GLN B 15 -27.43 -37.04 -2.10
C GLN B 15 -27.12 -35.76 -1.33
N THR B 16 -27.56 -34.64 -1.91
CA THR B 16 -27.29 -33.33 -1.35
C THR B 16 -28.55 -32.78 -0.68
N VAL B 17 -28.35 -32.09 0.45
CA VAL B 17 -29.45 -31.54 1.21
C VAL B 17 -29.05 -30.17 1.71
N ARG B 18 -30.03 -29.27 1.80
CA ARG B 18 -29.82 -27.91 2.24
C ARG B 18 -30.76 -27.59 3.39
N ILE B 19 -30.21 -27.03 4.47
CA ILE B 19 -30.95 -26.60 5.66
C ILE B 19 -30.84 -25.09 5.73
N THR B 20 -31.98 -24.41 5.86
CA THR B 20 -32.02 -22.96 5.77
C THR B 20 -32.48 -22.33 7.09
N CYS B 21 -31.84 -21.22 7.42
CA CYS B 21 -32.12 -20.39 8.59
C CYS B 21 -32.54 -19.02 8.08
N GLN B 22 -33.54 -18.42 8.72
CA GLN B 22 -34.07 -17.13 8.26
C GLN B 22 -34.28 -16.20 9.44
N GLY B 23 -33.91 -14.92 9.26
CA GLY B 23 -34.09 -13.90 10.27
C GLY B 23 -33.47 -12.58 9.86
N ASP B 24 -34.00 -11.47 10.38
CA ASP B 24 -33.54 -10.15 9.95
C ASP B 24 -32.06 -9.93 10.25
N SER B 25 -31.56 -10.49 11.36
CA SER B 25 -30.16 -10.28 11.72
C SER B 25 -29.20 -10.91 10.73
N LEU B 26 -29.67 -11.90 9.96
CA LEU B 26 -28.80 -12.53 8.96
C LEU B 26 -28.48 -11.59 7.80
N ARG B 27 -29.18 -10.46 7.68
CA ARG B 27 -28.80 -9.45 6.72
C ARG B 27 -27.49 -8.77 7.10
N SER B 28 -27.12 -8.78 8.38
CA SER B 28 -25.91 -8.14 8.87
C SER B 28 -24.80 -9.11 9.20
N TYR B 29 -25.13 -10.33 9.63
CA TYR B 29 -24.16 -11.25 10.20
C TYR B 29 -24.23 -12.59 9.51
N TYR B 30 -23.09 -13.28 9.50
CA TYR B 30 -23.10 -14.68 9.14
C TYR B 30 -23.76 -15.49 10.25
N ALA B 31 -24.27 -16.64 9.87
CA ALA B 31 -24.76 -17.61 10.83
C ALA B 31 -23.70 -18.70 10.99
N SER B 32 -23.52 -19.15 12.23
CA SER B 32 -22.76 -20.36 12.47
C SER B 32 -23.72 -21.52 12.61
N TRP B 33 -23.20 -22.73 12.39
CA TRP B 33 -24.00 -23.94 12.33
C TRP B 33 -23.42 -25.01 13.25
N TYR B 34 -24.32 -25.73 13.92
CA TYR B 34 -23.96 -26.72 14.93
C TYR B 34 -24.67 -28.04 14.65
N GLN B 35 -23.95 -29.12 14.86
CA GLN B 35 -24.45 -30.49 14.71
C GLN B 35 -24.59 -31.11 16.09
N GLN B 36 -25.74 -31.73 16.36
CA GLN B 36 -25.94 -32.40 17.64
C GLN B 36 -26.60 -33.76 17.40
N LYS B 37 -25.90 -34.82 17.78
CA LYS B 37 -26.47 -36.17 17.72
C LYS B 37 -27.12 -36.54 19.04
N PRO B 38 -28.03 -37.51 19.03
CA PRO B 38 -28.77 -37.85 20.25
C PRO B 38 -27.82 -38.21 21.39
N GLY B 39 -28.06 -37.61 22.55
CA GLY B 39 -27.26 -37.87 23.73
C GLY B 39 -25.87 -37.30 23.72
N GLN B 40 -25.55 -36.43 22.77
CA GLN B 40 -24.23 -35.81 22.69
C GLN B 40 -24.37 -34.29 22.75
N ALA B 41 -23.26 -33.64 23.06
CA ALA B 41 -23.19 -32.19 23.01
C ALA B 41 -23.03 -31.71 21.56
N PRO B 42 -23.35 -30.45 21.29
CA PRO B 42 -23.19 -29.93 19.92
C PRO B 42 -21.72 -29.79 19.55
N VAL B 43 -21.49 -29.73 18.23
CA VAL B 43 -20.18 -29.46 17.66
C VAL B 43 -20.33 -28.40 16.58
N LEU B 44 -19.35 -27.50 16.49
CA LEU B 44 -19.35 -26.47 15.47
C LEU B 44 -19.02 -27.06 14.11
N VAL B 45 -19.82 -26.75 13.09
CA VAL B 45 -19.63 -27.24 11.74
C VAL B 45 -19.20 -26.12 10.77
N ILE B 46 -19.82 -24.94 10.86
CA ILE B 46 -19.51 -23.82 9.98
C ILE B 46 -19.51 -22.55 10.82
N TYR B 47 -18.54 -21.67 10.58
CA TYR B 47 -18.53 -20.35 11.20
C TYR B 47 -18.01 -19.33 10.19
N GLY B 48 -18.18 -18.05 10.54
CA GLY B 48 -17.88 -17.01 9.58
C GLY B 48 -18.78 -17.26 8.38
N LYS B 49 -18.22 -17.23 7.19
CA LYS B 49 -18.90 -17.86 6.06
C LYS B 49 -18.00 -18.95 5.51
N ASN B 50 -18.47 -20.18 5.66
CA ASN B 50 -17.89 -21.33 5.02
C ASN B 50 -16.49 -21.63 5.53
N ASN B 51 -16.23 -21.26 6.78
CA ASN B 51 -15.07 -21.78 7.49
C ASN B 51 -15.47 -23.09 8.17
N ARG B 52 -14.81 -24.17 7.80
CA ARG B 52 -15.03 -25.47 8.43
C ARG B 52 -13.91 -25.72 9.41
N PRO B 53 -14.18 -25.93 10.70
CA PRO B 53 -13.10 -26.26 11.64
C PRO B 53 -12.39 -27.55 11.23
N SER B 54 -11.21 -27.76 11.81
CA SER B 54 -10.51 -29.02 11.62
C SER B 54 -11.38 -30.17 12.12
N GLY B 55 -11.41 -31.25 11.34
CA GLY B 55 -12.24 -32.38 11.66
C GLY B 55 -13.62 -32.35 11.03
N ILE B 56 -14.01 -31.22 10.46
CA ILE B 56 -15.28 -31.10 9.73
C ILE B 56 -14.97 -31.29 8.25
N PRO B 57 -15.54 -32.30 7.59
CA PRO B 57 -15.18 -32.56 6.19
C PRO B 57 -15.71 -31.49 5.25
N ASP B 58 -15.14 -31.49 4.05
CA ASP B 58 -15.45 -30.46 3.05
C ASP B 58 -16.90 -30.50 2.58
N ARG B 59 -17.59 -31.63 2.75
CA ARG B 59 -18.94 -31.76 2.21
C ARG B 59 -19.95 -30.89 2.93
N PHE B 60 -19.60 -30.33 4.09
CA PHE B 60 -20.39 -29.31 4.76
C PHE B 60 -19.97 -27.94 4.24
N SER B 61 -20.92 -27.13 3.81
CA SER B 61 -20.62 -25.80 3.31
C SER B 61 -21.73 -24.83 3.70
N GLY B 62 -21.34 -23.57 3.92
CA GLY B 62 -22.27 -22.52 4.28
C GLY B 62 -22.43 -21.51 3.17
N SER B 63 -23.62 -20.92 3.08
CA SER B 63 -23.90 -19.87 2.12
C SER B 63 -24.98 -18.96 2.72
N SER B 64 -25.18 -17.81 2.09
CA SER B 64 -26.16 -16.85 2.61
C SER B 64 -26.72 -16.04 1.46
N SER B 65 -27.96 -15.61 1.62
CA SER B 65 -28.65 -14.80 0.61
C SER B 65 -29.72 -13.99 1.32
N GLY B 66 -29.60 -12.67 1.26
CA GLY B 66 -30.57 -11.81 1.91
C GLY B 66 -30.63 -12.07 3.40
N ASN B 67 -31.83 -12.34 3.89
CA ASN B 67 -32.04 -12.65 5.31
C ASN B 67 -32.05 -14.15 5.59
N THR B 68 -31.44 -14.95 4.73
CA THR B 68 -31.35 -16.38 4.95
C THR B 68 -29.90 -16.85 4.96
N ALA B 69 -29.66 -17.91 5.70
CA ALA B 69 -28.38 -18.63 5.72
C ALA B 69 -28.66 -20.10 5.53
N SER B 70 -27.77 -20.79 4.83
CA SER B 70 -27.99 -22.19 4.48
C SER B 70 -26.76 -23.03 4.77
N LEU B 71 -27.01 -24.23 5.29
CA LEU B 71 -26.01 -25.27 5.44
C LEU B 71 -26.29 -26.33 4.39
N THR B 72 -25.30 -26.64 3.56
CA THR B 72 -25.44 -27.64 2.51
C THR B 72 -24.51 -28.81 2.83
N ILE B 73 -25.07 -30.02 2.78
CA ILE B 73 -24.30 -31.26 2.90
C ILE B 73 -24.38 -31.96 1.55
N THR B 74 -23.23 -32.12 0.90
CA THR B 74 -23.16 -32.83 -0.37
C THR B 74 -22.67 -34.25 -0.10
N GLY B 75 -23.34 -35.23 -0.69
CA GLY B 75 -22.96 -36.61 -0.47
C GLY B 75 -23.18 -37.02 0.98
N ALA B 76 -24.45 -36.96 1.41
CA ALA B 76 -24.79 -37.26 2.79
C ALA B 76 -24.30 -38.66 3.18
N GLN B 77 -23.77 -38.76 4.39
CA GLN B 77 -23.34 -40.02 4.98
C GLN B 77 -24.16 -40.28 6.23
N ALA B 78 -24.25 -41.55 6.62
CA ALA B 78 -25.04 -41.93 7.79
C ALA B 78 -24.63 -41.14 9.03
N GLU B 79 -23.35 -40.83 9.17
CA GLU B 79 -22.87 -40.10 10.35
C GLU B 79 -23.33 -38.65 10.36
N ASP B 80 -23.96 -38.16 9.29
CA ASP B 80 -24.45 -36.80 9.25
C ASP B 80 -25.85 -36.65 9.83
N GLU B 81 -26.52 -37.77 10.16
CA GLU B 81 -27.82 -37.68 10.80
C GLU B 81 -27.68 -37.05 12.18
N ALA B 82 -28.41 -35.96 12.39
CA ALA B 82 -28.27 -35.17 13.60
C ALA B 82 -29.28 -34.04 13.55
N ASP B 83 -29.38 -33.32 14.66
CA ASP B 83 -30.08 -32.03 14.70
C ASP B 83 -29.07 -30.94 14.37
N TYR B 84 -29.50 -29.98 13.55
CA TYR B 84 -28.64 -28.87 13.14
C TYR B 84 -29.27 -27.56 13.57
N TYR B 85 -28.47 -26.72 14.21
CA TYR B 85 -28.89 -25.41 14.69
C TYR B 85 -28.06 -24.32 14.05
N CYS B 86 -28.72 -23.23 13.67
CA CYS B 86 -28.04 -21.99 13.30
C CYS B 86 -28.00 -21.05 14.50
N SER B 87 -27.00 -20.17 14.50
CA SER B 87 -26.87 -19.16 15.53
C SER B 87 -26.35 -17.87 14.90
N SER B 88 -26.79 -16.75 15.45
CA SER B 88 -26.28 -15.44 15.07
C SER B 88 -26.76 -14.46 16.15
N ARG B 89 -26.57 -13.16 15.89
CA ARG B 89 -27.13 -12.17 16.79
C ARG B 89 -28.65 -12.10 16.62
N ASP B 90 -29.32 -11.61 17.65
CA ASP B 90 -30.77 -11.44 17.55
C ASP B 90 -31.15 -10.24 16.69
N LYS B 91 -30.31 -9.21 16.65
CA LYS B 91 -30.54 -8.07 15.77
C LYS B 91 -29.22 -7.34 15.56
N SER B 92 -29.23 -6.42 14.60
CA SER B 92 -28.03 -5.66 14.28
C SER B 92 -27.63 -4.79 15.47
N GLY B 93 -26.32 -4.77 15.77
CA GLY B 93 -25.81 -3.99 16.87
C GLY B 93 -26.01 -4.60 18.24
N SER B 94 -26.62 -5.77 18.33
CA SER B 94 -26.87 -6.39 19.62
C SER B 94 -25.60 -7.04 20.16
N ARG B 95 -25.52 -7.14 21.47
CA ARG B 95 -24.47 -7.90 22.15
C ARG B 95 -24.94 -9.30 22.56
N LEU B 96 -26.11 -9.72 22.10
CA LEU B 96 -26.69 -11.00 22.47
C LEU B 96 -26.61 -11.97 21.30
N SER B 97 -26.77 -13.25 21.62
CA SER B 97 -26.79 -14.31 20.62
C SER B 97 -28.06 -15.13 20.78
N VAL B 98 -28.49 -15.74 19.68
CA VAL B 98 -29.68 -16.60 19.68
C VAL B 98 -29.45 -17.80 18.77
N PHE B 99 -30.27 -18.83 18.97
CA PHE B 99 -30.28 -20.02 18.13
C PHE B 99 -31.61 -20.12 17.38
N GLY B 100 -31.54 -20.68 16.18
CA GLY B 100 -32.75 -21.15 15.53
C GLY B 100 -33.32 -22.35 16.26
N GLY B 101 -34.53 -22.74 15.87
CA GLY B 101 -35.23 -23.82 16.55
C GLY B 101 -34.65 -25.19 16.30
N GLY B 102 -33.76 -25.34 15.34
CA GLY B 102 -33.18 -26.64 15.04
C GLY B 102 -33.92 -27.36 13.93
N THR B 103 -33.16 -28.13 13.17
CA THR B 103 -33.70 -28.96 12.09
C THR B 103 -33.21 -30.37 12.30
N LYS B 104 -34.13 -31.32 12.38
CA LYS B 104 -33.77 -32.74 12.45
C LYS B 104 -33.47 -33.22 11.04
N LEU B 105 -32.21 -33.61 10.78
CA LEU B 105 -31.82 -34.19 9.50
C LEU B 105 -31.78 -35.70 9.65
N THR B 106 -32.64 -36.38 8.91
CA THR B 106 -32.65 -37.84 8.82
C THR B 106 -31.91 -38.25 7.55
N VAL B 107 -30.95 -39.15 7.69
CA VAL B 107 -30.32 -39.81 6.56
C VAL B 107 -31.05 -41.14 6.39
N LEU B 108 -31.84 -41.23 5.32
CA LEU B 108 -32.83 -42.29 5.20
C LEU B 108 -32.18 -43.67 5.26
N SER B 109 -32.62 -44.46 6.25
CA SER B 109 -32.11 -45.80 6.45
C SER B 109 -33.23 -46.84 6.57
N GLN B 110 -34.49 -46.44 6.43
CA GLN B 110 -35.61 -47.36 6.36
C GLN B 110 -36.74 -46.66 5.61
N PRO B 111 -37.77 -47.40 5.20
CA PRO B 111 -38.86 -46.77 4.44
C PRO B 111 -39.54 -45.66 5.22
N LYS B 112 -40.02 -44.67 4.48
CA LYS B 112 -40.90 -43.67 5.07
C LYS B 112 -42.20 -44.35 5.50
N ALA B 113 -42.65 -44.05 6.71
CA ALA B 113 -43.78 -44.75 7.30
C ALA B 113 -44.70 -43.73 7.97
N ALA B 114 -45.98 -43.80 7.62
CA ALA B 114 -46.95 -42.86 8.15
C ALA B 114 -47.37 -43.26 9.56
N PRO B 115 -47.63 -42.28 10.43
CA PRO B 115 -47.94 -42.60 11.84
C PRO B 115 -49.32 -43.22 12.00
N SER B 116 -49.40 -44.17 12.93
CA SER B 116 -50.67 -44.58 13.49
C SER B 116 -51.00 -43.66 14.67
N VAL B 117 -52.24 -43.20 14.72
CA VAL B 117 -52.67 -42.23 15.72
C VAL B 117 -53.88 -42.77 16.47
N THR B 118 -53.83 -42.72 17.79
CA THR B 118 -54.95 -43.06 18.65
C THR B 118 -55.16 -41.94 19.65
N LEU B 119 -56.37 -41.40 19.70
CA LEU B 119 -56.72 -40.34 20.64
C LEU B 119 -57.62 -40.93 21.72
N PHE B 120 -57.15 -40.88 22.98
CA PHE B 120 -57.92 -41.38 24.11
C PHE B 120 -58.62 -40.22 24.80
N PRO B 121 -59.93 -40.28 25.01
CA PRO B 121 -60.58 -39.26 25.84
C PRO B 121 -60.20 -39.46 27.31
N PRO B 122 -60.50 -38.48 28.16
CA PRO B 122 -60.27 -38.68 29.60
C PRO B 122 -61.02 -39.92 30.09
N SER B 123 -60.33 -40.71 30.90
CA SER B 123 -60.98 -41.87 31.50
C SER B 123 -61.99 -41.40 32.54
N SER B 124 -63.04 -42.21 32.74
CA SER B 124 -64.00 -41.91 33.79
C SER B 124 -63.31 -41.85 35.15
N GLU B 125 -62.30 -42.69 35.36
CA GLU B 125 -61.61 -42.71 36.64
C GLU B 125 -60.84 -41.40 36.88
N GLU B 126 -60.24 -40.84 35.82
CA GLU B 126 -59.53 -39.59 36.01
C GLU B 126 -60.50 -38.45 36.30
N LEU B 127 -61.65 -38.43 35.63
CA LEU B 127 -62.66 -37.43 35.92
C LEU B 127 -63.10 -37.50 37.38
N GLN B 128 -63.12 -38.70 37.96
CA GLN B 128 -63.47 -38.83 39.37
C GLN B 128 -62.42 -38.20 40.27
N ALA B 129 -61.17 -38.15 39.81
CA ALA B 129 -60.11 -37.42 40.48
C ALA B 129 -60.10 -35.93 40.13
N ASN B 130 -61.14 -35.46 39.45
CA ASN B 130 -61.31 -34.05 39.11
C ASN B 130 -60.23 -33.56 38.14
N LYS B 131 -59.78 -34.44 37.25
CA LYS B 131 -58.85 -34.06 36.20
C LYS B 131 -59.33 -34.66 34.88
N ALA B 132 -58.81 -34.11 33.79
CA ALA B 132 -59.20 -34.56 32.45
C ALA B 132 -58.01 -34.39 31.53
N THR B 133 -57.51 -35.50 30.99
CA THR B 133 -56.37 -35.49 30.09
C THR B 133 -56.76 -36.21 28.81
N LEU B 134 -56.68 -35.49 27.69
CA LEU B 134 -56.70 -36.15 26.39
C LEU B 134 -55.29 -36.63 26.08
N VAL B 135 -55.18 -37.85 25.58
CA VAL B 135 -53.89 -38.49 25.32
C VAL B 135 -53.87 -38.88 23.85
N CYS B 136 -53.03 -38.21 23.08
CA CYS B 136 -52.83 -38.52 21.66
C CYS B 136 -51.52 -39.29 21.52
N LEU B 137 -51.61 -40.56 21.16
CA LEU B 137 -50.46 -41.42 21.02
C LEU B 137 -50.19 -41.68 19.54
N ILE B 138 -48.93 -41.55 19.16
CA ILE B 138 -48.49 -41.53 17.76
C ILE B 138 -47.35 -42.52 17.65
N SER B 139 -47.47 -43.48 16.73
CA SER B 139 -46.48 -44.56 16.70
C SER B 139 -46.20 -45.01 15.27
N ASP B 140 -45.06 -45.70 15.14
CA ASP B 140 -44.70 -46.42 13.93
C ASP B 140 -44.47 -45.49 12.74
N PHE B 141 -43.85 -44.34 12.98
CA PHE B 141 -43.56 -43.42 11.89
C PHE B 141 -42.07 -43.27 11.68
N TYR B 142 -41.73 -42.88 10.46
CA TYR B 142 -40.36 -42.61 10.05
C TYR B 142 -40.42 -41.74 8.80
N PRO B 143 -39.58 -40.68 8.71
CA PRO B 143 -38.63 -40.19 9.71
C PRO B 143 -39.26 -39.76 11.03
N GLY B 144 -38.46 -39.69 12.09
CA GLY B 144 -38.95 -39.38 13.41
C GLY B 144 -39.19 -37.91 13.66
N ALA B 145 -40.11 -37.32 12.90
CA ALA B 145 -40.44 -35.91 13.04
C ALA B 145 -41.92 -35.73 12.76
N VAL B 146 -42.63 -35.10 13.70
CA VAL B 146 -44.03 -34.76 13.53
C VAL B 146 -44.30 -33.42 14.18
N THR B 147 -45.37 -32.78 13.74
CA THR B 147 -45.96 -31.64 14.42
C THR B 147 -47.37 -32.01 14.83
N VAL B 148 -47.74 -31.65 16.06
CA VAL B 148 -49.03 -32.00 16.63
C VAL B 148 -49.81 -30.71 16.87
N ALA B 149 -51.06 -30.70 16.43
CA ALA B 149 -51.97 -29.58 16.64
C ALA B 149 -53.27 -30.10 17.22
N TRP B 150 -53.80 -29.38 18.20
CA TRP B 150 -55.04 -29.75 18.87
C TRP B 150 -56.15 -28.80 18.44
N LYS B 151 -57.38 -29.33 18.41
CA LYS B 151 -58.55 -28.53 18.10
C LYS B 151 -59.66 -28.83 19.10
N ALA B 152 -60.42 -27.79 19.43
CA ALA B 152 -61.64 -27.91 20.22
C ALA B 152 -62.76 -27.26 19.43
N ASP B 153 -63.80 -28.03 19.13
CA ASP B 153 -64.91 -27.53 18.30
C ASP B 153 -64.38 -27.02 16.96
N SER B 154 -63.41 -27.73 16.39
CA SER B 154 -62.84 -27.46 15.07
C SER B 154 -62.00 -26.20 15.03
N SER B 155 -61.70 -25.58 16.17
CA SER B 155 -60.81 -24.42 16.20
C SER B 155 -59.53 -24.76 16.96
N PRO B 156 -58.42 -24.08 16.65
CA PRO B 156 -57.14 -24.44 17.29
C PRO B 156 -57.15 -24.20 18.79
N VAL B 157 -56.43 -25.06 19.50
CA VAL B 157 -56.18 -24.90 20.93
C VAL B 157 -54.76 -25.35 21.20
N LYS B 158 -53.99 -24.55 21.95
CA LYS B 158 -52.63 -24.95 22.27
C LYS B 158 -52.19 -24.50 23.66
N ALA B 159 -53.13 -24.14 24.52
CA ALA B 159 -52.86 -24.01 25.95
C ALA B 159 -53.15 -25.34 26.63
N GLY B 160 -52.30 -25.69 27.61
CA GLY B 160 -52.44 -26.97 28.26
C GLY B 160 -51.97 -28.15 27.43
N VAL B 161 -51.07 -27.91 26.47
CA VAL B 161 -50.55 -28.95 25.59
C VAL B 161 -49.11 -29.26 26.01
N GLU B 162 -48.79 -30.56 26.05
CA GLU B 162 -47.42 -31.01 26.28
C GLU B 162 -47.16 -32.17 25.33
N THR B 163 -46.05 -32.10 24.60
CA THR B 163 -45.72 -33.08 23.57
C THR B 163 -44.29 -33.55 23.75
N THR B 164 -44.09 -34.87 23.75
CA THR B 164 -42.75 -35.44 23.85
C THR B 164 -42.09 -35.50 22.48
N THR B 165 -40.78 -35.30 22.48
CA THR B 165 -40.02 -35.44 21.25
C THR B 165 -39.96 -36.90 20.83
N PRO B 166 -40.11 -37.21 19.54
CA PRO B 166 -40.14 -38.61 19.11
C PRO B 166 -38.91 -39.37 19.58
N SER B 167 -39.12 -40.63 19.95
CA SER B 167 -38.03 -41.52 20.30
C SER B 167 -38.30 -42.89 19.72
N LYS B 168 -37.26 -43.73 19.72
CA LYS B 168 -37.27 -44.97 18.96
C LYS B 168 -38.07 -46.07 19.64
N GLN B 169 -38.81 -46.82 18.83
CA GLN B 169 -39.50 -48.02 19.26
C GLN B 169 -38.56 -49.22 19.19
N SER B 170 -39.04 -50.36 19.68
CA SER B 170 -38.26 -51.59 19.61
C SER B 170 -38.08 -52.06 18.17
N ASN B 171 -39.05 -51.78 17.30
CA ASN B 171 -38.92 -52.12 15.88
C ASN B 171 -38.16 -51.06 15.08
N ASN B 172 -37.60 -50.06 15.75
CA ASN B 172 -36.70 -49.04 15.20
C ASN B 172 -37.45 -47.91 14.50
N LYS B 173 -38.79 -47.94 14.45
CA LYS B 173 -39.54 -46.76 14.05
C LYS B 173 -39.66 -45.81 15.25
N TYR B 174 -40.42 -44.73 15.08
CA TYR B 174 -40.52 -43.68 16.09
C TYR B 174 -41.95 -43.58 16.63
N ALA B 175 -42.04 -43.09 17.86
CA ALA B 175 -43.32 -42.81 18.50
C ALA B 175 -43.23 -41.51 19.27
N ALA B 176 -44.38 -40.88 19.46
CA ALA B 176 -44.46 -39.66 20.24
C ALA B 176 -45.80 -39.60 20.95
N SER B 177 -45.86 -38.79 21.99
CA SER B 177 -47.08 -38.61 22.77
C SER B 177 -47.37 -37.13 22.95
N SER B 178 -48.66 -36.80 23.00
CA SER B 178 -49.11 -35.44 23.24
C SER B 178 -50.29 -35.46 24.17
N TYR B 179 -50.33 -34.51 25.09
CA TYR B 179 -51.36 -34.42 26.12
C TYR B 179 -52.05 -33.08 26.05
N LEU B 180 -53.37 -33.10 26.19
CA LEU B 180 -54.15 -31.87 26.37
C LEU B 180 -54.85 -31.98 27.71
N SER B 181 -54.40 -31.16 28.67
CA SER B 181 -54.97 -31.16 30.01
C SER B 181 -56.12 -30.17 30.08
N LEU B 182 -57.26 -30.64 30.54
CA LEU B 182 -58.47 -29.83 30.68
C LEU B 182 -59.02 -30.01 32.09
N THR B 183 -59.90 -29.09 32.48
CA THR B 183 -60.76 -29.35 33.61
C THR B 183 -61.91 -30.24 33.16
N PRO B 184 -62.52 -31.01 34.06
CA PRO B 184 -63.72 -31.76 33.68
C PRO B 184 -64.77 -30.86 33.03
N GLU B 185 -64.90 -29.62 33.51
CA GLU B 185 -65.89 -28.71 32.96
C GLU B 185 -65.57 -28.32 31.53
N GLN B 186 -64.30 -28.03 31.24
CA GLN B 186 -63.89 -27.76 29.86
C GLN B 186 -64.17 -28.95 28.96
N TRP B 187 -63.90 -30.17 29.47
CA TRP B 187 -64.07 -31.37 28.66
C TRP B 187 -65.53 -31.57 28.25
N LYS B 188 -66.44 -31.44 29.21
CA LYS B 188 -67.86 -31.69 28.95
C LYS B 188 -68.56 -30.51 28.31
N SER B 189 -67.90 -29.37 28.16
CA SER B 189 -68.54 -28.19 27.61
C SER B 189 -68.37 -28.07 26.10
N HIS B 190 -67.42 -28.79 25.50
CA HIS B 190 -67.18 -28.71 24.07
C HIS B 190 -67.85 -29.89 23.36
N ARG B 191 -68.05 -29.71 22.06
CA ARG B 191 -68.70 -30.74 21.25
C ARG B 191 -67.70 -31.79 20.79
N SER B 192 -66.49 -31.39 20.45
CA SER B 192 -65.49 -32.33 19.96
C SER B 192 -64.09 -31.82 20.30
N TYR B 193 -63.15 -32.76 20.35
CA TYR B 193 -61.73 -32.49 20.48
C TYR B 193 -60.99 -33.34 19.45
N SER B 194 -59.93 -32.78 18.88
CA SER B 194 -59.22 -33.45 17.80
C SER B 194 -57.71 -33.31 17.99
N CYS B 195 -56.99 -34.37 17.60
CA CYS B 195 -55.53 -34.37 17.54
C CYS B 195 -55.12 -34.51 16.08
N GLN B 196 -54.40 -33.51 15.57
CA GLN B 196 -53.96 -33.49 14.18
C GLN B 196 -52.46 -33.70 14.14
N VAL B 197 -52.03 -34.72 13.41
CA VAL B 197 -50.62 -35.08 13.33
C VAL B 197 -50.17 -34.92 11.88
N THR B 198 -49.16 -34.08 11.67
CA THR B 198 -48.59 -33.86 10.35
C THR B 198 -47.25 -34.57 10.25
N HIS B 199 -47.09 -35.37 9.21
CA HIS B 199 -45.88 -36.15 8.97
C HIS B 199 -45.60 -36.15 7.49
N GLU B 200 -44.41 -35.68 7.10
CA GLU B 200 -44.02 -35.65 5.69
C GLU B 200 -45.07 -34.91 4.85
N GLY B 201 -45.49 -33.75 5.35
CA GLY B 201 -46.44 -32.92 4.64
C GLY B 201 -47.87 -33.41 4.62
N SER B 202 -48.14 -34.61 5.13
CA SER B 202 -49.48 -35.17 5.18
C SER B 202 -50.00 -35.12 6.61
N THR B 203 -51.30 -34.88 6.75
CA THR B 203 -51.93 -34.68 8.04
C THR B 203 -53.05 -35.69 8.23
N VAL B 204 -53.08 -36.32 9.40
CA VAL B 204 -54.17 -37.19 9.80
C VAL B 204 -54.82 -36.59 11.04
N GLU B 205 -56.11 -36.85 11.21
CA GLU B 205 -56.88 -36.32 12.33
C GLU B 205 -57.65 -37.45 13.01
N LYS B 206 -57.63 -37.44 14.33
CA LYS B 206 -58.51 -38.27 15.15
C LYS B 206 -59.32 -37.37 16.06
N THR B 207 -60.59 -37.72 16.25
CA THR B 207 -61.52 -36.87 16.97
C THR B 207 -62.27 -37.70 18.02
N VAL B 208 -62.50 -37.08 19.18
CA VAL B 208 -63.30 -37.68 20.24
C VAL B 208 -64.34 -36.65 20.69
N ALA B 209 -65.39 -37.15 21.33
CA ALA B 209 -66.50 -36.32 21.79
C ALA B 209 -66.94 -36.76 23.18
N PRO B 210 -67.27 -35.81 24.08
CA PRO B 210 -67.67 -36.20 25.44
C PRO B 210 -68.99 -36.96 25.51
N THR B 211 -69.54 -37.38 24.38
CA THR B 211 -70.73 -38.21 24.35
C THR B 211 -70.39 -39.54 23.66
N GLU B 212 -71.43 -40.34 23.41
CA GLU B 212 -71.26 -41.64 22.76
C GLU B 212 -70.36 -42.55 23.61
N GLU C 1 9.27 -21.84 -24.80
CA GLU C 1 10.15 -20.83 -24.16
C GLU C 1 10.22 -19.56 -25.00
N VAL C 2 10.47 -18.43 -24.34
CA VAL C 2 10.63 -17.17 -25.05
C VAL C 2 11.83 -17.26 -25.97
N GLN C 3 11.66 -16.78 -27.20
CA GLN C 3 12.75 -16.73 -28.17
C GLN C 3 12.83 -15.34 -28.78
N LEU C 4 14.05 -14.81 -28.85
CA LEU C 4 14.35 -13.54 -29.48
C LEU C 4 15.60 -13.73 -30.32
N VAL C 5 15.54 -13.39 -31.60
CA VAL C 5 16.67 -13.60 -32.51
C VAL C 5 16.88 -12.33 -33.33
N GLU C 6 18.01 -11.67 -33.13
CA GLU C 6 18.36 -10.45 -33.84
C GLU C 6 19.09 -10.78 -35.15
N SER C 7 18.85 -9.96 -36.16
CA SER C 7 19.54 -10.09 -37.44
C SER C 7 19.72 -8.72 -38.06
N GLY C 8 20.61 -8.66 -39.06
CA GLY C 8 20.83 -7.46 -39.85
C GLY C 8 22.17 -6.80 -39.64
N GLY C 9 22.93 -7.20 -38.62
CA GLY C 9 24.20 -6.56 -38.37
C GLY C 9 25.23 -6.86 -39.45
N GLY C 10 26.12 -5.90 -39.65
CA GLY C 10 27.19 -6.06 -40.62
C GLY C 10 28.08 -4.84 -40.61
N LEU C 11 28.97 -4.79 -41.59
CA LEU C 11 29.85 -3.64 -41.76
C LEU C 11 29.13 -2.55 -42.53
N VAL C 12 29.13 -1.34 -42.00
CA VAL C 12 28.45 -0.20 -42.59
C VAL C 12 29.34 1.02 -42.47
N LYS C 13 29.24 1.93 -43.44
CA LYS C 13 30.13 3.07 -43.37
C LYS C 13 29.56 4.16 -42.47
N PRO C 14 30.43 4.96 -41.85
CA PRO C 14 29.95 6.12 -41.08
C PRO C 14 29.04 7.00 -41.92
N GLY C 15 28.01 7.52 -41.28
CA GLY C 15 26.99 8.30 -41.96
C GLY C 15 25.92 7.48 -42.63
N GLY C 16 26.10 6.15 -42.72
CA GLY C 16 25.13 5.30 -43.37
C GLY C 16 24.00 4.88 -42.45
N SER C 17 23.06 4.14 -43.03
CA SER C 17 21.89 3.64 -42.34
C SER C 17 21.89 2.11 -42.37
N LEU C 18 21.25 1.51 -41.38
CA LEU C 18 21.16 0.07 -41.26
C LEU C 18 19.97 -0.28 -40.38
N ARG C 19 19.16 -1.25 -40.80
CA ARG C 19 17.99 -1.68 -40.03
C ARG C 19 18.24 -3.07 -39.47
N LEU C 20 18.13 -3.20 -38.15
CA LEU C 20 18.17 -4.49 -37.47
C LEU C 20 16.75 -4.98 -37.22
N SER C 21 16.60 -6.30 -37.19
CA SER C 21 15.32 -6.94 -36.90
C SER C 21 15.51 -7.89 -35.71
N CYS C 22 14.45 -8.03 -34.93
CA CYS C 22 14.40 -8.97 -33.82
C CYS C 22 13.11 -9.76 -33.96
N ALA C 23 13.23 -11.03 -34.35
CA ALA C 23 12.09 -11.91 -34.54
C ALA C 23 11.82 -12.67 -33.25
N ALA C 24 10.56 -12.68 -32.81
CA ALA C 24 10.20 -13.15 -31.48
C ALA C 24 9.12 -14.22 -31.54
N SER C 25 9.13 -15.08 -30.52
CA SER C 25 8.07 -16.06 -30.33
C SER C 25 8.09 -16.50 -28.86
N GLY C 26 7.04 -17.21 -28.46
CA GLY C 26 6.95 -17.74 -27.13
C GLY C 26 6.28 -16.83 -26.12
N PHE C 27 5.78 -15.67 -26.56
CA PHE C 27 5.04 -14.77 -25.69
C PHE C 27 4.12 -13.95 -26.57
N THR C 28 3.15 -13.30 -25.95
CA THR C 28 2.19 -12.48 -26.66
C THR C 28 2.88 -11.17 -27.05
N PHE C 29 3.41 -11.12 -28.27
CA PHE C 29 4.26 -10.00 -28.68
C PHE C 29 3.54 -8.66 -28.58
N SER C 30 2.29 -8.60 -29.05
CA SER C 30 1.57 -7.33 -29.09
C SER C 30 1.44 -6.68 -27.72
N ASN C 31 1.52 -7.46 -26.64
CA ASN C 31 1.36 -6.93 -25.29
C ASN C 31 2.69 -6.67 -24.59
N ALA C 32 3.82 -6.88 -25.26
CA ALA C 32 5.12 -6.75 -24.65
C ALA C 32 5.73 -5.38 -24.94
N TRP C 33 6.36 -4.80 -23.93
CA TRP C 33 7.32 -3.73 -24.17
C TRP C 33 8.63 -4.37 -24.65
N MET C 34 9.32 -3.66 -25.53
CA MET C 34 10.51 -4.21 -26.18
C MET C 34 11.60 -3.16 -26.20
N SER C 35 12.83 -3.56 -25.88
CA SER C 35 13.95 -2.65 -25.79
C SER C 35 15.11 -3.15 -26.65
N TRP C 36 15.99 -2.22 -27.01
CA TRP C 36 17.29 -2.53 -27.56
C TRP C 36 18.37 -2.12 -26.58
N VAL C 37 19.37 -2.97 -26.42
CA VAL C 37 20.55 -2.73 -25.58
C VAL C 37 21.77 -3.12 -26.40
N ARG C 38 22.87 -2.39 -26.26
CA ARG C 38 24.06 -2.67 -27.04
C ARG C 38 25.27 -2.82 -26.13
N GLN C 39 26.33 -3.40 -26.70
CA GLN C 39 27.55 -3.70 -25.95
C GLN C 39 28.73 -3.65 -26.91
N ALA C 40 29.57 -2.63 -26.75
CA ALA C 40 30.79 -2.56 -27.54
C ALA C 40 31.72 -3.70 -27.15
N PRO C 41 32.53 -4.20 -28.08
CA PRO C 41 33.41 -5.33 -27.77
C PRO C 41 34.25 -5.10 -26.51
N GLY C 42 34.12 -6.01 -25.55
CA GLY C 42 34.87 -5.93 -24.31
C GLY C 42 34.38 -4.90 -23.33
N LYS C 43 33.26 -4.23 -23.60
CA LYS C 43 32.76 -3.14 -22.78
C LYS C 43 31.42 -3.51 -22.15
N GLY C 44 30.78 -2.53 -21.51
CA GLY C 44 29.57 -2.78 -20.75
C GLY C 44 28.29 -2.60 -21.55
N LEU C 45 27.17 -2.94 -20.91
CA LEU C 45 25.87 -2.79 -21.53
C LEU C 45 25.46 -1.32 -21.57
N GLU C 46 24.80 -0.93 -22.66
CA GLU C 46 24.29 0.43 -22.81
C GLU C 46 22.87 0.36 -23.38
N TRP C 47 21.91 0.89 -22.62
CA TRP C 47 20.53 0.97 -23.09
C TRP C 47 20.44 1.87 -24.31
N VAL C 48 19.73 1.41 -25.32
CA VAL C 48 19.54 2.17 -26.57
C VAL C 48 18.16 2.83 -26.62
N GLY C 49 17.11 2.08 -26.34
CA GLY C 49 15.77 2.63 -26.33
C GLY C 49 14.74 1.54 -26.13
N ARG C 50 13.48 1.99 -26.03
CA ARG C 50 12.37 1.09 -25.73
C ARG C 50 11.12 1.58 -26.43
N ILE C 51 10.31 0.64 -26.91
CA ILE C 51 8.99 0.94 -27.47
C ILE C 51 7.96 0.23 -26.61
N LYS C 52 6.95 0.98 -26.19
CA LYS C 52 5.86 0.40 -25.41
C LYS C 52 4.90 -0.37 -26.31
N SER C 53 4.03 -1.14 -25.67
CA SER C 53 2.96 -1.80 -26.39
C SER C 53 1.94 -0.80 -26.91
N LYS C 54 1.24 -1.18 -27.98
CA LYS C 54 0.16 -0.36 -28.51
C LYS C 54 -0.79 0.06 -27.39
N THR C 55 -1.18 -0.90 -26.56
CA THR C 55 -2.15 -0.63 -25.50
C THR C 55 -1.65 0.42 -24.53
N ASP C 56 -0.33 0.55 -24.38
CA ASP C 56 0.27 1.55 -23.50
C ASP C 56 0.77 2.78 -24.28
N GLY C 57 0.29 2.96 -25.51
CA GLY C 57 0.56 4.17 -26.27
C GLY C 57 1.60 4.02 -27.35
N GLY C 58 2.34 2.92 -27.39
CA GLY C 58 3.38 2.74 -28.38
C GLY C 58 4.50 3.75 -28.29
N THR C 59 4.62 4.42 -27.14
CA THR C 59 5.65 5.45 -26.96
C THR C 59 7.04 4.88 -27.14
N THR C 60 7.93 5.70 -27.71
CA THR C 60 9.35 5.38 -27.80
C THR C 60 10.16 6.37 -26.98
N ASP C 61 11.22 5.87 -26.35
CA ASP C 61 12.20 6.70 -25.67
C ASP C 61 13.59 6.19 -26.03
N TYR C 62 14.57 7.09 -26.02
CA TYR C 62 15.89 6.81 -26.55
C TYR C 62 16.98 7.37 -25.64
N ALA C 63 18.11 6.68 -25.63
CA ALA C 63 19.30 7.15 -24.94
C ALA C 63 19.86 8.39 -25.62
N ALA C 64 20.44 9.28 -24.82
CA ALA C 64 21.01 10.51 -25.34
C ALA C 64 21.96 10.33 -26.52
N PRO C 65 22.86 9.34 -26.52
CA PRO C 65 23.82 9.25 -27.63
C PRO C 65 23.21 8.83 -28.96
N VAL C 66 21.99 8.30 -28.96
CA VAL C 66 21.35 7.85 -30.20
C VAL C 66 20.09 8.64 -30.54
N LYS C 67 19.59 9.46 -29.64
CA LYS C 67 18.36 10.21 -29.90
C LYS C 67 18.55 11.11 -31.10
N GLY C 68 17.58 11.09 -32.01
CA GLY C 68 17.66 11.82 -33.26
C GLY C 68 18.27 11.05 -34.41
N ARG C 69 19.00 9.97 -34.12
CA ARG C 69 19.63 9.15 -35.16
C ARG C 69 19.02 7.76 -35.30
N PHE C 70 18.52 7.16 -34.22
CA PHE C 70 17.95 5.82 -34.26
C PHE C 70 16.45 5.89 -34.05
N THR C 71 15.71 5.00 -34.73
CA THR C 71 14.27 4.87 -34.55
C THR C 71 13.92 3.42 -34.26
N ILE C 72 13.07 3.21 -33.26
CA ILE C 72 12.53 1.89 -32.94
C ILE C 72 11.09 1.83 -33.43
N SER C 73 10.74 0.72 -34.07
CA SER C 73 9.38 0.48 -34.52
C SER C 73 9.07 -1.00 -34.35
N ARG C 74 7.81 -1.36 -34.50
CA ARG C 74 7.38 -2.73 -34.33
C ARG C 74 6.28 -3.06 -35.33
N ASP C 75 6.25 -4.32 -35.75
CA ASP C 75 5.18 -4.87 -36.59
C ASP C 75 4.58 -6.03 -35.81
N ASP C 76 3.47 -5.75 -35.11
CA ASP C 76 2.89 -6.77 -34.24
C ASP C 76 2.39 -7.97 -35.02
N SER C 77 1.96 -7.76 -36.27
CA SER C 77 1.43 -8.88 -37.05
C SER C 77 2.51 -9.89 -37.42
N LYS C 78 3.77 -9.46 -37.48
CA LYS C 78 4.88 -10.36 -37.79
C LYS C 78 5.73 -10.69 -36.57
N ASN C 79 5.31 -10.24 -35.38
CA ASN C 79 6.07 -10.47 -34.16
C ASN C 79 7.53 -10.07 -34.35
N THR C 80 7.74 -8.87 -34.90
CA THR C 80 9.07 -8.40 -35.24
C THR C 80 9.29 -6.98 -34.70
N LEU C 81 10.45 -6.77 -34.10
CA LEU C 81 10.89 -5.48 -33.61
C LEU C 81 12.02 -4.98 -34.49
N TYR C 82 12.08 -3.66 -34.70
CA TYR C 82 13.07 -3.07 -35.58
C TYR C 82 13.85 -1.98 -34.88
N LEU C 83 15.14 -1.89 -35.21
CA LEU C 83 15.98 -0.74 -34.90
C LEU C 83 16.49 -0.19 -36.22
N GLN C 84 15.99 0.99 -36.59
CA GLN C 84 16.50 1.70 -37.77
C GLN C 84 17.60 2.64 -37.30
N MET C 85 18.83 2.35 -37.70
CA MET C 85 19.94 3.21 -37.37
C MET C 85 20.27 4.10 -38.56
N ASN C 86 20.65 5.34 -38.25
CA ASN C 86 21.02 6.33 -39.24
C ASN C 86 22.25 7.08 -38.74
N SER C 87 22.91 7.76 -39.67
CA SER C 87 24.00 8.67 -39.32
C SER C 87 25.00 7.97 -38.41
N LEU C 88 25.38 6.75 -38.81
CA LEU C 88 26.14 5.89 -37.93
C LEU C 88 27.54 6.43 -37.67
N LYS C 89 28.03 6.18 -36.46
CA LYS C 89 29.34 6.60 -35.99
C LYS C 89 30.16 5.37 -35.64
N THR C 90 31.49 5.50 -35.71
CA THR C 90 32.34 4.40 -35.31
C THR C 90 32.03 3.95 -33.88
N GLU C 91 31.63 4.86 -33.01
CA GLU C 91 31.31 4.50 -31.64
C GLU C 91 29.99 3.75 -31.51
N ASP C 92 29.23 3.61 -32.59
CA ASP C 92 28.04 2.76 -32.57
C ASP C 92 28.39 1.29 -32.76
N THR C 93 29.65 0.97 -33.05
CA THR C 93 30.08 -0.41 -33.17
C THR C 93 29.79 -1.17 -31.89
N ALA C 94 29.05 -2.26 -32.00
CA ALA C 94 28.57 -2.98 -30.82
C ALA C 94 27.76 -4.18 -31.25
N VAL C 95 27.62 -5.14 -30.33
CA VAL C 95 26.58 -6.15 -30.42
C VAL C 95 25.28 -5.53 -29.94
N TYR C 96 24.22 -5.70 -30.72
CA TYR C 96 22.92 -5.15 -30.40
C TYR C 96 21.97 -6.28 -29.99
N TYR C 97 21.38 -6.14 -28.80
CA TYR C 97 20.43 -7.10 -28.25
C TYR C 97 19.03 -6.50 -28.23
N CYS C 98 18.03 -7.34 -28.52
CA CYS C 98 16.65 -7.01 -28.19
C CYS C 98 16.27 -7.74 -26.91
N ALA C 99 15.40 -7.10 -26.13
CA ALA C 99 15.02 -7.62 -24.83
C ALA C 99 13.55 -7.36 -24.57
N ARG C 100 12.82 -8.40 -24.20
CA ARG C 100 11.46 -8.22 -23.71
C ARG C 100 11.51 -7.52 -22.36
N THR C 101 10.68 -6.48 -22.21
CA THR C 101 10.83 -5.51 -21.12
C THR C 101 9.60 -5.51 -20.24
N GLY C 102 9.81 -5.66 -18.93
CA GLY C 102 8.77 -5.49 -17.95
C GLY C 102 8.90 -4.15 -17.23
N LYS C 103 7.83 -3.77 -16.54
CA LYS C 103 7.84 -2.57 -15.70
C LYS C 103 7.43 -2.96 -14.29
N TYR C 104 8.23 -2.55 -13.31
CA TYR C 104 7.97 -2.91 -11.92
C TYR C 104 7.13 -1.85 -11.22
N TYR C 105 6.26 -2.31 -10.33
CA TYR C 105 5.17 -1.52 -9.72
C TYR C 105 5.06 -0.08 -10.22
N GLY C 114 7.83 3.77 -11.47
CA GLY C 114 8.56 2.52 -11.45
C GLY C 114 9.75 2.53 -12.39
N GLU C 115 10.40 1.38 -12.53
CA GLU C 115 11.52 1.23 -13.44
C GLU C 115 11.26 0.02 -14.34
N GLU C 116 12.02 -0.06 -15.42
CA GLU C 116 11.88 -1.13 -16.40
C GLU C 116 13.01 -2.12 -16.24
N TYR C 117 12.73 -3.39 -16.57
CA TYR C 117 13.72 -4.45 -16.46
C TYR C 117 13.60 -5.37 -17.65
N PHE C 118 14.66 -6.14 -17.89
CA PHE C 118 14.85 -6.83 -19.15
C PHE C 118 14.77 -8.34 -18.90
N GLN C 119 13.58 -8.88 -19.16
CA GLN C 119 13.20 -10.23 -18.74
C GLN C 119 13.86 -11.30 -19.57
N ASP C 120 13.96 -11.09 -20.88
CA ASP C 120 14.51 -12.06 -21.81
C ASP C 120 15.35 -11.34 -22.84
N TRP C 121 16.49 -11.92 -23.17
CA TRP C 121 17.44 -11.32 -24.10
C TRP C 121 17.67 -12.24 -25.29
N GLY C 122 17.88 -11.63 -26.46
CA GLY C 122 18.28 -12.38 -27.62
C GLY C 122 19.75 -12.76 -27.59
N ARG C 123 20.23 -13.23 -28.74
CA ARG C 123 21.62 -13.63 -28.88
C ARG C 123 22.53 -12.46 -29.27
N GLY C 124 22.01 -11.49 -29.99
CA GLY C 124 22.78 -10.35 -30.41
C GLY C 124 23.16 -10.41 -31.88
N THR C 125 23.33 -9.24 -32.48
CA THR C 125 23.87 -9.09 -33.82
C THR C 125 24.92 -7.99 -33.81
N LEU C 126 26.05 -8.22 -34.45
CA LEU C 126 27.18 -7.30 -34.44
C LEU C 126 27.06 -6.28 -35.56
N VAL C 127 27.20 -5.00 -35.22
CA VAL C 127 27.29 -3.91 -36.18
C VAL C 127 28.69 -3.30 -36.07
N THR C 128 29.40 -3.25 -37.19
CA THR C 128 30.72 -2.63 -37.25
C THR C 128 30.65 -1.42 -38.17
N VAL C 129 31.08 -0.27 -37.67
CA VAL C 129 31.00 0.99 -38.41
C VAL C 129 32.41 1.47 -38.70
N SER C 130 32.78 1.47 -39.98
CA SER C 130 34.07 1.98 -40.42
C SER C 130 34.02 2.35 -41.89
N SER C 131 34.68 3.44 -42.26
CA SER C 131 34.78 3.85 -43.65
C SER C 131 35.91 3.12 -44.40
N ALA C 132 36.68 2.29 -43.71
CA ALA C 132 37.87 1.71 -44.30
C ALA C 132 37.54 0.55 -45.24
N SER C 133 38.43 0.33 -46.19
CA SER C 133 38.50 -0.90 -46.95
C SER C 133 39.82 -1.57 -46.63
N THR C 134 40.10 -2.69 -47.31
CA THR C 134 41.29 -3.48 -47.00
C THR C 134 42.53 -2.60 -46.92
N LYS C 135 43.28 -2.77 -45.83
CA LYS C 135 44.45 -1.93 -45.54
C LYS C 135 45.43 -2.74 -44.71
N GLY C 136 46.63 -2.95 -45.25
CA GLY C 136 47.62 -3.74 -44.58
C GLY C 136 48.23 -3.04 -43.38
N PRO C 137 48.83 -3.82 -42.48
CA PRO C 137 49.35 -3.24 -41.23
C PRO C 137 50.72 -2.59 -41.42
N SER C 138 51.00 -1.66 -40.51
CA SER C 138 52.34 -1.12 -40.31
C SER C 138 52.87 -1.69 -39.00
N VAL C 139 54.06 -2.27 -39.02
CA VAL C 139 54.59 -2.99 -37.87
C VAL C 139 55.80 -2.24 -37.33
N PHE C 140 55.81 -2.01 -36.03
CA PHE C 140 56.88 -1.28 -35.37
C PHE C 140 57.41 -2.10 -34.20
N PRO C 141 58.70 -2.03 -33.93
CA PRO C 141 59.26 -2.80 -32.81
C PRO C 141 58.91 -2.17 -31.47
N LEU C 142 58.71 -3.03 -30.48
CA LEU C 142 58.65 -2.64 -29.08
C LEU C 142 59.92 -3.20 -28.46
N ALA C 143 60.97 -2.38 -28.46
CA ALA C 143 62.30 -2.89 -28.16
C ALA C 143 62.52 -2.96 -26.65
N PRO C 144 63.30 -3.95 -26.19
CA PRO C 144 63.66 -4.01 -24.78
C PRO C 144 64.84 -3.11 -24.45
N SER C 145 65.00 -2.84 -23.16
CA SER C 145 66.15 -2.10 -22.64
C SER C 145 66.15 -2.24 -21.12
N SER C 146 67.16 -1.66 -20.49
CA SER C 146 67.29 -1.71 -19.04
C SER C 146 66.11 -1.02 -18.37
N SER C 150 62.86 -6.17 -15.93
CA SER C 150 62.74 -6.42 -14.50
C SER C 150 63.53 -7.67 -14.10
N GLY C 151 64.48 -7.49 -13.19
CA GLY C 151 65.28 -8.59 -12.71
C GLY C 151 65.96 -9.37 -13.82
N GLY C 152 65.56 -10.63 -13.97
CA GLY C 152 66.14 -11.50 -14.97
C GLY C 152 65.35 -11.64 -16.25
N THR C 153 64.21 -10.97 -16.38
CA THR C 153 63.37 -11.09 -17.57
C THR C 153 63.24 -9.75 -18.28
N ALA C 154 62.93 -9.83 -19.56
CA ALA C 154 62.69 -8.66 -20.39
C ALA C 154 61.50 -8.92 -21.29
N ALA C 155 60.74 -7.87 -21.57
CA ALA C 155 59.62 -7.94 -22.47
C ALA C 155 59.96 -7.22 -23.77
N LEU C 156 59.61 -7.85 -24.88
CA LEU C 156 59.78 -7.25 -26.20
C LEU C 156 58.55 -7.62 -27.03
N GLY C 157 58.31 -6.84 -28.07
CA GLY C 157 57.09 -7.07 -28.80
C GLY C 157 57.05 -6.38 -30.15
N CYS C 158 55.89 -6.47 -30.77
CA CYS C 158 55.61 -5.82 -32.05
C CYS C 158 54.27 -5.10 -31.96
N LEU C 159 54.26 -3.85 -32.43
CA LEU C 159 53.06 -3.04 -32.51
C LEU C 159 52.54 -3.09 -33.95
N VAL C 160 51.30 -3.56 -34.12
CA VAL C 160 50.70 -3.75 -35.44
C VAL C 160 49.60 -2.70 -35.61
N LYS C 161 49.86 -1.69 -36.43
CA LYS C 161 49.04 -0.48 -36.48
C LYS C 161 48.21 -0.38 -37.74
N ASP C 162 46.97 0.06 -37.55
CA ASP C 162 46.15 0.69 -38.59
C ASP C 162 45.88 -0.24 -39.78
N TYR C 163 45.27 -1.39 -39.48
CA TYR C 163 44.91 -2.35 -40.51
C TYR C 163 43.39 -2.55 -40.53
N PHE C 164 42.92 -3.10 -41.65
CA PHE C 164 41.50 -3.39 -41.84
C PHE C 164 41.31 -4.40 -42.96
N PRO C 165 40.36 -5.34 -42.81
CA PRO C 165 39.56 -5.66 -41.63
C PRO C 165 40.33 -6.60 -40.70
N GLU C 166 39.71 -7.04 -39.61
CA GLU C 166 40.28 -8.12 -38.81
C GLU C 166 40.22 -9.41 -39.62
N PRO C 167 41.06 -10.40 -39.28
CA PRO C 167 42.03 -10.43 -38.19
C PRO C 167 43.47 -10.30 -38.66
N VAL C 168 44.33 -9.98 -37.70
CA VAL C 168 45.77 -10.18 -37.81
C VAL C 168 46.12 -11.33 -36.87
N THR C 169 47.04 -12.19 -37.31
CA THR C 169 47.63 -13.19 -36.45
C THR C 169 49.12 -12.91 -36.34
N VAL C 170 49.68 -13.25 -35.17
CA VAL C 170 51.10 -13.02 -34.90
C VAL C 170 51.69 -14.29 -34.33
N SER C 171 52.83 -14.70 -34.87
CA SER C 171 53.65 -15.74 -34.28
C SER C 171 55.04 -15.16 -34.03
N TRP C 172 55.86 -15.91 -33.30
CA TRP C 172 57.23 -15.53 -33.06
C TRP C 172 58.15 -16.65 -33.51
N ASN C 173 59.20 -16.29 -34.25
CA ASN C 173 60.15 -17.26 -34.79
C ASN C 173 59.43 -18.39 -35.51
N SER C 174 58.43 -18.02 -36.31
CA SER C 174 57.70 -18.94 -37.17
C SER C 174 56.98 -20.03 -36.39
N GLY C 175 56.66 -19.78 -35.13
CA GLY C 175 55.95 -20.73 -34.30
C GLY C 175 56.83 -21.54 -33.37
N ALA C 176 58.15 -21.42 -33.49
CA ALA C 176 59.05 -22.15 -32.61
C ALA C 176 59.07 -21.57 -31.21
N LEU C 177 58.66 -20.31 -31.04
CA LEU C 177 58.64 -19.64 -29.75
C LEU C 177 57.18 -19.43 -29.33
N THR C 178 56.78 -20.07 -28.23
CA THR C 178 55.42 -19.94 -27.74
C THR C 178 55.40 -19.62 -26.25
N SER C 179 56.38 -20.13 -25.50
CA SER C 179 56.49 -19.81 -24.09
C SER C 179 56.61 -18.31 -23.89
N GLY C 180 55.73 -17.75 -23.06
CA GLY C 180 55.78 -16.34 -22.72
C GLY C 180 55.23 -15.41 -23.78
N VAL C 181 54.61 -15.95 -24.84
CA VAL C 181 54.05 -15.15 -25.92
C VAL C 181 52.61 -14.80 -25.60
N HIS C 182 52.23 -13.55 -25.87
CA HIS C 182 50.83 -13.17 -25.80
C HIS C 182 50.53 -12.14 -26.88
N THR C 183 49.54 -12.42 -27.72
CA THR C 183 49.02 -11.45 -28.67
C THR C 183 47.69 -10.92 -28.16
N PHE C 184 47.59 -9.60 -28.06
CA PHE C 184 46.45 -8.95 -27.43
C PHE C 184 45.29 -8.78 -28.40
N PRO C 185 44.07 -8.59 -27.87
CA PRO C 185 42.95 -8.21 -28.74
C PRO C 185 43.21 -6.88 -29.40
N ALA C 186 42.60 -6.70 -30.56
CA ALA C 186 42.76 -5.46 -31.30
C ALA C 186 41.85 -4.37 -30.76
N VAL C 187 42.27 -3.12 -30.95
CA VAL C 187 41.48 -1.94 -30.63
C VAL C 187 40.99 -1.35 -31.94
N LEU C 188 39.69 -1.06 -32.02
CA LEU C 188 39.13 -0.28 -33.11
C LEU C 188 39.23 1.20 -32.75
N GLN C 189 40.02 1.94 -33.51
CA GLN C 189 40.23 3.34 -33.24
C GLN C 189 39.10 4.18 -33.82
N SER C 190 39.01 5.43 -33.36
CA SER C 190 38.00 6.34 -33.90
C SER C 190 38.11 6.49 -35.42
N SER C 191 39.28 6.20 -35.99
CA SER C 191 39.48 6.26 -37.43
C SER C 191 38.79 5.13 -38.18
N GLY C 192 38.36 4.08 -37.49
CA GLY C 192 37.81 2.91 -38.14
C GLY C 192 38.83 1.86 -38.51
N LEU C 193 40.08 2.01 -38.05
CA LEU C 193 41.14 1.05 -38.30
C LEU C 193 41.52 0.36 -37.01
N TYR C 194 42.08 -0.85 -37.15
CA TYR C 194 42.46 -1.68 -36.00
C TYR C 194 43.96 -1.59 -35.72
N SER C 195 44.31 -1.82 -34.45
CA SER C 195 45.70 -2.00 -34.04
C SER C 195 45.74 -3.02 -32.92
N LEU C 196 46.86 -3.75 -32.83
CA LEU C 196 47.10 -4.64 -31.70
C LEU C 196 48.59 -4.70 -31.43
N SER C 197 48.95 -5.40 -30.35
CA SER C 197 50.33 -5.67 -30.01
C SER C 197 50.50 -7.15 -29.71
N SER C 198 51.72 -7.63 -29.91
CA SER C 198 52.14 -8.96 -29.48
C SER C 198 53.42 -8.79 -28.68
N VAL C 199 53.53 -9.58 -27.61
CA VAL C 199 54.66 -9.46 -26.69
C VAL C 199 55.17 -10.84 -26.35
N VAL C 200 56.45 -10.91 -26.02
CA VAL C 200 57.03 -12.11 -25.45
C VAL C 200 57.95 -11.69 -24.31
N THR C 201 57.89 -12.44 -23.21
CA THR C 201 58.78 -12.24 -22.08
C THR C 201 59.87 -13.31 -22.11
N VAL C 202 61.12 -12.89 -21.99
CA VAL C 202 62.26 -13.78 -22.18
C VAL C 202 63.32 -13.47 -21.13
N PRO C 203 64.22 -14.41 -20.88
CA PRO C 203 65.36 -14.10 -20.01
C PRO C 203 66.18 -12.96 -20.60
N SER C 204 66.53 -12.00 -19.74
CA SER C 204 67.24 -10.81 -20.20
C SER C 204 68.54 -11.19 -20.91
N SER C 205 69.22 -12.22 -20.42
CA SER C 205 70.49 -12.61 -21.05
C SER C 205 70.28 -13.19 -22.44
N SER C 206 69.09 -13.71 -22.75
CA SER C 206 68.86 -14.32 -24.05
C SER C 206 68.86 -13.30 -25.19
N LEU C 207 68.77 -12.00 -24.88
CA LEU C 207 68.66 -11.00 -25.93
C LEU C 207 69.90 -10.97 -26.82
N GLY C 208 71.05 -11.38 -26.30
CA GLY C 208 72.27 -11.46 -27.09
C GLY C 208 72.58 -12.83 -27.63
N THR C 209 71.76 -13.84 -27.33
CA THR C 209 71.95 -15.20 -27.81
C THR C 209 70.88 -15.60 -28.82
N GLN C 210 69.62 -15.36 -28.51
CA GLN C 210 68.52 -15.74 -29.38
C GLN C 210 68.11 -14.58 -30.28
N THR C 211 67.57 -14.92 -31.45
CA THR C 211 66.98 -13.96 -32.37
C THR C 211 65.46 -14.02 -32.23
N TYR C 212 64.83 -12.85 -32.14
CA TYR C 212 63.38 -12.77 -31.91
C TYR C 212 62.73 -12.02 -33.08
N ILE C 213 61.90 -12.74 -33.82
CA ILE C 213 61.23 -12.22 -35.01
C ILE C 213 59.73 -12.41 -34.84
N CYS C 214 58.97 -11.32 -34.94
CA CYS C 214 57.51 -11.44 -34.95
C CYS C 214 57.05 -11.57 -36.40
N ASN C 215 56.19 -12.56 -36.64
CA ASN C 215 55.64 -12.83 -37.96
C ASN C 215 54.18 -12.38 -37.95
N VAL C 216 53.88 -11.32 -38.69
CA VAL C 216 52.56 -10.71 -38.69
C VAL C 216 51.87 -11.09 -40.00
N ASN C 217 50.70 -11.73 -39.89
CA ASN C 217 49.94 -12.18 -41.04
C ASN C 217 48.63 -11.42 -41.11
N HIS C 218 48.35 -10.82 -42.27
CA HIS C 218 47.08 -10.14 -42.52
C HIS C 218 46.54 -10.66 -43.84
N LYS C 219 45.86 -11.80 -43.79
CA LYS C 219 45.38 -12.43 -45.01
C LYS C 219 44.45 -11.53 -45.83
N PRO C 220 43.59 -10.70 -45.23
CA PRO C 220 42.72 -9.85 -46.07
C PRO C 220 43.47 -9.00 -47.09
N SER C 221 44.64 -8.48 -46.72
CA SER C 221 45.44 -7.66 -47.62
C SER C 221 46.61 -8.43 -48.24
N ASN C 222 46.63 -9.75 -48.10
CA ASN C 222 47.65 -10.57 -48.74
C ASN C 222 49.05 -10.19 -48.26
N THR C 223 49.18 -9.87 -46.97
CA THR C 223 50.41 -9.31 -46.41
C THR C 223 50.96 -10.20 -45.32
N LYS C 224 52.29 -10.39 -45.33
CA LYS C 224 53.00 -10.95 -44.19
C LYS C 224 54.21 -10.08 -43.91
N VAL C 225 54.42 -9.74 -42.63
CA VAL C 225 55.54 -8.90 -42.21
C VAL C 225 56.33 -9.66 -41.16
N ASP C 226 57.64 -9.79 -41.39
CA ASP C 226 58.57 -10.27 -40.38
C ASP C 226 59.38 -9.09 -39.86
N LYS C 227 59.41 -8.93 -38.55
CA LYS C 227 60.12 -7.83 -37.90
C LYS C 227 61.04 -8.42 -36.85
N ARG C 228 62.35 -8.27 -37.04
CA ARG C 228 63.31 -8.69 -36.03
C ARG C 228 63.44 -7.59 -34.97
N VAL C 229 63.21 -7.95 -33.72
CA VAL C 229 63.20 -7.00 -32.61
C VAL C 229 64.46 -7.21 -31.79
N GLU C 230 65.24 -6.15 -31.64
CA GLU C 230 66.51 -6.18 -30.94
C GLU C 230 66.52 -5.10 -29.87
N PRO C 231 67.38 -5.25 -28.85
CA PRO C 231 67.47 -4.20 -27.83
C PRO C 231 67.91 -2.88 -28.43
N LYS C 232 67.54 -1.79 -27.76
CA LYS C 232 67.91 -0.45 -28.21
C LYS C 232 69.43 -0.28 -28.18
N SER D 1 22.59 11.29 -12.99
CA SER D 1 22.24 10.56 -14.20
C SER D 1 22.52 9.07 -14.04
N GLU D 2 23.77 8.73 -13.74
CA GLU D 2 24.28 7.41 -14.04
C GLU D 2 24.46 6.56 -12.79
N LEU D 3 24.79 5.30 -13.04
CA LEU D 3 24.99 4.28 -12.02
C LEU D 3 26.43 3.80 -12.13
N THR D 4 27.08 3.65 -10.98
CA THR D 4 28.48 3.24 -10.94
C THR D 4 28.60 1.93 -10.16
N GLN D 5 29.52 1.09 -10.63
CA GLN D 5 29.86 -0.16 -9.96
C GLN D 5 31.37 -0.26 -9.85
N ASP D 6 31.83 -0.96 -8.83
CA ASP D 6 33.23 -1.32 -8.76
C ASP D 6 33.57 -2.22 -9.95
N PRO D 7 34.71 -2.00 -10.62
CA PRO D 7 35.02 -2.83 -11.79
C PRO D 7 35.15 -4.31 -11.49
N ALA D 8 35.53 -4.68 -10.27
CA ALA D 8 35.88 -6.07 -10.01
C ALA D 8 35.73 -6.41 -8.53
N VAL D 9 35.29 -7.62 -8.26
CA VAL D 9 35.27 -8.18 -6.92
C VAL D 9 35.55 -9.67 -7.05
N SER D 10 36.17 -10.25 -6.01
CA SER D 10 36.45 -11.68 -6.01
C SER D 10 35.86 -12.33 -4.78
N VAL D 11 35.63 -13.64 -4.89
CA VAL D 11 35.04 -14.43 -3.83
C VAL D 11 35.66 -15.81 -3.88
N ALA D 12 35.87 -16.41 -2.71
CA ALA D 12 36.32 -17.78 -2.64
C ALA D 12 35.14 -18.74 -2.72
N LEU D 13 35.40 -19.94 -3.24
CA LEU D 13 34.38 -20.96 -3.31
C LEU D 13 33.63 -21.10 -1.99
N GLY D 14 32.29 -21.07 -2.06
CA GLY D 14 31.46 -21.28 -0.89
C GLY D 14 31.23 -20.07 -0.03
N GLN D 15 31.93 -18.95 -0.28
CA GLN D 15 31.78 -17.77 0.54
C GLN D 15 30.68 -16.87 -0.02
N THR D 16 30.40 -15.81 0.71
CA THR D 16 29.39 -14.84 0.35
C THR D 16 30.05 -13.57 -0.17
N VAL D 17 29.48 -13.02 -1.24
CA VAL D 17 30.01 -11.80 -1.85
C VAL D 17 28.85 -10.85 -2.14
N ARG D 18 29.13 -9.55 -2.03
CA ARG D 18 28.17 -8.51 -2.33
C ARG D 18 28.72 -7.64 -3.46
N ILE D 19 27.89 -7.41 -4.47
CA ILE D 19 28.21 -6.53 -5.58
C ILE D 19 27.30 -5.31 -5.48
N THR D 20 27.88 -4.13 -5.55
CA THR D 20 27.15 -2.90 -5.26
C THR D 20 27.05 -2.01 -6.49
N CYS D 21 25.93 -1.30 -6.53
CA CYS D 21 25.55 -0.36 -7.58
C CYS D 21 25.17 0.93 -6.90
N GLN D 22 25.64 2.07 -7.43
CA GLN D 22 25.45 3.33 -6.73
C GLN D 22 25.07 4.47 -7.67
N GLY D 23 24.11 5.28 -7.23
CA GLY D 23 23.67 6.44 -7.97
C GLY D 23 22.46 7.08 -7.32
N ASP D 24 22.31 8.39 -7.49
CA ASP D 24 21.25 9.11 -6.78
C ASP D 24 19.87 8.60 -7.15
N SER D 25 19.69 8.09 -8.37
CA SER D 25 18.39 7.57 -8.77
C SER D 25 17.97 6.38 -7.92
N LEU D 26 18.92 5.67 -7.33
CA LEU D 26 18.59 4.52 -6.50
C LEU D 26 17.96 4.92 -5.17
N ARG D 27 17.99 6.21 -4.82
CA ARG D 27 17.21 6.67 -3.69
C ARG D 27 15.71 6.64 -3.99
N SER D 28 15.34 6.66 -5.27
CA SER D 28 13.95 6.70 -5.69
C SER D 28 13.46 5.42 -6.35
N TYR D 29 14.36 4.61 -6.91
CA TYR D 29 13.97 3.45 -7.68
C TYR D 29 14.76 2.22 -7.26
N TYR D 30 14.13 1.06 -7.42
CA TYR D 30 14.82 -0.21 -7.28
C TYR D 30 15.69 -0.48 -8.50
N ALA D 31 16.61 -1.41 -8.36
CA ALA D 31 17.50 -1.81 -9.43
C ALA D 31 17.23 -3.27 -9.79
N SER D 32 17.41 -3.59 -11.05
CA SER D 32 17.46 -4.97 -11.51
C SER D 32 18.90 -5.35 -11.77
N TRP D 33 19.16 -6.66 -11.77
CA TRP D 33 20.51 -7.20 -11.86
C TRP D 33 20.58 -8.26 -12.96
N TYR D 34 21.72 -8.27 -13.66
CA TYR D 34 21.93 -9.13 -14.82
C TYR D 34 23.28 -9.83 -14.70
N GLN D 35 23.30 -11.11 -15.07
CA GLN D 35 24.52 -11.91 -15.14
C GLN D 35 24.88 -12.15 -16.59
N GLN D 36 26.16 -11.98 -16.93
CA GLN D 36 26.63 -12.24 -18.28
C GLN D 36 27.94 -12.99 -18.25
N LYS D 37 27.94 -14.20 -18.80
CA LYS D 37 29.15 -14.99 -18.95
C LYS D 37 29.80 -14.75 -20.30
N PRO D 38 31.09 -15.05 -20.44
CA PRO D 38 31.78 -14.75 -21.70
C PRO D 38 31.11 -15.41 -22.90
N GLY D 39 30.98 -14.66 -23.98
CA GLY D 39 30.38 -15.17 -25.19
C GLY D 39 28.90 -15.43 -25.11
N GLN D 40 28.23 -15.02 -24.04
CA GLN D 40 26.80 -15.25 -23.86
C GLN D 40 26.09 -13.92 -23.67
N ALA D 41 24.77 -13.96 -23.89
CA ALA D 41 23.93 -12.81 -23.64
C ALA D 41 23.62 -12.70 -22.14
N PRO D 42 23.22 -11.52 -21.69
CA PRO D 42 22.86 -11.37 -20.27
C PRO D 42 21.59 -12.15 -19.93
N VAL D 43 21.45 -12.43 -18.63
CA VAL D 43 20.25 -13.04 -18.08
C VAL D 43 19.84 -12.26 -16.84
N LEU D 44 18.53 -12.08 -16.65
CA LEU D 44 17.99 -11.38 -15.49
C LEU D 44 18.12 -12.26 -14.24
N VAL D 45 18.68 -11.69 -13.18
CA VAL D 45 18.87 -12.40 -11.91
C VAL D 45 17.95 -11.86 -10.81
N ILE D 46 17.76 -10.55 -10.75
CA ILE D 46 16.92 -9.91 -9.74
C ILE D 46 16.17 -8.77 -10.40
N TYR D 47 14.89 -8.63 -10.08
CA TYR D 47 14.12 -7.45 -10.49
C TYR D 47 13.30 -6.96 -9.31
N GLY D 48 12.94 -5.67 -9.36
CA GLY D 48 12.18 -5.07 -8.28
C GLY D 48 12.95 -5.16 -6.97
N LYS D 49 12.21 -5.48 -5.91
CA LYS D 49 12.78 -5.62 -4.56
C LYS D 49 12.99 -7.10 -4.26
N ASN D 50 14.14 -7.62 -4.69
CA ASN D 50 14.58 -8.97 -4.35
C ASN D 50 13.70 -10.05 -4.98
N ASN D 51 13.17 -9.80 -6.18
CA ASN D 51 12.40 -10.80 -6.89
C ASN D 51 13.32 -11.61 -7.79
N ARG D 52 13.28 -12.93 -7.66
CA ARG D 52 14.10 -13.81 -8.47
C ARG D 52 13.23 -14.46 -9.53
N PRO D 53 13.60 -14.40 -10.81
CA PRO D 53 12.87 -15.18 -11.81
C PRO D 53 12.98 -16.67 -11.56
N SER D 54 12.07 -17.43 -12.15
CA SER D 54 12.17 -18.88 -12.11
C SER D 54 13.46 -19.31 -12.79
N GLY D 55 14.15 -20.28 -12.19
CA GLY D 55 15.43 -20.71 -12.69
C GLY D 55 16.62 -20.01 -12.07
N ILE D 56 16.39 -18.94 -11.31
CA ILE D 56 17.44 -18.27 -10.55
C ILE D 56 17.40 -18.79 -9.12
N PRO D 57 18.46 -19.41 -8.61
CA PRO D 57 18.40 -20.04 -7.30
C PRO D 57 18.35 -19.02 -6.17
N ASP D 58 18.01 -19.53 -4.99
CA ASP D 58 17.78 -18.68 -3.82
C ASP D 58 19.03 -17.91 -3.40
N ARG D 59 20.22 -18.42 -3.73
CA ARG D 59 21.44 -17.84 -3.20
C ARG D 59 21.75 -16.47 -3.78
N PHE D 60 21.05 -16.07 -4.85
CA PHE D 60 21.10 -14.69 -5.33
C PHE D 60 19.98 -13.88 -4.66
N SER D 61 20.35 -12.74 -4.06
CA SER D 61 19.37 -11.90 -3.40
C SER D 61 19.72 -10.44 -3.64
N GLY D 62 18.70 -9.58 -3.57
CA GLY D 62 18.86 -8.16 -3.79
C GLY D 62 18.46 -7.37 -2.56
N SER D 63 19.11 -6.22 -2.38
CA SER D 63 18.78 -5.31 -1.28
C SER D 63 19.16 -3.90 -1.70
N SER D 64 18.87 -2.93 -0.83
CA SER D 64 19.14 -1.54 -1.14
C SER D 64 19.26 -0.75 0.15
N SER D 65 20.10 0.28 0.12
CA SER D 65 20.26 1.20 1.24
C SER D 65 20.88 2.49 0.73
N GLY D 66 20.33 3.61 1.19
CA GLY D 66 20.80 4.90 0.70
C GLY D 66 20.69 4.96 -0.81
N ASN D 67 21.76 5.42 -1.46
CA ASN D 67 21.79 5.50 -2.91
C ASN D 67 22.48 4.29 -3.53
N THR D 68 22.47 3.15 -2.83
CA THR D 68 23.12 1.94 -3.32
C THR D 68 22.10 0.81 -3.44
N ALA D 69 22.36 -0.07 -4.40
CA ALA D 69 21.68 -1.35 -4.52
C ALA D 69 22.72 -2.45 -4.56
N SER D 70 22.38 -3.60 -4.00
CA SER D 70 23.36 -4.68 -3.86
C SER D 70 22.80 -6.01 -4.30
N LEU D 71 23.62 -6.77 -5.03
CA LEU D 71 23.38 -8.17 -5.32
C LEU D 71 24.28 -9.00 -4.42
N THR D 72 23.69 -9.89 -3.63
CA THR D 72 24.44 -10.75 -2.73
C THR D 72 24.34 -12.18 -3.23
N ILE D 73 25.49 -12.85 -3.31
CA ILE D 73 25.57 -14.26 -3.69
C ILE D 73 26.14 -15.01 -2.50
N THR D 74 25.35 -15.93 -1.94
CA THR D 74 25.79 -16.79 -0.86
C THR D 74 26.27 -18.12 -1.44
N GLY D 75 27.29 -18.68 -0.81
CA GLY D 75 27.80 -19.97 -1.25
C GLY D 75 28.23 -19.94 -2.70
N ALA D 76 29.17 -19.05 -3.02
CA ALA D 76 29.61 -18.86 -4.39
C ALA D 76 30.05 -20.17 -5.01
N GLN D 77 29.62 -20.41 -6.26
CA GLN D 77 30.02 -21.56 -7.03
C GLN D 77 30.80 -21.10 -8.26
N ALA D 78 31.58 -22.02 -8.83
CA ALA D 78 32.40 -21.68 -9.98
C ALA D 78 31.57 -21.10 -11.11
N GLU D 79 30.34 -21.62 -11.30
CA GLU D 79 29.49 -21.15 -12.37
C GLU D 79 28.96 -19.73 -12.14
N ASP D 80 29.20 -19.16 -10.97
CA ASP D 80 28.78 -17.79 -10.69
C ASP D 80 29.77 -16.76 -11.23
N GLU D 81 30.95 -17.20 -11.68
CA GLU D 81 31.92 -16.27 -12.25
C GLU D 81 31.36 -15.66 -13.53
N ALA D 82 31.25 -14.34 -13.57
CA ALA D 82 30.58 -13.65 -14.66
C ALA D 82 30.71 -12.16 -14.42
N ASP D 83 30.26 -11.38 -15.40
CA ASP D 83 30.06 -9.95 -15.23
C ASP D 83 28.63 -9.70 -14.76
N TYR D 84 28.47 -8.80 -13.81
CA TYR D 84 27.16 -8.47 -13.25
C TYR D 84 26.88 -6.99 -13.47
N TYR D 85 25.67 -6.68 -13.95
CA TYR D 85 25.26 -5.33 -14.25
C TYR D 85 23.98 -5.00 -13.49
N CYS D 86 23.89 -3.78 -12.98
CA CYS D 86 22.66 -3.23 -12.45
C CYS D 86 22.02 -2.30 -13.47
N SER D 87 20.69 -2.13 -13.35
CA SER D 87 19.96 -1.21 -14.20
C SER D 87 18.84 -0.55 -13.41
N SER D 88 18.61 0.73 -13.69
CA SER D 88 17.51 1.46 -13.09
C SER D 88 17.24 2.70 -13.93
N ARG D 89 16.40 3.59 -13.42
CA ARG D 89 16.21 4.90 -14.01
C ARG D 89 17.46 5.75 -13.84
N ASP D 90 17.65 6.71 -14.75
CA ASP D 90 18.78 7.63 -14.61
C ASP D 90 18.45 8.80 -13.68
N LYS D 91 17.19 9.25 -13.67
CA LYS D 91 16.78 10.38 -12.85
C LYS D 91 15.34 10.17 -12.42
N SER D 92 14.96 10.86 -11.34
CA SER D 92 13.58 10.85 -10.90
C SER D 92 12.67 11.41 -12.00
N GLY D 93 11.58 10.70 -12.28
CA GLY D 93 10.66 11.11 -13.31
C GLY D 93 11.08 10.76 -14.72
N SER D 94 12.27 10.19 -14.90
CA SER D 94 12.77 9.91 -16.24
C SER D 94 12.00 8.76 -16.88
N ARG D 95 11.89 8.82 -18.20
CA ARG D 95 11.37 7.70 -18.99
C ARG D 95 12.47 6.84 -19.57
N LEU D 96 13.73 7.10 -19.23
CA LEU D 96 14.86 6.36 -19.76
C LEU D 96 15.37 5.32 -18.77
N SER D 97 16.21 4.42 -19.27
CA SER D 97 16.86 3.42 -18.44
C SER D 97 18.37 3.51 -18.66
N VAL D 98 19.13 3.11 -17.64
CA VAL D 98 20.59 3.09 -17.72
C VAL D 98 21.12 1.86 -17.02
N PHE D 99 22.37 1.50 -17.37
CA PHE D 99 23.09 0.42 -16.74
C PHE D 99 24.28 0.97 -15.96
N GLY D 100 24.61 0.31 -14.85
CA GLY D 100 25.91 0.49 -14.25
C GLY D 100 27.00 -0.06 -15.16
N GLY D 101 28.24 0.30 -14.83
CA GLY D 101 29.37 -0.06 -15.67
C GLY D 101 29.75 -1.53 -15.64
N GLY D 102 29.15 -2.32 -14.77
CA GLY D 102 29.45 -3.74 -14.69
C GLY D 102 30.55 -4.03 -13.68
N THR D 103 30.43 -5.20 -13.05
CA THR D 103 31.42 -5.72 -12.12
C THR D 103 31.83 -7.12 -12.56
N LYS D 104 33.13 -7.34 -12.72
CA LYS D 104 33.66 -8.67 -12.98
C LYS D 104 33.78 -9.43 -11.66
N LEU D 105 32.98 -10.47 -11.48
CA LEU D 105 33.08 -11.32 -10.30
C LEU D 105 33.99 -12.50 -10.64
N THR D 106 35.10 -12.62 -9.92
CA THR D 106 35.99 -13.76 -10.05
C THR D 106 35.75 -14.70 -8.89
N VAL D 107 35.49 -15.96 -9.20
CA VAL D 107 35.43 -17.01 -8.19
C VAL D 107 36.81 -17.65 -8.15
N LEU D 108 37.54 -17.41 -7.07
CA LEU D 108 38.97 -17.65 -7.05
C LEU D 108 39.29 -19.11 -7.35
N SER D 109 40.11 -19.34 -8.38
CA SER D 109 40.51 -20.68 -8.76
C SER D 109 42.01 -20.81 -9.00
N GLN D 110 42.79 -19.75 -8.78
CA GLN D 110 44.24 -19.83 -8.80
C GLN D 110 44.76 -18.71 -7.90
N PRO D 111 46.04 -18.75 -7.57
CA PRO D 111 46.60 -17.71 -6.69
C PRO D 111 46.44 -16.32 -7.30
N LYS D 112 46.19 -15.36 -6.42
CA LYS D 112 46.30 -13.96 -6.82
C LYS D 112 47.73 -13.66 -7.28
N ALA D 113 47.84 -12.91 -8.36
CA ALA D 113 49.13 -12.61 -8.97
C ALA D 113 49.16 -11.15 -9.37
N ALA D 114 50.21 -10.45 -8.97
CA ALA D 114 50.36 -9.05 -9.29
C ALA D 114 50.89 -8.87 -10.71
N PRO D 115 50.50 -7.80 -11.39
CA PRO D 115 50.88 -7.65 -12.80
C PRO D 115 52.33 -7.23 -12.98
N SER D 116 52.93 -7.72 -14.06
CA SER D 116 54.13 -7.13 -14.61
C SER D 116 53.72 -6.06 -15.61
N VAL D 117 54.38 -4.91 -15.54
CA VAL D 117 54.06 -3.78 -16.39
C VAL D 117 55.32 -3.33 -17.10
N THR D 118 55.22 -3.17 -18.42
CA THR D 118 56.30 -2.61 -19.22
C THR D 118 55.70 -1.48 -20.06
N LEU D 119 56.34 -0.31 -19.99
CA LEU D 119 55.91 0.85 -20.76
C LEU D 119 56.92 1.12 -21.86
N PHE D 120 56.47 1.05 -23.11
CA PHE D 120 57.32 1.29 -24.27
C PHE D 120 57.13 2.70 -24.78
N PRO D 121 58.20 3.47 -24.96
CA PRO D 121 58.06 4.78 -25.61
C PRO D 121 57.79 4.61 -27.08
N PRO D 122 57.40 5.67 -27.79
CA PRO D 122 57.30 5.59 -29.25
C PRO D 122 58.63 5.13 -29.84
N SER D 123 58.55 4.19 -30.79
CA SER D 123 59.74 3.78 -31.49
C SER D 123 60.20 4.90 -32.43
N SER D 124 61.51 4.96 -32.65
CA SER D 124 62.03 5.92 -33.62
C SER D 124 61.40 5.70 -34.99
N GLU D 125 61.14 4.44 -35.34
CA GLU D 125 60.53 4.16 -36.64
C GLU D 125 59.14 4.74 -36.75
N GLU D 126 58.35 4.68 -35.66
CA GLU D 126 57.01 5.24 -35.72
C GLU D 126 57.06 6.76 -35.81
N LEU D 127 58.00 7.39 -35.10
CA LEU D 127 58.15 8.83 -35.20
C LEU D 127 58.48 9.26 -36.62
N GLN D 128 59.24 8.44 -37.34
CA GLN D 128 59.51 8.73 -38.76
C GLN D 128 58.23 8.67 -39.59
N ALA D 129 57.25 7.89 -39.16
CA ALA D 129 55.94 7.87 -39.79
C ALA D 129 55.02 8.98 -39.27
N ASN D 130 55.57 9.92 -38.48
CA ASN D 130 54.82 11.07 -37.98
C ASN D 130 53.72 10.68 -37.00
N LYS D 131 53.91 9.56 -36.29
CA LYS D 131 53.00 9.14 -35.24
C LYS D 131 53.80 8.80 -33.99
N ALA D 132 53.11 8.72 -32.86
CA ALA D 132 53.76 8.45 -31.58
C ALA D 132 52.78 7.73 -30.68
N THR D 133 53.07 6.47 -30.35
CA THR D 133 52.21 5.66 -29.49
C THR D 133 53.03 5.18 -28.31
N LEU D 134 52.57 5.52 -27.11
CA LEU D 134 53.07 4.88 -25.89
C LEU D 134 52.27 3.60 -25.67
N VAL D 135 52.96 2.50 -25.39
CA VAL D 135 52.35 1.18 -25.28
C VAL D 135 52.63 0.66 -23.89
N CYS D 136 51.58 0.50 -23.09
CA CYS D 136 51.67 -0.03 -21.74
C CYS D 136 51.13 -1.44 -21.73
N LEU D 137 52.01 -2.42 -21.60
CA LEU D 137 51.64 -3.83 -21.60
C LEU D 137 51.66 -4.38 -20.20
N ILE D 138 50.64 -5.15 -19.86
CA ILE D 138 50.37 -5.60 -18.51
C ILE D 138 50.09 -7.10 -18.58
N SER D 139 50.80 -7.90 -17.79
CA SER D 139 50.70 -9.34 -17.97
C SER D 139 50.81 -10.07 -16.65
N ASP D 140 50.36 -11.33 -16.68
CA ASP D 140 50.59 -12.31 -15.61
C ASP D 140 49.91 -11.90 -14.31
N PHE D 141 48.68 -11.42 -14.39
CA PHE D 141 47.93 -11.02 -13.21
C PHE D 141 46.66 -11.83 -13.07
N TYR D 142 46.22 -11.97 -11.83
CA TYR D 142 44.98 -12.64 -11.48
C TYR D 142 44.54 -12.10 -10.13
N PRO D 143 43.24 -11.79 -9.96
CA PRO D 143 42.14 -11.85 -10.93
C PRO D 143 42.34 -10.93 -12.12
N GLY D 144 41.57 -11.19 -13.18
CA GLY D 144 41.74 -10.51 -14.44
C GLY D 144 41.02 -9.17 -14.52
N ALA D 145 41.45 -8.22 -13.72
CA ALA D 145 40.84 -6.90 -13.73
C ALA D 145 41.88 -5.87 -13.29
N VAL D 146 42.05 -4.82 -14.09
CA VAL D 146 42.93 -3.72 -13.74
C VAL D 146 42.28 -2.43 -14.21
N THR D 147 42.69 -1.33 -13.59
CA THR D 147 42.38 0.00 -14.07
C THR D 147 43.69 0.68 -14.44
N VAL D 148 43.68 1.45 -15.52
CA VAL D 148 44.87 2.06 -16.06
C VAL D 148 44.66 3.57 -16.13
N ALA D 149 45.65 4.32 -15.64
CA ALA D 149 45.62 5.77 -15.70
C ALA D 149 46.94 6.26 -16.28
N TRP D 150 46.85 7.26 -17.15
CA TRP D 150 48.02 7.83 -17.80
C TRP D 150 48.34 9.20 -17.21
N LYS D 151 49.62 9.55 -17.21
CA LYS D 151 50.08 10.83 -16.70
C LYS D 151 51.07 11.45 -17.67
N ALA D 152 51.01 12.78 -17.77
CA ALA D 152 52.02 13.55 -18.50
C ALA D 152 52.53 14.64 -17.57
N ASP D 153 53.83 14.63 -17.29
CA ASP D 153 54.42 15.57 -16.35
C ASP D 153 53.72 15.51 -14.99
N SER D 154 53.32 14.30 -14.59
CA SER D 154 52.64 14.02 -13.33
C SER D 154 51.18 14.48 -13.34
N SER D 155 50.65 15.00 -14.49
CA SER D 155 49.26 15.42 -14.55
C SER D 155 48.42 14.38 -15.28
N PRO D 156 47.15 14.19 -14.90
CA PRO D 156 46.32 13.19 -15.57
C PRO D 156 46.13 13.51 -17.05
N VAL D 157 46.07 12.46 -17.85
CA VAL D 157 45.82 12.54 -19.29
C VAL D 157 44.51 11.82 -19.58
N LYS D 158 43.61 12.49 -20.29
CA LYS D 158 42.29 11.93 -20.63
C LYS D 158 42.25 11.40 -22.06
N ALA D 159 42.52 12.27 -23.04
CA ALA D 159 42.29 11.94 -24.43
C ALA D 159 43.43 11.10 -25.00
N GLY D 160 43.11 10.38 -26.07
CA GLY D 160 44.10 9.57 -26.76
C GLY D 160 44.41 8.25 -26.09
N VAL D 161 43.57 7.79 -25.16
CA VAL D 161 43.81 6.55 -24.42
C VAL D 161 42.86 5.49 -24.94
N GLU D 162 43.39 4.29 -25.20
CA GLU D 162 42.60 3.13 -25.53
C GLU D 162 43.15 1.93 -24.76
N THR D 163 42.27 1.15 -24.15
CA THR D 163 42.69 0.06 -23.28
C THR D 163 41.85 -1.18 -23.59
N THR D 164 42.51 -2.33 -23.69
CA THR D 164 41.82 -3.58 -23.96
C THR D 164 41.36 -4.23 -22.66
N THR D 165 40.21 -4.87 -22.71
CA THR D 165 39.74 -5.65 -21.58
C THR D 165 40.65 -6.86 -21.38
N PRO D 166 40.99 -7.20 -20.14
CA PRO D 166 41.92 -8.31 -19.92
C PRO D 166 41.40 -9.61 -20.53
N SER D 167 42.33 -10.41 -21.05
CA SER D 167 41.99 -11.72 -21.58
C SER D 167 43.09 -12.72 -21.19
N LYS D 168 42.76 -14.00 -21.35
CA LYS D 168 43.59 -15.08 -20.81
C LYS D 168 44.85 -15.29 -21.63
N GLN D 169 45.95 -15.54 -20.91
CA GLN D 169 47.21 -15.96 -21.49
C GLN D 169 47.23 -17.48 -21.64
N SER D 170 48.28 -17.97 -22.29
CA SER D 170 48.46 -19.42 -22.44
C SER D 170 48.57 -20.11 -21.09
N ASN D 171 49.21 -19.46 -20.11
CA ASN D 171 49.36 -20.05 -18.78
C ASN D 171 48.16 -19.78 -17.87
N ASN D 172 47.08 -19.22 -18.41
CA ASN D 172 45.78 -19.05 -17.76
C ASN D 172 45.71 -17.86 -16.81
N LYS D 173 46.77 -17.05 -16.69
CA LYS D 173 46.64 -15.74 -16.06
C LYS D 173 46.12 -14.74 -17.09
N TYR D 174 46.04 -13.47 -16.72
CA TYR D 174 45.48 -12.43 -17.58
C TYR D 174 46.54 -11.43 -18.03
N ALA D 175 46.26 -10.81 -19.17
CA ALA D 175 47.05 -9.71 -19.69
C ALA D 175 46.12 -8.64 -20.23
N ALA D 176 46.61 -7.40 -20.26
CA ALA D 176 45.88 -6.29 -20.85
C ALA D 176 46.87 -5.32 -21.47
N SER D 177 46.36 -4.47 -22.36
CA SER D 177 47.18 -3.49 -23.04
C SER D 177 46.49 -2.14 -23.03
N SER D 178 47.29 -1.08 -22.96
CA SER D 178 46.78 0.28 -23.03
C SER D 178 47.69 1.11 -23.91
N TYR D 179 47.09 2.05 -24.63
CA TYR D 179 47.80 2.88 -25.60
C TYR D 179 47.50 4.34 -25.33
N LEU D 180 48.53 5.18 -25.41
CA LEU D 180 48.38 6.63 -25.39
C LEU D 180 48.89 7.15 -26.72
N SER D 181 47.98 7.68 -27.54
CA SER D 181 48.34 8.21 -28.85
C SER D 181 48.64 9.70 -28.76
N LEU D 182 49.80 10.08 -29.26
CA LEU D 182 50.25 11.47 -29.27
C LEU D 182 50.81 11.80 -30.64
N THR D 183 50.89 13.10 -30.93
CA THR D 183 51.68 13.53 -32.06
C THR D 183 53.14 13.58 -31.64
N PRO D 184 54.08 13.50 -32.59
CA PRO D 184 55.50 13.60 -32.20
C PRO D 184 55.82 14.86 -31.43
N GLU D 185 55.14 15.97 -31.73
CA GLU D 185 55.42 17.23 -31.02
C GLU D 185 55.02 17.13 -29.55
N GLN D 186 53.87 16.51 -29.26
CA GLN D 186 53.45 16.31 -27.88
C GLN D 186 54.46 15.43 -27.14
N TRP D 187 54.87 14.34 -27.76
CA TRP D 187 55.83 13.42 -27.13
C TRP D 187 57.10 14.16 -26.72
N LYS D 188 57.60 15.05 -27.58
CA LYS D 188 58.83 15.76 -27.30
C LYS D 188 58.62 16.98 -26.40
N SER D 189 57.38 17.41 -26.19
CA SER D 189 57.12 18.63 -25.44
C SER D 189 57.05 18.42 -23.93
N HIS D 190 56.83 17.20 -23.48
CA HIS D 190 56.72 16.90 -22.06
C HIS D 190 58.00 16.25 -21.55
N ARG D 191 58.17 16.29 -20.24
CA ARG D 191 59.36 15.75 -19.58
C ARG D 191 59.25 14.26 -19.32
N SER D 192 58.05 13.79 -18.98
CA SER D 192 57.85 12.39 -18.64
C SER D 192 56.41 12.01 -18.94
N TYR D 193 56.22 10.72 -19.21
CA TYR D 193 54.90 10.11 -19.33
C TYR D 193 54.91 8.86 -18.47
N SER D 194 53.75 8.54 -17.88
CA SER D 194 53.67 7.41 -16.96
C SER D 194 52.39 6.63 -17.19
N CYS D 195 52.49 5.32 -17.00
CA CYS D 195 51.36 4.40 -17.01
C CYS D 195 51.18 3.86 -15.59
N GLN D 196 50.01 4.09 -15.00
CA GLN D 196 49.70 3.64 -13.65
C GLN D 196 48.67 2.52 -13.73
N VAL D 197 49.01 1.38 -13.13
CA VAL D 197 48.18 0.18 -13.19
C VAL D 197 47.78 -0.19 -11.77
N THR D 198 46.47 -0.27 -11.54
CA THR D 198 45.92 -0.66 -10.25
C THR D 198 45.34 -2.06 -10.36
N HIS D 199 45.72 -2.92 -9.42
CA HIS D 199 45.26 -4.31 -9.38
C HIS D 199 45.07 -4.68 -7.92
N GLU D 200 43.84 -5.10 -7.57
CA GLU D 200 43.52 -5.49 -6.20
C GLU D 200 43.94 -4.42 -5.19
N GLY D 201 43.61 -3.16 -5.51
CA GLY D 201 43.84 -2.06 -4.61
C GLY D 201 45.27 -1.58 -4.49
N SER D 202 46.21 -2.18 -5.23
CA SER D 202 47.60 -1.75 -5.22
C SER D 202 47.97 -1.21 -6.59
N THR D 203 48.74 -0.11 -6.61
CA THR D 203 49.08 0.58 -7.85
C THR D 203 50.58 0.54 -8.07
N VAL D 204 50.97 0.28 -9.32
CA VAL D 204 52.35 0.38 -9.75
C VAL D 204 52.43 1.36 -10.91
N GLU D 205 53.59 2.01 -11.06
CA GLU D 205 53.78 3.03 -12.07
C GLU D 205 55.08 2.80 -12.82
N LYS D 206 55.01 2.93 -14.15
CA LYS D 206 56.18 2.97 -15.01
C LYS D 206 56.20 4.30 -15.74
N THR D 207 57.41 4.82 -15.96
CA THR D 207 57.61 6.14 -16.53
C THR D 207 58.67 6.07 -17.63
N VAL D 208 58.46 6.86 -18.69
CA VAL D 208 59.44 7.00 -19.76
C VAL D 208 59.64 8.49 -20.03
N ALA D 209 60.80 8.80 -20.61
CA ALA D 209 61.19 10.19 -20.87
C ALA D 209 61.74 10.30 -22.29
N PRO D 210 61.33 11.30 -23.07
CA PRO D 210 61.88 11.43 -24.43
C PRO D 210 63.39 11.60 -24.47
N THR D 211 64.00 12.17 -23.42
CA THR D 211 65.43 12.43 -23.45
C THR D 211 66.23 11.14 -23.29
N GLU D 212 65.69 10.14 -22.60
CA GLU D 212 66.41 8.91 -22.34
C GLU D 212 65.96 7.80 -23.31
N GLU E 1 -18.30 21.22 -17.62
CA GLU E 1 -18.19 21.21 -19.10
C GLU E 1 -18.45 19.82 -19.66
N VAL E 2 -18.51 18.80 -18.79
CA VAL E 2 -18.93 17.48 -19.25
C VAL E 2 -20.40 17.56 -19.65
N GLN E 3 -20.71 17.06 -20.85
CA GLN E 3 -22.08 17.01 -21.33
C GLN E 3 -22.38 15.63 -21.88
N LEU E 4 -23.52 15.08 -21.47
CA LEU E 4 -24.04 13.83 -21.99
C LEU E 4 -25.52 14.05 -22.31
N VAL E 5 -25.94 13.69 -23.52
CA VAL E 5 -27.32 13.90 -23.95
C VAL E 5 -27.83 12.65 -24.65
N GLU E 6 -28.82 12.00 -24.05
CA GLU E 6 -29.40 10.78 -24.60
C GLU E 6 -30.57 11.12 -25.51
N SER E 7 -30.75 10.29 -26.54
CA SER E 7 -31.87 10.45 -27.47
C SER E 7 -32.27 9.08 -28.01
N GLY E 8 -33.44 9.05 -28.65
CA GLY E 8 -33.93 7.86 -29.30
C GLY E 8 -35.11 7.20 -28.62
N GLY E 9 -35.43 7.59 -27.40
CA GLY E 9 -36.51 6.95 -26.67
C GLY E 9 -37.86 7.25 -27.29
N GLY E 10 -38.77 6.28 -27.14
CA GLY E 10 -40.12 6.46 -27.61
C GLY E 10 -40.94 5.23 -27.30
N LEU E 11 -42.15 5.21 -27.85
CA LEU E 11 -43.04 4.06 -27.70
C LEU E 11 -42.68 2.98 -28.71
N VAL E 12 -42.51 1.76 -28.22
CA VAL E 12 -42.10 0.64 -29.05
C VAL E 12 -42.86 -0.60 -28.60
N LYS E 13 -43.12 -1.51 -29.52
CA LYS E 13 -43.91 -2.66 -29.15
C LYS E 13 -43.04 -3.77 -28.56
N PRO E 14 -43.60 -4.57 -27.65
CA PRO E 14 -42.85 -5.72 -27.13
C PRO E 14 -42.35 -6.61 -28.25
N GLY E 15 -41.16 -7.17 -28.06
CA GLY E 15 -40.48 -7.92 -29.10
C GLY E 15 -39.74 -7.07 -30.09
N GLY E 16 -39.93 -5.75 -30.07
CA GLY E 16 -39.27 -4.87 -31.01
C GLY E 16 -37.87 -4.47 -30.57
N SER E 17 -37.20 -3.75 -31.46
CA SER E 17 -35.85 -3.25 -31.26
C SER E 17 -35.85 -1.73 -31.28
N LEU E 18 -34.89 -1.13 -30.58
CA LEU E 18 -34.76 0.32 -30.51
C LEU E 18 -33.33 0.65 -30.14
N ARG E 19 -32.73 1.62 -30.82
CA ARG E 19 -31.36 2.06 -30.53
C ARG E 19 -31.38 3.44 -29.88
N LEU E 20 -30.79 3.55 -28.71
CA LEU E 20 -30.58 4.82 -28.05
C LEU E 20 -29.18 5.34 -28.35
N SER E 21 -29.05 6.66 -28.37
CA SER E 21 -27.77 7.32 -28.57
C SER E 21 -27.47 8.23 -27.39
N CYS E 22 -26.19 8.34 -27.06
CA CYS E 22 -25.70 9.26 -26.04
C CYS E 22 -24.58 10.07 -26.66
N ALA E 23 -24.82 11.35 -26.92
CA ALA E 23 -23.83 12.23 -27.52
C ALA E 23 -23.09 12.99 -26.41
N ALA E 24 -21.76 12.98 -26.48
CA ALA E 24 -20.91 13.43 -25.39
C ALA E 24 -19.96 14.53 -25.85
N SER E 25 -19.56 15.37 -24.90
CA SER E 25 -18.51 16.34 -25.11
C SER E 25 -17.96 16.76 -23.75
N GLY E 26 -16.83 17.48 -23.78
CA GLY E 26 -16.24 18.01 -22.57
C GLY E 26 -15.29 17.08 -21.86
N PHE E 27 -14.99 15.92 -22.45
CA PHE E 27 -13.98 15.02 -21.93
C PHE E 27 -13.44 14.20 -23.09
N THR E 28 -12.29 13.57 -22.87
CA THR E 28 -11.71 12.72 -23.90
C THR E 28 -12.52 11.43 -24.00
N PHE E 29 -13.47 11.40 -24.92
CA PHE E 29 -14.42 10.29 -24.99
C PHE E 29 -13.72 8.96 -25.14
N SER E 30 -12.73 8.89 -26.04
CA SER E 30 -12.10 7.62 -26.38
C SER E 30 -11.45 6.94 -25.17
N ASN E 31 -11.10 7.71 -24.14
CA ASN E 31 -10.44 7.16 -22.96
C ASN E 31 -11.42 6.93 -21.81
N ALA E 32 -12.71 7.15 -22.03
CA ALA E 32 -13.70 7.03 -20.97
C ALA E 32 -14.39 5.67 -21.03
N TRP E 33 -14.62 5.08 -19.86
CA TRP E 33 -15.61 4.02 -19.73
C TRP E 33 -16.99 4.64 -19.68
N MET E 34 -17.96 3.94 -20.27
CA MET E 34 -19.31 4.49 -20.42
C MET E 34 -20.33 3.41 -20.05
N SER E 35 -21.34 3.82 -19.29
CA SER E 35 -22.37 2.90 -18.80
C SER E 35 -23.75 3.41 -19.14
N TRP E 36 -24.70 2.48 -19.13
CA TRP E 36 -26.12 2.80 -19.19
C TRP E 36 -26.77 2.38 -17.87
N VAL E 37 -27.64 3.25 -17.36
CA VAL E 37 -28.42 3.01 -16.15
C VAL E 37 -29.86 3.41 -16.46
N ARG E 38 -30.83 2.66 -15.94
CA ARG E 38 -32.23 2.96 -16.22
C ARG E 38 -33.01 3.09 -14.92
N GLN E 39 -34.21 3.67 -15.06
CA GLN E 39 -35.05 3.96 -13.90
C GLN E 39 -36.51 3.92 -14.36
N ALA E 40 -37.24 2.90 -13.94
CA ALA E 40 -38.66 2.86 -14.21
C ALA E 40 -39.37 4.01 -13.49
N PRO E 41 -40.46 4.53 -14.04
CA PRO E 41 -41.14 5.66 -13.41
C PRO E 41 -41.46 5.39 -11.95
N GLY E 42 -41.00 6.29 -11.08
CA GLY E 42 -41.24 6.17 -9.65
C GLY E 42 -40.41 5.15 -8.93
N LYS E 43 -39.50 4.45 -9.62
CA LYS E 43 -38.75 3.35 -9.04
C LYS E 43 -37.27 3.73 -8.93
N GLY E 44 -36.44 2.74 -8.59
CA GLY E 44 -35.03 2.99 -8.33
C GLY E 44 -34.15 2.83 -9.56
N LEU E 45 -32.88 3.18 -9.38
CA LEU E 45 -31.89 3.04 -10.43
C LEU E 45 -31.53 1.57 -10.63
N GLU E 46 -31.31 1.19 -11.89
CA GLU E 46 -30.88 -0.17 -12.23
C GLU E 46 -29.77 -0.11 -13.26
N TRP E 47 -28.61 -0.66 -12.92
CA TRP E 47 -27.49 -0.73 -13.86
C TRP E 47 -27.86 -1.62 -15.03
N VAL E 48 -27.57 -1.16 -16.25
CA VAL E 48 -27.85 -1.90 -17.47
C VAL E 48 -26.60 -2.56 -18.03
N GLY E 49 -25.52 -1.81 -18.18
CA GLY E 49 -24.28 -2.36 -18.71
C GLY E 49 -23.24 -1.28 -18.86
N ARG E 50 -22.03 -1.72 -19.24
CA ARG E 50 -20.90 -0.81 -19.36
C ARG E 50 -19.99 -1.30 -20.48
N ILE E 51 -19.40 -0.34 -21.20
CA ILE E 51 -18.39 -0.63 -22.21
C ILE E 51 -17.09 0.05 -21.79
N LYS E 52 -16.00 -0.69 -21.82
CA LYS E 52 -14.70 -0.11 -21.48
C LYS E 52 -14.14 0.66 -22.67
N SER E 53 -13.09 1.44 -22.40
CA SER E 53 -12.38 2.11 -23.47
C SER E 53 -11.62 1.09 -24.31
N LYS E 54 -11.33 1.46 -25.55
CA LYS E 54 -10.57 0.59 -26.44
C LYS E 54 -9.23 0.22 -25.80
N THR E 55 -8.59 1.17 -25.14
CA THR E 55 -7.29 0.90 -24.51
C THR E 55 -7.40 -0.18 -23.45
N ASP E 56 -8.57 -0.32 -22.82
CA ASP E 56 -8.79 -1.33 -21.79
C ASP E 56 -9.53 -2.56 -22.31
N GLY E 57 -9.55 -2.75 -23.64
CA GLY E 57 -10.15 -3.93 -24.24
C GLY E 57 -11.50 -3.70 -24.87
N GLY E 58 -12.14 -2.57 -24.60
CA GLY E 58 -13.48 -2.31 -25.14
C GLY E 58 -14.49 -3.37 -24.78
N THR E 59 -14.29 -4.08 -23.68
CA THR E 59 -15.19 -5.19 -23.36
C THR E 59 -16.48 -4.66 -22.75
N THR E 60 -17.53 -5.45 -22.90
CA THR E 60 -18.86 -5.10 -22.42
C THR E 60 -19.31 -6.09 -21.35
N ASP E 61 -20.06 -5.58 -20.38
CA ASP E 61 -20.72 -6.42 -19.39
C ASP E 61 -22.14 -5.90 -19.22
N TYR E 62 -23.05 -6.81 -18.88
CA TYR E 62 -24.48 -6.52 -18.89
C TYR E 62 -25.16 -7.09 -17.66
N ALA E 63 -26.20 -6.38 -17.21
CA ALA E 63 -27.04 -6.86 -16.12
C ALA E 63 -27.83 -8.10 -16.55
N ALA E 64 -28.09 -8.97 -15.57
CA ALA E 64 -28.79 -10.22 -15.86
C ALA E 64 -30.10 -10.03 -16.61
N PRO E 65 -30.96 -9.07 -16.27
CA PRO E 65 -32.27 -8.97 -16.95
C PRO E 65 -32.18 -8.54 -18.41
N VAL E 66 -31.05 -8.00 -18.87
CA VAL E 66 -30.93 -7.55 -20.26
C VAL E 66 -29.88 -8.33 -21.03
N LYS E 67 -29.07 -9.16 -20.39
CA LYS E 67 -28.03 -9.89 -21.09
C LYS E 67 -28.65 -10.77 -22.16
N GLY E 68 -28.08 -10.74 -23.36
CA GLY E 68 -28.61 -11.45 -24.49
C GLY E 68 -29.61 -10.68 -25.32
N ARG E 69 -30.16 -9.59 -24.78
CA ARG E 69 -31.14 -8.77 -25.50
C ARG E 69 -30.63 -7.39 -25.85
N PHE E 70 -29.79 -6.79 -25.02
CA PHE E 70 -29.25 -5.45 -25.26
C PHE E 70 -27.77 -5.53 -25.63
N THR E 71 -27.33 -4.65 -26.54
CA THR E 71 -25.92 -4.51 -26.90
C THR E 71 -25.49 -3.06 -26.73
N ILE E 72 -24.34 -2.86 -26.09
CA ILE E 72 -23.73 -1.55 -25.99
C ILE E 72 -22.58 -1.47 -26.97
N SER E 73 -22.46 -0.34 -27.65
CA SER E 73 -21.39 -0.09 -28.61
C SER E 73 -21.04 1.39 -28.56
N ARG E 74 -19.92 1.73 -29.18
CA ARG E 74 -19.44 3.11 -29.16
C ARG E 74 -18.81 3.45 -30.49
N ASP E 75 -18.96 4.71 -30.89
CA ASP E 75 -18.29 5.28 -32.05
C ASP E 75 -17.40 6.41 -31.54
N ASP E 76 -16.12 6.13 -31.37
CA ASP E 76 -15.23 7.12 -30.77
C ASP E 76 -15.03 8.33 -31.67
N SER E 77 -15.02 8.13 -32.99
CA SER E 77 -14.86 9.25 -33.91
C SER E 77 -16.02 10.24 -33.82
N LYS E 78 -17.19 9.81 -33.35
CA LYS E 78 -18.34 10.67 -33.21
C LYS E 78 -18.64 11.04 -31.76
N ASN E 79 -17.85 10.56 -30.80
CA ASN E 79 -18.11 10.79 -29.38
C ASN E 79 -19.54 10.40 -29.02
N THR E 80 -19.96 9.23 -29.50
CA THR E 80 -21.32 8.76 -29.28
C THR E 80 -21.31 7.33 -28.73
N LEU E 81 -22.18 7.09 -27.76
CA LEU E 81 -22.43 5.79 -27.16
C LEU E 81 -23.81 5.32 -27.59
N TYR E 82 -23.95 4.00 -27.82
CA TYR E 82 -25.23 3.43 -28.25
C TYR E 82 -25.67 2.34 -27.29
N LEU E 83 -26.99 2.24 -27.13
CA LEU E 83 -27.64 1.09 -26.52
C LEU E 83 -28.61 0.54 -27.56
N GLN E 84 -28.28 -0.62 -28.12
CA GLN E 84 -29.19 -1.32 -29.02
C GLN E 84 -30.04 -2.26 -28.17
N MET E 85 -31.33 -1.97 -28.07
CA MET E 85 -32.25 -2.83 -27.36
C MET E 85 -32.98 -3.71 -28.36
N ASN E 86 -33.18 -4.97 -27.96
CA ASN E 86 -33.91 -5.95 -28.76
C ASN E 86 -34.86 -6.70 -27.86
N SER E 87 -35.84 -7.37 -28.48
CA SER E 87 -36.73 -8.27 -27.76
C SER E 87 -37.32 -7.57 -26.54
N LEU E 88 -37.84 -6.37 -26.77
CA LEU E 88 -38.23 -5.50 -25.67
C LEU E 88 -39.42 -6.07 -24.90
N LYS E 89 -39.42 -5.81 -23.60
CA LYS E 89 -40.46 -6.24 -22.68
C LYS E 89 -41.09 -5.02 -22.02
N THR E 90 -42.34 -5.17 -21.60
CA THR E 90 -43.00 -4.07 -20.90
C THR E 90 -42.16 -3.61 -19.71
N GLU E 91 -41.48 -4.54 -19.03
CA GLU E 91 -40.69 -4.15 -17.86
C GLU E 91 -39.41 -3.42 -18.21
N ASP E 92 -39.08 -3.27 -19.51
CA ASP E 92 -37.98 -2.42 -19.93
C ASP E 92 -38.36 -0.95 -19.95
N THR E 93 -39.65 -0.64 -19.78
CA THR E 93 -40.09 0.75 -19.73
C THR E 93 -39.35 1.49 -18.64
N ALA E 94 -38.72 2.60 -19.00
CA ALA E 94 -37.87 3.31 -18.06
C ALA E 94 -37.23 4.51 -18.75
N VAL E 95 -36.73 5.43 -17.93
CA VAL E 95 -35.79 6.44 -18.39
C VAL E 95 -34.40 5.83 -18.43
N TYR E 96 -33.71 6.00 -19.54
CA TYR E 96 -32.37 5.45 -19.72
C TYR E 96 -31.35 6.57 -19.66
N TYR E 97 -30.37 6.42 -18.77
CA TYR E 97 -29.29 7.38 -18.59
C TYR E 97 -27.98 6.82 -19.12
N CYS E 98 -27.19 7.71 -19.70
CA CYS E 98 -25.81 7.49 -20.06
C CYS E 98 -24.93 8.09 -18.96
N ALA E 99 -23.85 7.40 -18.58
CA ALA E 99 -23.00 7.88 -17.50
C ALA E 99 -21.53 7.62 -17.80
N ARG E 100 -20.72 8.67 -17.69
CA ARG E 100 -19.27 8.49 -17.74
C ARG E 100 -18.83 7.77 -16.47
N THR E 101 -18.02 6.73 -16.64
CA THR E 101 -17.75 5.76 -15.58
C THR E 101 -16.27 5.76 -15.22
N GLY E 102 -15.98 5.88 -13.92
CA GLY E 102 -14.65 5.70 -13.40
C GLY E 102 -14.50 4.36 -12.69
N LYS E 103 -13.25 3.99 -12.46
CA LYS E 103 -12.92 2.77 -11.73
C LYS E 103 -12.06 3.13 -10.53
N TYR E 104 -12.50 2.70 -9.35
CA TYR E 104 -11.76 2.96 -8.12
C TYR E 104 -11.02 1.70 -7.68
N PRO E 113 -9.68 -6.02 -6.20
CA PRO E 113 -10.80 -5.35 -5.53
C PRO E 113 -10.99 -3.91 -6.00
N GLY E 114 -11.71 -3.75 -7.11
CA GLY E 114 -12.06 -2.44 -7.60
C GLY E 114 -13.51 -2.43 -8.05
N GLU E 115 -14.14 -1.26 -7.89
CA GLU E 115 -15.52 -1.07 -8.30
C GLU E 115 -15.61 0.15 -9.19
N GLU E 116 -16.74 0.26 -9.89
CA GLU E 116 -16.96 1.34 -10.84
C GLU E 116 -17.96 2.33 -10.28
N TYR E 117 -17.82 3.59 -10.68
CA TYR E 117 -18.69 4.64 -10.19
C TYR E 117 -19.02 5.59 -11.33
N PHE E 118 -20.09 6.36 -11.15
CA PHE E 118 -20.73 7.06 -12.26
C PHE E 118 -20.56 8.55 -12.06
N GLN E 119 -19.54 9.09 -12.74
CA GLN E 119 -19.03 10.42 -12.46
C GLN E 119 -19.96 11.51 -12.99
N ASP E 120 -20.50 11.31 -14.18
CA ASP E 120 -21.35 12.30 -14.83
C ASP E 120 -22.52 11.58 -15.47
N TRP E 121 -23.70 12.16 -15.32
CA TRP E 121 -24.93 11.55 -15.81
C TRP E 121 -25.55 12.45 -16.86
N GLY E 122 -26.14 11.83 -17.87
CA GLY E 122 -26.89 12.58 -18.82
C GLY E 122 -28.23 13.00 -18.25
N ARG E 123 -29.15 13.28 -19.16
CA ARG E 123 -30.40 13.92 -18.83
C ARG E 123 -31.56 12.94 -18.90
N GLY E 124 -31.43 11.91 -19.72
CA GLY E 124 -32.31 10.77 -19.76
C GLY E 124 -33.21 10.80 -20.98
N THR E 125 -33.54 9.60 -21.47
CA THR E 125 -34.52 9.44 -22.54
C THR E 125 -35.48 8.32 -22.15
N LEU E 126 -36.78 8.56 -22.37
CA LEU E 126 -37.81 7.65 -21.92
C LEU E 126 -38.15 6.63 -22.99
N VAL E 127 -38.14 5.35 -22.61
CA VAL E 127 -38.58 4.25 -23.46
C VAL E 127 -39.84 3.66 -22.84
N THR E 128 -40.91 3.58 -23.64
CA THR E 128 -42.16 2.98 -23.21
C THR E 128 -42.46 1.79 -24.10
N VAL E 129 -42.68 0.63 -23.49
CA VAL E 129 -42.89 -0.62 -24.22
C VAL E 129 -44.31 -1.09 -23.96
N SER E 130 -45.16 -1.04 -24.99
CA SER E 130 -46.51 -1.58 -24.93
C SER E 130 -46.97 -1.93 -26.33
N SER E 131 -47.73 -3.02 -26.44
CA SER E 131 -48.31 -3.40 -27.72
C SER E 131 -49.63 -2.68 -27.99
N ALA E 132 -50.07 -1.83 -27.08
CA ALA E 132 -51.40 -1.25 -27.16
C ALA E 132 -51.47 -0.12 -28.18
N SER E 133 -52.65 0.10 -28.71
CA SER E 133 -53.01 1.33 -29.40
C SER E 133 -54.12 2.02 -28.59
N THR E 134 -54.63 3.12 -29.12
CA THR E 134 -55.61 3.91 -28.39
C THR E 134 -56.73 3.03 -27.86
N LYS E 135 -56.99 3.14 -26.56
CA LYS E 135 -57.99 2.32 -25.88
C LYS E 135 -58.60 3.15 -24.76
N GLY E 136 -59.92 3.32 -24.80
CA GLY E 136 -60.60 4.12 -23.82
C GLY E 136 -60.71 3.44 -22.46
N PRO E 137 -60.94 4.22 -21.41
CA PRO E 137 -60.98 3.65 -20.06
C PRO E 137 -62.32 3.00 -19.73
N SER E 138 -62.26 2.08 -18.77
CA SER E 138 -63.43 1.54 -18.10
C SER E 138 -63.42 2.09 -16.68
N VAL E 139 -64.56 2.64 -16.24
CA VAL E 139 -64.63 3.38 -14.99
C VAL E 139 -65.55 2.62 -14.04
N PHE E 140 -65.04 2.32 -12.85
CA PHE E 140 -65.78 1.59 -11.84
C PHE E 140 -65.83 2.39 -10.55
N PRO E 141 -66.92 2.29 -9.80
CA PRO E 141 -67.03 3.06 -8.57
C PRO E 141 -66.24 2.42 -7.44
N LEU E 142 -65.69 3.28 -6.58
CA LEU E 142 -65.12 2.88 -5.30
C LEU E 142 -66.08 3.44 -4.25
N ALA E 143 -67.08 2.65 -3.90
CA ALA E 143 -68.20 3.15 -3.11
C ALA E 143 -67.82 3.20 -1.63
N PRO E 144 -68.32 4.19 -0.89
CA PRO E 144 -68.12 4.21 0.56
C PRO E 144 -69.11 3.29 1.26
N SER E 145 -68.89 3.09 2.55
CA SER E 145 -69.78 2.30 3.39
C SER E 145 -69.28 2.41 4.84
N SER E 146 -69.95 1.68 5.72
CA SER E 146 -69.58 1.69 7.14
C SER E 146 -68.23 1.02 7.35
N SER E 150 -64.06 6.38 8.39
CA SER E 150 -63.34 6.59 9.64
C SER E 150 -63.92 7.78 10.41
N GLY E 151 -64.73 7.49 11.42
CA GLY E 151 -65.35 8.53 12.22
C GLY E 151 -66.31 9.37 11.41
N GLY E 152 -66.05 10.67 11.33
CA GLY E 152 -66.92 11.60 10.63
C GLY E 152 -66.63 11.77 9.15
N THR E 153 -65.60 11.12 8.62
CA THR E 153 -65.21 11.27 7.22
C THR E 153 -65.37 9.95 6.48
N ALA E 154 -65.55 10.06 5.16
CA ALA E 154 -65.68 8.90 4.30
C ALA E 154 -64.89 9.14 3.02
N ALA E 155 -64.27 8.08 2.50
CA ALA E 155 -63.56 8.13 1.24
C ALA E 155 -64.38 7.45 0.15
N LEU E 156 -64.46 8.09 -1.00
CA LEU E 156 -65.10 7.52 -2.17
C LEU E 156 -64.25 7.88 -3.39
N GLY E 157 -64.41 7.12 -4.47
CA GLY E 157 -63.54 7.35 -5.60
C GLY E 157 -64.01 6.64 -6.85
N CYS E 158 -63.17 6.73 -7.87
CA CYS E 158 -63.41 6.07 -9.16
C CYS E 158 -62.14 5.35 -9.57
N LEU E 159 -62.30 4.11 -10.03
CA LEU E 159 -61.20 3.31 -10.55
C LEU E 159 -61.25 3.36 -12.08
N VAL E 160 -60.18 3.84 -12.69
CA VAL E 160 -60.10 4.05 -14.13
C VAL E 160 -59.12 3.03 -14.69
N LYS E 161 -59.65 2.05 -15.43
CA LYS E 161 -58.92 0.83 -15.76
C LYS E 161 -58.61 0.73 -17.25
N ASP E 162 -57.40 0.27 -17.54
CA ASP E 162 -57.05 -0.34 -18.83
C ASP E 162 -57.24 0.62 -20.01
N TYR E 163 -56.56 1.75 -19.94
CA TYR E 163 -56.59 2.74 -21.01
C TYR E 163 -55.19 2.93 -21.59
N PHE E 164 -55.16 3.49 -22.80
CA PHE E 164 -53.91 3.76 -23.49
C PHE E 164 -54.14 4.79 -24.59
N PRO E 165 -53.19 5.72 -24.79
CA PRO E 165 -52.01 6.04 -23.99
C PRO E 165 -52.39 6.96 -22.84
N GLU E 166 -51.41 7.40 -22.05
CA GLU E 166 -51.64 8.46 -21.10
C GLU E 166 -51.91 9.75 -21.87
N PRO E 167 -52.55 10.74 -21.24
CA PRO E 167 -53.04 10.76 -19.86
C PRO E 167 -54.55 10.66 -19.74
N VAL E 168 -54.99 10.36 -18.53
CA VAL E 168 -56.36 10.57 -18.08
C VAL E 168 -56.35 11.70 -17.07
N THR E 169 -57.33 12.58 -17.15
CA THR E 169 -57.59 13.56 -16.10
C THR E 169 -58.93 13.23 -15.45
N VAL E 170 -59.04 13.57 -14.16
CA VAL E 170 -60.26 13.34 -13.41
C VAL E 170 -60.59 14.60 -12.64
N SER E 171 -61.83 15.05 -12.75
CA SER E 171 -62.40 16.07 -11.88
C SER E 171 -63.58 15.48 -11.15
N TRP E 172 -64.10 16.22 -10.18
CA TRP E 172 -65.26 15.82 -9.42
C TRP E 172 -66.29 16.94 -9.47
N ASN E 173 -67.54 16.58 -9.80
CA ASN E 173 -68.62 17.56 -9.91
C ASN E 173 -68.23 18.71 -10.84
N SER E 174 -67.56 18.37 -11.94
CA SER E 174 -67.22 19.31 -13.00
C SER E 174 -66.27 20.41 -12.51
N GLY E 175 -65.42 20.08 -11.54
CA GLY E 175 -64.48 21.04 -11.00
C GLY E 175 -64.99 21.83 -9.82
N ALA E 176 -66.26 21.67 -9.45
CA ALA E 176 -66.80 22.37 -8.29
C ALA E 176 -66.29 21.79 -6.98
N LEU E 177 -65.81 20.55 -7.00
CA LEU E 177 -65.31 19.88 -5.80
C LEU E 177 -63.80 19.68 -5.95
N THR E 178 -63.02 20.35 -5.10
CA THR E 178 -61.57 20.21 -5.14
C THR E 178 -61.03 19.86 -3.75
N SER E 179 -61.68 20.35 -2.70
CA SER E 179 -61.25 20.05 -1.35
C SER E 179 -61.27 18.55 -1.12
N GLY E 180 -60.14 18.00 -0.68
CA GLY E 180 -60.05 16.59 -0.37
C GLY E 180 -59.96 15.67 -1.56
N VAL E 181 -59.71 16.19 -2.76
CA VAL E 181 -59.62 15.39 -3.97
C VAL E 181 -58.16 15.05 -4.23
N HIS E 182 -57.92 13.81 -4.66
CA HIS E 182 -56.59 13.42 -5.11
C HIS E 182 -56.72 12.37 -6.21
N THR E 183 -56.12 12.65 -7.37
CA THR E 183 -55.99 11.68 -8.44
C THR E 183 -54.56 11.15 -8.45
N PHE E 184 -54.43 9.83 -8.41
CA PHE E 184 -53.14 9.21 -8.24
C PHE E 184 -52.42 9.06 -9.58
N PRO E 185 -51.11 8.86 -9.55
CA PRO E 185 -50.39 8.51 -10.78
C PRO E 185 -50.87 7.17 -11.31
N ALA E 186 -50.73 6.99 -12.62
CA ALA E 186 -51.14 5.75 -13.24
C ALA E 186 -50.09 4.66 -13.03
N VAL E 187 -50.56 3.41 -13.12
CA VAL E 187 -49.69 2.24 -13.12
C VAL E 187 -49.71 1.66 -14.52
N LEU E 188 -48.54 1.33 -15.05
CA LEU E 188 -48.41 0.57 -16.28
C LEU E 188 -48.38 -0.90 -15.91
N GLN E 189 -49.41 -1.64 -16.31
CA GLN E 189 -49.50 -3.06 -16.00
C GLN E 189 -48.71 -3.86 -17.02
N SER E 190 -48.41 -5.12 -16.67
CA SER E 190 -47.64 -5.97 -17.57
C SER E 190 -48.36 -6.15 -18.91
N SER E 191 -49.66 -5.88 -18.97
CA SER E 191 -50.39 -5.92 -20.23
C SER E 191 -50.02 -4.77 -21.16
N GLY E 192 -49.34 -3.74 -20.67
CA GLY E 192 -49.08 -2.55 -21.45
C GLY E 192 -50.16 -1.49 -21.41
N LEU E 193 -51.15 -1.65 -20.52
CA LEU E 193 -52.24 -0.70 -20.35
C LEU E 193 -52.10 0.00 -19.00
N TYR E 194 -52.73 1.18 -18.91
CA TYR E 194 -52.64 2.00 -17.71
C TYR E 194 -53.93 1.93 -16.90
N SER E 195 -53.78 2.12 -15.59
CA SER E 195 -54.92 2.31 -14.68
C SER E 195 -54.53 3.33 -13.63
N LEU E 196 -55.53 4.06 -13.14
CA LEU E 196 -55.33 4.93 -11.99
C LEU E 196 -56.62 5.00 -11.20
N SER E 197 -56.55 5.68 -10.06
CA SER E 197 -57.70 5.95 -9.21
C SER E 197 -57.77 7.42 -8.88
N SER E 198 -58.96 7.90 -8.60
CA SER E 198 -59.19 9.22 -8.05
C SER E 198 -60.08 9.06 -6.84
N VAL E 199 -59.80 9.81 -5.78
CA VAL E 199 -60.51 9.67 -4.52
C VAL E 199 -60.85 11.06 -3.99
N VAL E 200 -61.92 11.13 -3.22
CA VAL E 200 -62.24 12.32 -2.45
C VAL E 200 -62.68 11.89 -1.06
N THR E 201 -62.21 12.62 -0.05
CA THR E 201 -62.62 12.40 1.33
C THR E 201 -63.62 13.48 1.70
N VAL E 202 -64.75 13.05 2.27
CA VAL E 202 -65.87 13.96 2.55
C VAL E 202 -66.43 13.64 3.92
N PRO E 203 -67.19 14.58 4.51
CA PRO E 203 -67.92 14.24 5.73
C PRO E 203 -68.91 13.12 5.48
N SER E 204 -68.91 12.12 6.37
CA SER E 204 -69.75 10.95 6.16
C SER E 204 -71.22 11.35 6.00
N SER E 205 -71.67 12.35 6.74
CA SER E 205 -73.07 12.76 6.64
C SER E 205 -73.40 13.35 5.27
N SER E 206 -72.40 13.86 4.54
CA SER E 206 -72.66 14.49 3.26
C SER E 206 -73.09 13.49 2.19
N LEU E 207 -72.90 12.19 2.42
CA LEU E 207 -73.21 11.20 1.38
C LEU E 207 -74.69 11.18 1.04
N GLY E 208 -75.56 11.61 1.96
CA GLY E 208 -76.98 11.65 1.67
C GLY E 208 -77.47 13.02 1.25
N THR E 209 -76.59 14.03 1.29
CA THR E 209 -76.95 15.40 0.95
C THR E 209 -76.36 15.84 -0.38
N GLN E 210 -75.07 15.59 -0.61
CA GLN E 210 -74.40 16.01 -1.82
C GLN E 210 -74.28 14.86 -2.80
N THR E 211 -74.20 15.22 -4.08
CA THR E 211 -74.02 14.25 -5.17
C THR E 211 -72.56 14.29 -5.61
N TYR E 212 -71.95 13.12 -5.75
CA TYR E 212 -70.54 13.03 -6.11
C TYR E 212 -70.39 12.30 -7.43
N ILE E 213 -69.90 13.03 -8.44
CA ILE E 213 -69.71 12.51 -9.79
C ILE E 213 -68.26 12.73 -10.17
N CYS E 214 -67.57 11.66 -10.54
CA CYS E 214 -66.23 11.79 -11.09
C CYS E 214 -66.33 11.92 -12.60
N ASN E 215 -65.56 12.86 -13.15
CA ASN E 215 -65.55 13.16 -14.58
C ASN E 215 -64.20 12.71 -15.12
N VAL E 216 -64.19 11.63 -15.89
CA VAL E 216 -62.98 11.02 -16.40
C VAL E 216 -62.82 11.41 -17.87
N ASN E 217 -61.70 12.06 -18.18
CA ASN E 217 -61.41 12.51 -19.54
C ASN E 217 -60.23 11.74 -20.09
N HIS E 218 -60.41 11.16 -21.28
CA HIS E 218 -59.33 10.49 -22.00
C HIS E 218 -59.34 11.04 -23.42
N LYS E 219 -58.66 12.16 -23.62
CA LYS E 219 -58.68 12.82 -24.93
C LYS E 219 -58.13 11.94 -26.05
N PRO E 220 -57.09 11.12 -25.83
CA PRO E 220 -56.59 10.31 -26.95
C PRO E 220 -57.65 9.42 -27.59
N SER E 221 -58.63 8.95 -26.82
CA SER E 221 -59.70 8.12 -27.36
C SER E 221 -61.02 8.89 -27.50
N ASN E 222 -60.99 10.21 -27.38
CA ASN E 222 -62.19 11.03 -27.57
C ASN E 222 -63.31 10.61 -26.62
N THR E 223 -62.94 10.29 -25.38
CA THR E 223 -63.87 9.72 -24.41
C THR E 223 -63.98 10.61 -23.17
N LYS E 224 -65.21 10.81 -22.70
CA LYS E 224 -65.47 11.36 -21.37
C LYS E 224 -66.47 10.45 -20.68
N VAL E 225 -66.19 10.07 -19.45
CA VAL E 225 -67.07 9.21 -18.66
C VAL E 225 -67.44 9.93 -17.38
N ASP E 226 -68.73 10.09 -17.13
CA ASP E 226 -69.23 10.58 -15.85
C ASP E 226 -69.76 9.40 -15.05
N LYS E 227 -69.36 9.31 -13.78
CA LYS E 227 -69.75 8.20 -12.92
C LYS E 227 -70.20 8.76 -11.59
N ARG E 228 -71.48 8.59 -11.27
CA ARG E 228 -71.99 8.99 -9.97
C ARG E 228 -71.72 7.89 -8.96
N VAL E 229 -71.05 8.24 -7.86
CA VAL E 229 -70.63 7.28 -6.84
C VAL E 229 -71.50 7.47 -5.61
N GLU E 230 -72.17 6.41 -5.18
CA GLU E 230 -73.08 6.43 -4.06
C GLU E 230 -72.72 5.31 -3.09
N PRO E 231 -73.13 5.44 -1.82
CA PRO E 231 -72.86 4.37 -0.86
C PRO E 231 -73.51 3.07 -1.29
N LYS E 232 -72.93 1.95 -0.85
CA LYS E 232 -73.44 0.63 -1.19
C LYS E 232 -74.87 0.45 -0.66
N SER F 1 -31.60 -7.97 -5.48
CA SER F 1 -31.00 -6.77 -4.93
C SER F 1 -29.90 -7.13 -3.93
N GLU F 2 -28.69 -7.37 -4.41
CA GLU F 2 -27.58 -7.67 -3.52
C GLU F 2 -27.29 -6.54 -2.55
N LEU F 3 -27.69 -5.30 -2.89
CA LEU F 3 -27.54 -4.15 -2.00
C LEU F 3 -28.92 -3.66 -1.57
N THR F 4 -29.09 -3.49 -0.27
CA THR F 4 -30.38 -3.10 0.30
C THR F 4 -30.23 -1.80 1.08
N GLN F 5 -31.25 -0.96 1.00
CA GLN F 5 -31.32 0.29 1.75
C GLN F 5 -32.69 0.40 2.40
N ASP F 6 -32.73 1.09 3.54
CA ASP F 6 -34.01 1.44 4.12
C ASP F 6 -34.77 2.35 3.16
N PRO F 7 -36.07 2.14 2.96
CA PRO F 7 -36.79 2.97 1.99
C PRO F 7 -36.80 4.45 2.33
N ALA F 8 -36.68 4.82 3.60
CA ALA F 8 -36.91 6.21 3.99
C ALA F 8 -36.25 6.53 5.32
N VAL F 9 -35.74 7.76 5.42
CA VAL F 9 -35.22 8.30 6.67
C VAL F 9 -35.54 9.79 6.67
N SER F 10 -35.70 10.35 7.87
CA SER F 10 -35.97 11.77 8.01
C SER F 10 -34.91 12.43 8.90
N VAL F 11 -34.78 13.74 8.73
CA VAL F 11 -33.84 14.52 9.53
C VAL F 11 -34.42 15.91 9.69
N ALA F 12 -34.20 16.48 10.88
CA ALA F 12 -34.58 17.87 11.11
C ALA F 12 -33.49 18.80 10.61
N LEU F 13 -33.89 20.03 10.28
CA LEU F 13 -32.93 21.03 9.81
C LEU F 13 -31.77 21.17 10.79
N GLY F 14 -30.55 21.17 10.24
CA GLY F 14 -29.36 21.35 11.04
C GLY F 14 -28.83 20.11 11.70
N GLN F 15 -29.58 19.01 11.68
CA GLN F 15 -29.16 17.80 12.37
C GLN F 15 -28.35 16.90 11.44
N THR F 16 -27.79 15.85 12.03
CA THR F 16 -26.99 14.88 11.31
C THR F 16 -27.82 13.62 11.04
N VAL F 17 -27.69 13.07 9.83
CA VAL F 17 -28.41 11.87 9.44
C VAL F 17 -27.44 10.93 8.74
N ARG F 18 -27.67 9.63 8.92
CA ARG F 18 -26.89 8.58 8.28
C ARG F 18 -27.83 7.72 7.44
N ILE F 19 -27.46 7.38 6.29
CA ILE F 19 -28.10 6.56 5.28
C ILE F 19 -27.19 5.36 5.03
N THR F 20 -27.82 4.18 5.18
CA THR F 20 -27.03 2.97 5.17
C THR F 20 -27.37 2.08 3.99
N CYS F 21 -26.35 1.38 3.52
CA CYS F 21 -26.41 0.47 2.39
C CYS F 21 -25.80 -0.84 2.87
N GLN F 22 -26.44 -1.97 2.55
CA GLN F 22 -26.02 -3.24 3.13
C GLN F 22 -26.01 -4.35 2.09
N GLY F 23 -24.96 -5.17 2.14
CA GLY F 23 -24.81 -6.30 1.26
C GLY F 23 -23.46 -6.97 1.43
N ASP F 24 -23.41 -8.28 1.20
CA ASP F 24 -22.17 -9.03 1.42
C ASP F 24 -21.02 -8.48 0.61
N SER F 25 -21.28 -7.97 -0.58
CA SER F 25 -20.20 -7.45 -1.42
C SER F 25 -19.50 -6.26 -0.79
N LEU F 26 -20.17 -5.54 0.12
CA LEU F 26 -19.55 -4.40 0.77
C LEU F 26 -18.46 -4.81 1.76
N ARG F 27 -18.37 -6.09 2.10
CA ARG F 27 -17.21 -6.56 2.86
C ARG F 27 -15.93 -6.51 2.02
N SER F 28 -16.05 -6.54 0.69
CA SER F 28 -14.90 -6.55 -0.19
C SER F 28 -14.72 -5.26 -0.99
N TYR F 29 -15.77 -4.46 -1.16
CA TYR F 29 -15.72 -3.29 -2.02
C TYR F 29 -16.28 -2.06 -1.31
N TYR F 30 -15.76 -0.91 -1.70
CA TYR F 30 -16.36 0.35 -1.29
C TYR F 30 -17.62 0.63 -2.10
N ALA F 31 -18.45 1.52 -1.58
CA ALA F 31 -19.66 1.95 -2.28
C ALA F 31 -19.53 3.41 -2.69
N SER F 32 -20.16 3.75 -3.80
CA SER F 32 -20.36 5.14 -4.18
C SER F 32 -21.80 5.52 -3.88
N TRP F 33 -22.04 6.84 -3.80
CA TRP F 33 -23.33 7.37 -3.38
C TRP F 33 -23.80 8.42 -4.36
N TYR F 34 -25.10 8.43 -4.62
CA TYR F 34 -25.72 9.32 -5.60
C TYR F 34 -26.93 10.01 -4.99
N GLN F 35 -27.07 11.29 -5.32
CA GLN F 35 -28.19 12.12 -4.91
C GLN F 35 -29.08 12.36 -6.12
N GLN F 36 -30.39 12.20 -5.96
CA GLN F 36 -31.32 12.46 -7.06
C GLN F 36 -32.53 13.22 -6.53
N LYS F 37 -32.73 14.41 -7.05
CA LYS F 37 -33.89 15.23 -6.72
C LYS F 37 -35.00 15.00 -7.74
N PRO F 38 -36.25 15.30 -7.38
CA PRO F 38 -37.37 15.03 -8.30
C PRO F 38 -37.18 15.72 -9.64
N GLY F 39 -37.46 14.97 -10.70
CA GLY F 39 -37.36 15.50 -12.04
C GLY F 39 -35.95 15.71 -12.54
N GLN F 40 -34.93 15.27 -11.79
CA GLN F 40 -33.54 15.49 -12.15
C GLN F 40 -32.80 14.17 -12.25
N ALA F 41 -31.69 14.20 -12.96
CA ALA F 41 -30.79 13.07 -13.03
C ALA F 41 -29.98 12.95 -11.74
N PRO F 42 -29.41 11.78 -11.47
CA PRO F 42 -28.56 11.63 -10.29
C PRO F 42 -27.25 12.39 -10.40
N VAL F 43 -26.65 12.66 -9.24
CA VAL F 43 -25.33 13.26 -9.16
C VAL F 43 -24.48 12.46 -8.17
N LEU F 44 -23.21 12.27 -8.52
CA LEU F 44 -22.29 11.58 -7.64
C LEU F 44 -21.91 12.46 -6.45
N VAL F 45 -22.03 11.91 -5.24
CA VAL F 45 -21.69 12.64 -4.02
C VAL F 45 -20.47 12.05 -3.33
N ILE F 46 -20.32 10.72 -3.33
CA ILE F 46 -19.18 10.04 -2.71
C ILE F 46 -18.75 8.88 -3.60
N TYR F 47 -17.43 8.73 -3.77
CA TYR F 47 -16.88 7.57 -4.45
C TYR F 47 -15.68 7.06 -3.68
N GLY F 48 -15.33 5.80 -3.91
CA GLY F 48 -14.22 5.20 -3.19
C GLY F 48 -14.45 5.27 -1.69
N LYS F 49 -13.40 5.62 -0.96
CA LYS F 49 -13.49 5.75 0.50
C LYS F 49 -13.53 7.23 0.87
N ASN F 50 -14.75 7.76 0.93
CA ASN F 50 -15.01 9.12 1.42
C ASN F 50 -14.40 10.18 0.51
N ASN F 51 -14.36 9.93 -0.80
CA ASN F 51 -13.87 10.91 -1.76
C ASN F 51 -15.05 11.73 -2.28
N ARG F 52 -14.95 13.05 -2.14
CA ARG F 52 -15.98 13.98 -2.59
C ARG F 52 -15.57 14.59 -3.92
N PRO F 53 -16.41 14.53 -4.95
CA PRO F 53 -16.13 15.32 -6.16
C PRO F 53 -16.15 16.81 -5.86
N SER F 54 -15.56 17.58 -6.78
CA SER F 54 -15.64 19.03 -6.68
C SER F 54 -17.08 19.48 -6.79
N GLY F 55 -17.47 20.43 -5.94
CA GLY F 55 -18.83 20.90 -5.89
C GLY F 55 -19.71 20.18 -4.89
N ILE F 56 -19.24 19.10 -4.30
CA ILE F 56 -19.95 18.42 -3.22
C ILE F 56 -19.39 18.92 -1.90
N PRO F 57 -20.20 19.52 -1.03
CA PRO F 57 -19.67 20.12 0.18
C PRO F 57 -19.19 19.08 1.19
N ASP F 58 -18.40 19.57 2.15
CA ASP F 58 -17.75 18.72 3.13
C ASP F 58 -18.74 17.97 4.01
N ARG F 59 -19.95 18.49 4.17
CA ARG F 59 -20.90 17.88 5.09
C ARG F 59 -21.41 16.53 4.62
N PHE F 60 -21.12 16.13 3.39
CA PHE F 60 -21.38 14.78 2.92
C PHE F 60 -20.13 13.95 3.12
N SER F 61 -20.27 12.79 3.79
CA SER F 61 -19.12 11.94 4.03
C SER F 61 -19.55 10.48 3.96
N GLY F 62 -18.58 9.62 3.64
CA GLY F 62 -18.83 8.20 3.51
C GLY F 62 -18.01 7.42 4.51
N SER F 63 -18.55 6.26 4.92
CA SER F 63 -17.84 5.36 5.82
C SER F 63 -18.36 3.96 5.57
N SER F 64 -17.71 2.99 6.20
CA SER F 64 -18.11 1.59 6.03
C SER F 64 -17.74 0.81 7.28
N SER F 65 -18.50 -0.26 7.51
CA SER F 65 -18.25 -1.16 8.64
C SER F 65 -19.00 -2.47 8.38
N GLY F 66 -18.32 -3.58 8.59
CA GLY F 66 -18.93 -4.87 8.30
C GLY F 66 -19.37 -4.93 6.85
N ASN F 67 -20.61 -5.36 6.62
CA ASN F 67 -21.18 -5.41 5.28
C ASN F 67 -22.07 -4.21 4.99
N THR F 68 -21.79 -3.07 5.61
CA THR F 68 -22.58 -1.87 5.42
C THR F 68 -21.69 -0.72 4.94
N ALA F 69 -22.29 0.18 4.17
CA ALA F 69 -21.69 1.45 3.81
C ALA F 69 -22.68 2.54 4.17
N SER F 70 -22.17 3.69 4.59
CA SER F 70 -23.02 4.77 5.07
C SER F 70 -22.63 6.10 4.47
N LEU F 71 -23.64 6.88 4.11
CA LEU F 71 -23.49 8.29 3.76
C LEU F 71 -24.01 9.10 4.93
N THR F 72 -23.17 9.98 5.47
CA THR F 72 -23.55 10.84 6.59
C THR F 72 -23.64 12.27 6.08
N ILE F 73 -24.73 12.94 6.43
CA ILE F 73 -24.93 14.36 6.11
C ILE F 73 -25.03 15.10 7.43
N THR F 74 -24.07 15.99 7.68
CA THR F 74 -24.12 16.85 8.85
C THR F 74 -24.78 18.17 8.48
N GLY F 75 -25.39 18.81 9.46
CA GLY F 75 -26.07 20.07 9.23
C GLY F 75 -27.04 20.02 8.06
N ALA F 76 -28.03 19.14 8.15
CA ALA F 76 -28.93 18.93 7.03
C ALA F 76 -29.60 20.24 6.61
N GLN F 77 -29.64 20.48 5.31
CA GLN F 77 -30.28 21.66 4.72
C GLN F 77 -31.47 21.22 3.88
N ALA F 78 -32.38 22.15 3.65
CA ALA F 78 -33.59 21.84 2.88
C ALA F 78 -33.24 21.26 1.52
N GLU F 79 -32.18 21.78 0.88
CA GLU F 79 -31.80 21.30 -0.44
C GLU F 79 -31.24 19.88 -0.41
N ASP F 80 -31.05 19.29 0.78
CA ASP F 80 -30.58 17.92 0.85
C ASP F 80 -31.70 16.90 0.71
N GLU F 81 -32.96 17.33 0.76
CA GLU F 81 -34.06 16.40 0.57
C GLU F 81 -33.98 15.81 -0.84
N ALA F 82 -33.90 14.49 -0.92
CA ALA F 82 -33.69 13.81 -2.20
C ALA F 82 -33.72 12.32 -1.94
N ASP F 83 -33.65 11.55 -3.04
CA ASP F 83 -33.41 10.13 -2.96
C ASP F 83 -31.92 9.87 -3.07
N TYR F 84 -31.41 8.96 -2.25
CA TYR F 84 -29.99 8.63 -2.24
C TYR F 84 -29.81 7.15 -2.54
N TYR F 85 -28.88 6.85 -3.44
CA TYR F 85 -28.59 5.49 -3.87
C TYR F 85 -27.12 5.17 -3.65
N CYS F 86 -26.85 3.94 -3.22
CA CYS F 86 -25.51 3.40 -3.17
C CYS F 86 -25.28 2.48 -4.37
N SER F 87 -24.01 2.31 -4.74
CA SER F 87 -23.65 1.40 -5.81
C SER F 87 -22.33 0.74 -5.49
N SER F 88 -22.21 -0.53 -5.85
CA SER F 88 -20.95 -1.27 -5.72
C SER F 88 -21.06 -2.53 -6.58
N ARG F 89 -20.09 -3.42 -6.42
CA ARG F 89 -20.15 -4.72 -7.06
C ARG F 89 -21.25 -5.57 -6.43
N ASP F 90 -21.76 -6.52 -7.22
CA ASP F 90 -22.75 -7.46 -6.70
C ASP F 90 -22.11 -8.66 -6.00
N LYS F 91 -20.95 -9.11 -6.47
CA LYS F 91 -20.26 -10.24 -5.87
C LYS F 91 -18.75 -10.01 -5.98
N SER F 92 -18.01 -10.71 -5.14
CA SER F 92 -16.55 -10.69 -5.23
C SER F 92 -16.12 -11.22 -6.60
N GLY F 93 -15.18 -10.52 -7.22
CA GLY F 93 -14.69 -10.90 -8.53
C GLY F 93 -15.62 -10.55 -9.69
N SER F 94 -16.79 -10.01 -9.42
CA SER F 94 -17.75 -9.73 -10.48
C SER F 94 -17.28 -8.59 -11.36
N ARG F 95 -17.70 -8.63 -12.62
CA ARG F 95 -17.50 -7.52 -13.55
C ARG F 95 -18.72 -6.62 -13.65
N LEU F 96 -19.75 -6.87 -12.85
CA LEU F 96 -21.01 -6.14 -12.93
C LEU F 96 -21.09 -5.11 -11.81
N SER F 97 -22.07 -4.22 -11.94
CA SER F 97 -22.37 -3.21 -10.93
C SER F 97 -23.85 -3.30 -10.58
N VAL F 98 -24.19 -2.91 -9.34
CA VAL F 98 -25.57 -2.88 -8.90
C VAL F 98 -25.79 -1.65 -8.02
N PHE F 99 -27.06 -1.28 -7.88
CA PHE F 99 -27.51 -0.21 -7.01
C PHE F 99 -28.32 -0.76 -5.86
N GLY F 100 -28.24 -0.10 -4.71
CA GLY F 100 -29.22 -0.29 -3.67
C GLY F 100 -30.57 0.25 -4.12
N GLY F 101 -31.62 -0.12 -3.37
CA GLY F 101 -32.97 0.24 -3.75
C GLY F 101 -33.31 1.70 -3.55
N GLY F 102 -32.43 2.48 -2.94
CA GLY F 102 -32.68 3.90 -2.74
C GLY F 102 -33.33 4.20 -1.39
N THR F 103 -32.98 5.36 -0.86
CA THR F 103 -33.56 5.88 0.37
C THR F 103 -34.09 7.28 0.11
N LYS F 104 -35.35 7.51 0.46
CA LYS F 104 -35.90 8.86 0.42
C LYS F 104 -35.52 9.57 1.72
N LEU F 105 -34.72 10.62 1.60
CA LEU F 105 -34.39 11.46 2.75
C LEU F 105 -35.34 12.64 2.80
N THR F 106 -36.15 12.72 3.85
CA THR F 106 -37.02 13.87 4.08
C THR F 106 -36.33 14.80 5.08
N VAL F 107 -36.17 16.06 4.69
CA VAL F 107 -35.76 17.10 5.62
C VAL F 107 -37.05 17.73 6.16
N LEU F 108 -37.34 17.49 7.43
CA LEU F 108 -38.66 17.75 7.99
C LEU F 108 -39.05 19.20 7.85
N SER F 109 -40.21 19.44 7.22
CA SER F 109 -40.72 20.79 6.99
C SER F 109 -42.20 20.92 7.33
N GLN F 110 -42.81 19.87 7.86
CA GLN F 110 -44.18 19.93 8.36
C GLN F 110 -44.34 18.81 9.38
N PRO F 111 -45.39 18.85 10.18
CA PRO F 111 -45.57 17.81 11.19
C PRO F 111 -45.67 16.43 10.57
N LYS F 112 -45.18 15.44 11.32
CA LYS F 112 -45.41 14.05 10.94
C LYS F 112 -46.90 13.75 11.03
N ALA F 113 -47.41 13.03 10.03
CA ALA F 113 -48.83 12.71 9.96
C ALA F 113 -49.00 11.26 9.55
N ALA F 114 -49.80 10.52 10.31
CA ALA F 114 -50.04 9.12 10.02
C ALA F 114 -51.06 8.98 8.89
N PRO F 115 -50.96 7.91 8.11
CA PRO F 115 -51.84 7.76 6.95
C PRO F 115 -53.25 7.33 7.32
N SER F 116 -54.21 7.84 6.55
CA SER F 116 -55.55 7.28 6.49
C SER F 116 -55.56 6.20 5.42
N VAL F 117 -56.14 5.06 5.74
CA VAL F 117 -56.15 3.91 4.83
C VAL F 117 -57.59 3.47 4.61
N THR F 118 -57.98 3.34 3.34
CA THR F 118 -59.27 2.78 2.98
C THR F 118 -59.03 1.66 1.97
N LEU F 119 -59.58 0.49 2.24
CA LEU F 119 -59.47 -0.67 1.36
C LEU F 119 -60.83 -0.92 0.72
N PHE F 120 -60.88 -0.82 -0.61
CA PHE F 120 -62.10 -1.05 -1.36
C PHE F 120 -62.11 -2.47 -1.92
N PRO F 121 -63.17 -3.24 -1.72
CA PRO F 121 -63.27 -4.54 -2.39
C PRO F 121 -63.55 -4.34 -3.86
N PRO F 122 -63.46 -5.40 -4.67
CA PRO F 122 -63.91 -5.30 -6.06
C PRO F 122 -65.36 -4.84 -6.11
N SER F 123 -65.64 -3.91 -7.02
CA SER F 123 -67.03 -3.49 -7.22
C SER F 123 -67.80 -4.59 -7.94
N SER F 124 -69.10 -4.67 -7.66
CA SER F 124 -69.93 -5.64 -8.36
C SER F 124 -69.86 -5.42 -9.86
N GLU F 125 -69.79 -4.16 -10.29
CA GLU F 125 -69.68 -3.87 -11.71
C GLU F 125 -68.40 -4.46 -12.31
N GLU F 126 -67.30 -4.39 -11.57
CA GLU F 126 -66.05 -4.95 -12.12
C GLU F 126 -66.13 -6.47 -12.19
N LEU F 127 -66.75 -7.10 -11.19
CA LEU F 127 -66.94 -8.55 -11.24
C LEU F 127 -67.78 -8.96 -12.44
N GLN F 128 -68.73 -8.10 -12.85
CA GLN F 128 -69.50 -8.38 -14.06
C GLN F 128 -68.64 -8.31 -15.32
N ALA F 129 -67.53 -7.58 -15.27
CA ALA F 129 -66.57 -7.57 -16.36
C ALA F 129 -65.51 -8.64 -16.21
N ASN F 130 -65.71 -9.59 -15.30
CA ASN F 130 -64.82 -10.75 -15.14
C ASN F 130 -63.46 -10.35 -14.58
N LYS F 131 -63.41 -9.26 -13.83
CA LYS F 131 -62.19 -8.81 -13.20
C LYS F 131 -62.47 -8.48 -11.73
N ALA F 132 -61.40 -8.41 -10.94
CA ALA F 132 -61.52 -8.13 -9.51
C ALA F 132 -60.26 -7.44 -9.05
N THR F 133 -60.40 -6.19 -8.62
CA THR F 133 -59.26 -5.40 -8.14
C THR F 133 -59.57 -4.91 -6.73
N LEU F 134 -58.72 -5.27 -5.78
CA LEU F 134 -58.72 -4.65 -4.47
C LEU F 134 -57.91 -3.37 -4.55
N VAL F 135 -58.47 -2.28 -4.02
CA VAL F 135 -57.87 -0.96 -4.13
C VAL F 135 -57.61 -0.44 -2.72
N CYS F 136 -56.34 -0.28 -2.38
CA CYS F 136 -55.92 0.23 -1.08
C CYS F 136 -55.41 1.66 -1.28
N LEU F 137 -56.16 2.64 -0.79
CA LEU F 137 -55.81 4.04 -0.93
C LEU F 137 -55.29 4.57 0.40
N ILE F 138 -54.21 5.33 0.33
CA ILE F 138 -53.44 5.77 1.49
C ILE F 138 -53.22 7.26 1.33
N SER F 139 -53.64 8.06 2.31
CA SER F 139 -53.63 9.50 2.11
C SER F 139 -53.21 10.22 3.39
N ASP F 140 -52.85 11.49 3.20
CA ASP F 140 -52.66 12.45 4.29
C ASP F 140 -51.55 12.01 5.25
N PHE F 141 -50.43 11.56 4.69
CA PHE F 141 -49.30 11.16 5.52
C PHE F 141 -48.06 11.97 5.19
N TYR F 142 -47.18 12.07 6.18
CA TYR F 142 -45.91 12.74 6.04
C TYR F 142 -44.98 12.19 7.13
N PRO F 143 -43.71 11.90 6.80
CA PRO F 143 -43.04 11.97 5.51
C PRO F 143 -43.66 11.05 4.44
N GLY F 144 -43.38 11.35 3.18
CA GLY F 144 -43.99 10.67 2.06
C GLY F 144 -43.36 9.33 1.71
N ALA F 145 -43.41 8.38 2.64
CA ALA F 145 -42.87 7.05 2.41
C ALA F 145 -43.69 6.04 3.18
N VAL F 146 -44.14 4.98 2.50
CA VAL F 146 -44.83 3.87 3.12
C VAL F 146 -44.38 2.58 2.46
N THR F 147 -44.60 1.48 3.16
CA THR F 147 -44.48 0.15 2.59
C THR F 147 -45.81 -0.56 2.73
N VAL F 148 -46.21 -1.27 1.69
CA VAL F 148 -47.52 -1.92 1.63
C VAL F 148 -47.31 -3.41 1.49
N ALA F 149 -48.05 -4.19 2.28
CA ALA F 149 -48.04 -5.64 2.20
C ALA F 149 -49.47 -6.14 2.17
N TRP F 150 -49.75 -7.08 1.27
CA TRP F 150 -51.08 -7.66 1.12
C TRP F 150 -51.12 -9.05 1.75
N LYS F 151 -52.31 -9.43 2.22
CA LYS F 151 -52.51 -10.73 2.81
C LYS F 151 -53.85 -11.31 2.33
N ALA F 152 -53.87 -12.63 2.18
CA ALA F 152 -55.08 -13.37 1.88
C ALA F 152 -55.21 -14.47 2.92
N ASP F 153 -56.31 -14.46 3.67
CA ASP F 153 -56.50 -15.40 4.78
C ASP F 153 -55.30 -15.35 5.73
N SER F 154 -54.79 -14.15 5.97
CA SER F 154 -53.68 -13.87 6.87
C SER F 154 -52.33 -14.32 6.32
N SER F 155 -52.28 -14.90 5.11
CA SER F 155 -51.01 -15.31 4.53
C SER F 155 -50.51 -14.25 3.54
N PRO F 156 -49.19 -14.06 3.43
CA PRO F 156 -48.68 -13.04 2.50
C PRO F 156 -49.05 -13.34 1.06
N VAL F 157 -49.24 -12.27 0.29
CA VAL F 157 -49.56 -12.35 -1.14
C VAL F 157 -48.47 -11.62 -1.89
N LYS F 158 -47.83 -12.31 -2.83
CA LYS F 158 -46.75 -11.75 -3.63
C LYS F 158 -47.26 -11.18 -4.95
N ALA F 159 -47.91 -12.03 -5.75
CA ALA F 159 -48.21 -11.68 -7.13
C ALA F 159 -49.47 -10.83 -7.23
N GLY F 160 -49.59 -10.13 -8.36
CA GLY F 160 -50.75 -9.33 -8.63
C GLY F 160 -50.79 -8.00 -7.91
N VAL F 161 -49.66 -7.55 -7.36
CA VAL F 161 -49.60 -6.31 -6.58
C VAL F 161 -48.89 -5.25 -7.40
N GLU F 162 -49.48 -4.06 -7.44
CA GLU F 162 -48.86 -2.87 -8.03
C GLU F 162 -49.09 -1.70 -7.09
N THR F 163 -48.04 -0.94 -6.80
CA THR F 163 -48.10 0.14 -5.83
C THR F 163 -47.44 1.38 -6.42
N THR F 164 -48.11 2.53 -6.27
CA THR F 164 -47.57 3.78 -6.77
C THR F 164 -46.67 4.43 -5.73
N THR F 165 -45.65 5.13 -6.21
CA THR F 165 -44.79 5.89 -5.34
C THR F 165 -45.55 7.10 -4.79
N PRO F 166 -45.40 7.43 -3.50
CA PRO F 166 -46.18 8.53 -2.93
C PRO F 166 -45.92 9.83 -3.68
N SER F 167 -46.99 10.63 -3.83
CA SER F 167 -46.88 11.95 -4.44
C SER F 167 -47.73 12.94 -3.65
N LYS F 168 -47.49 14.22 -3.89
CA LYS F 168 -48.04 15.29 -3.08
C LYS F 168 -49.53 15.48 -3.33
N GLN F 169 -50.26 15.79 -2.26
CA GLN F 169 -51.64 16.21 -2.33
C GLN F 169 -51.74 17.73 -2.44
N SER F 170 -52.94 18.22 -2.70
CA SER F 170 -53.17 19.66 -2.76
C SER F 170 -52.77 20.34 -1.46
N ASN F 171 -52.98 19.68 -0.33
CA ASN F 171 -52.63 20.22 0.98
C ASN F 171 -51.18 19.95 1.36
N ASN F 172 -50.37 19.45 0.43
CA ASN F 172 -48.92 19.26 0.54
C ASN F 172 -48.55 18.05 1.40
N LYS F 173 -49.51 17.26 1.87
CA LYS F 173 -49.20 15.94 2.41
C LYS F 173 -49.08 14.95 1.25
N TYR F 174 -48.85 13.68 1.56
CA TYR F 174 -48.64 12.64 0.56
C TYR F 174 -49.80 11.65 0.52
N ALA F 175 -49.94 11.00 -0.64
CA ALA F 175 -50.87 9.91 -0.82
C ALA F 175 -50.21 8.83 -1.68
N ALA F 176 -50.70 7.60 -1.54
CA ALA F 176 -50.23 6.49 -2.35
C ALA F 176 -51.38 5.52 -2.58
N SER F 177 -51.25 4.68 -3.60
CA SER F 177 -52.26 3.69 -3.94
C SER F 177 -51.60 2.34 -4.19
N SER F 178 -52.31 1.28 -3.84
CA SER F 178 -51.85 -0.08 -4.07
C SER F 178 -53.01 -0.91 -4.60
N TYR F 179 -52.70 -1.81 -5.52
CA TYR F 179 -53.70 -2.64 -6.19
C TYR F 179 -53.34 -4.11 -6.04
N LEU F 180 -54.34 -4.93 -5.74
CA LEU F 180 -54.20 -6.38 -5.79
C LEU F 180 -55.18 -6.89 -6.84
N SER F 181 -54.64 -7.38 -7.96
CA SER F 181 -55.44 -7.91 -9.05
C SER F 181 -55.70 -9.39 -8.80
N LEU F 182 -56.97 -9.78 -8.85
CA LEU F 182 -57.38 -11.17 -8.69
C LEU F 182 -58.41 -11.50 -9.76
N THR F 183 -58.62 -12.79 -9.99
CA THR F 183 -59.76 -13.22 -10.77
C THR F 183 -60.97 -13.33 -9.84
N PRO F 184 -62.19 -13.21 -10.38
CA PRO F 184 -63.37 -13.36 -9.51
C PRO F 184 -63.36 -14.63 -8.67
N GLU F 185 -62.83 -15.73 -9.20
CA GLU F 185 -62.82 -16.99 -8.45
C GLU F 185 -61.89 -16.90 -7.24
N GLN F 186 -60.72 -16.26 -7.41
CA GLN F 186 -59.82 -16.07 -6.28
C GLN F 186 -60.45 -15.20 -5.21
N TRP F 187 -61.12 -14.13 -5.62
CA TRP F 187 -61.78 -13.23 -4.68
C TRP F 187 -62.82 -13.96 -3.84
N LYS F 188 -63.62 -14.83 -4.48
CA LYS F 188 -64.70 -15.51 -3.78
C LYS F 188 -64.24 -16.75 -3.02
N SER F 189 -63.01 -17.21 -3.23
CA SER F 189 -62.56 -18.45 -2.60
C SER F 189 -61.92 -18.23 -1.23
N HIS F 190 -61.53 -17.00 -0.92
CA HIS F 190 -60.85 -16.69 0.33
C HIS F 190 -61.79 -16.03 1.32
N ARG F 191 -61.45 -16.17 2.61
CA ARG F 191 -62.28 -15.62 3.66
CA ARG F 191 -62.28 -15.62 3.66
C ARG F 191 -62.06 -14.11 3.82
N SER F 192 -60.81 -13.67 3.74
CA SER F 192 -60.50 -12.26 3.93
C SER F 192 -59.28 -11.87 3.10
N TYR F 193 -59.21 -10.58 2.79
CA TYR F 193 -58.02 -9.95 2.22
C TYR F 193 -57.71 -8.71 3.04
N SER F 194 -56.42 -8.40 3.18
CA SER F 194 -56.01 -7.28 4.02
C SER F 194 -54.92 -6.48 3.32
N CYS F 195 -54.92 -5.17 3.59
CA CYS F 195 -53.88 -4.25 3.15
C CYS F 195 -53.18 -3.72 4.40
N GLN F 196 -51.87 -3.97 4.51
CA GLN F 196 -51.08 -3.52 5.64
C GLN F 196 -50.15 -2.39 5.20
N VAL F 197 -50.23 -1.25 5.87
CA VAL F 197 -49.47 -0.06 5.51
C VAL F 197 -48.57 0.30 6.69
N THR F 198 -47.27 0.38 6.44
CA THR F 198 -46.29 0.75 7.44
C THR F 198 -45.79 2.17 7.17
N HIS F 199 -45.79 3.00 8.20
CA HIS F 199 -45.37 4.39 8.10
C HIS F 199 -44.61 4.74 9.37
N GLU F 200 -43.35 5.15 9.21
CA GLU F 200 -42.50 5.56 10.33
C GLU F 200 -42.54 4.51 11.43
N GLY F 201 -42.38 3.24 11.03
CA GLY F 201 -42.26 2.16 11.98
C GLY F 201 -43.56 1.67 12.59
N SER F 202 -44.70 2.24 12.22
CA SER F 202 -45.99 1.81 12.72
C SER F 202 -46.81 1.24 11.57
N THR F 203 -47.57 0.19 11.85
CA THR F 203 -48.34 -0.51 10.83
C THR F 203 -49.82 -0.48 11.17
N VAL F 204 -50.64 -0.22 10.15
CA VAL F 204 -52.09 -0.31 10.25
C VAL F 204 -52.57 -1.28 9.18
N GLU F 205 -53.72 -1.89 9.43
CA GLU F 205 -54.26 -2.91 8.53
C GLU F 205 -55.75 -2.70 8.33
N LYS F 206 -56.20 -2.77 7.09
CA LYS F 206 -57.61 -2.80 6.75
C LYS F 206 -57.92 -4.12 6.08
N THR F 207 -59.11 -4.65 6.34
CA THR F 207 -59.50 -5.98 5.88
C THR F 207 -60.89 -5.91 5.25
N VAL F 208 -61.09 -6.69 4.20
CA VAL F 208 -62.38 -6.84 3.55
C VAL F 208 -62.68 -8.31 3.36
N ALA F 209 -63.97 -8.63 3.22
CA ALA F 209 -64.42 -10.00 3.09
C ALA F 209 -65.44 -10.12 1.96
N PRO F 210 -65.34 -11.15 1.12
CA PRO F 210 -66.33 -11.29 0.03
C PRO F 210 -67.77 -11.34 0.52
N THR F 211 -68.03 -11.96 1.67
CA THR F 211 -69.39 -12.00 2.19
C THR F 211 -69.88 -10.59 2.50
N GLU F 212 -70.96 -10.18 1.82
CA GLU F 212 -71.50 -8.84 1.96
C GLU F 212 -70.47 -7.79 1.53
N GLU G 1 15.65 31.36 17.44
CA GLU G 1 15.49 31.23 18.91
C GLU G 1 16.44 30.17 19.49
N VAL G 2 17.09 29.40 18.62
CA VAL G 2 18.15 28.52 19.07
C VAL G 2 19.31 29.36 19.57
N GLN G 3 19.86 29.00 20.72
CA GLN G 3 20.98 29.72 21.32
C GLN G 3 22.05 28.72 21.73
N LEU G 4 23.29 29.01 21.33
CA LEU G 4 24.44 28.20 21.70
C LEU G 4 25.55 29.16 22.09
N VAL G 5 26.11 28.99 23.29
CA VAL G 5 27.11 29.93 23.80
C VAL G 5 28.27 29.16 24.41
N GLU G 6 29.43 29.26 23.77
CA GLU G 6 30.65 28.60 24.24
C GLU G 6 31.38 29.48 25.24
N SER G 7 32.05 28.83 26.19
CA SER G 7 32.88 29.53 27.17
C SER G 7 34.04 28.63 27.58
N GLY G 8 35.03 29.23 28.24
CA GLY G 8 36.13 28.50 28.82
C GLY G 8 37.45 28.65 28.10
N GLY G 9 37.47 29.26 26.92
CA GLY G 9 38.71 29.41 26.19
C GLY G 9 39.68 30.34 26.90
N GLY G 10 40.96 30.08 26.70
CA GLY G 10 41.99 30.92 27.29
C GLY G 10 43.35 30.43 26.88
N LEU G 11 44.36 31.02 27.53
CA LEU G 11 45.75 30.65 27.28
C LEU G 11 46.13 29.46 28.16
N VAL G 12 46.75 28.46 27.54
CA VAL G 12 47.14 27.24 28.24
C VAL G 12 48.45 26.75 27.64
N LYS G 13 49.25 26.05 28.45
CA LYS G 13 50.55 25.58 27.99
C LYS G 13 50.45 24.19 27.38
N PRO G 14 51.30 23.87 26.40
CA PRO G 14 51.33 22.50 25.86
C PRO G 14 51.45 21.47 26.98
N GLY G 15 50.73 20.37 26.82
CA GLY G 15 50.64 19.35 27.86
C GLY G 15 49.62 19.64 28.93
N GLY G 16 49.10 20.87 29.00
CA GLY G 16 48.12 21.22 30.00
C GLY G 16 46.72 20.78 29.60
N SER G 17 45.74 21.28 30.35
CA SER G 17 44.35 20.89 30.17
C SER G 17 43.45 22.11 30.26
N LEU G 18 42.31 22.02 29.57
CA LEU G 18 41.33 23.10 29.52
C LEU G 18 39.96 22.48 29.26
N ARG G 19 38.93 23.04 29.90
CA ARG G 19 37.56 22.53 29.76
C ARG G 19 36.69 23.62 29.16
N LEU G 20 36.11 23.34 27.99
CA LEU G 20 35.16 24.24 27.36
C LEU G 20 33.73 23.79 27.66
N SER G 21 32.83 24.77 27.75
CA SER G 21 31.42 24.51 27.95
C SER G 21 30.63 25.19 26.86
N CYS G 22 29.51 24.58 26.49
CA CYS G 22 28.56 25.14 25.53
C CYS G 22 27.17 25.02 26.14
N ALA G 23 26.58 26.15 26.53
CA ALA G 23 25.25 26.18 27.12
C ALA G 23 24.23 26.50 26.04
N ALA G 24 23.15 25.72 26.00
CA ALA G 24 22.21 25.72 24.88
C ALA G 24 20.79 25.96 25.35
N SER G 25 19.98 26.54 24.47
CA SER G 25 18.55 26.67 24.70
C SER G 25 17.85 26.86 23.36
N GLY G 26 16.52 26.79 23.39
CA GLY G 26 15.70 27.02 22.21
C GLY G 26 15.42 25.78 21.40
N PHE G 27 15.98 24.63 21.77
CA PHE G 27 15.68 23.35 21.14
C PHE G 27 15.69 22.29 22.23
N THR G 28 15.16 21.11 21.88
CA THR G 28 15.06 20.02 22.85
C THR G 28 16.44 19.36 22.95
N PHE G 29 17.21 19.82 23.95
CA PHE G 29 18.62 19.45 24.03
C PHE G 29 18.80 17.94 24.11
N SER G 30 17.95 17.26 24.86
CA SER G 30 18.14 15.83 25.09
C SER G 30 18.05 15.02 23.80
N ASN G 31 17.34 15.52 22.79
CA ASN G 31 17.20 14.78 21.54
C ASN G 31 18.21 15.21 20.48
N ALA G 32 19.04 16.21 20.75
CA ALA G 32 19.97 16.71 19.75
C ALA G 32 21.32 16.00 19.81
N TRP G 33 21.85 15.67 18.64
CA TRP G 33 23.26 15.40 18.51
C TRP G 33 24.03 16.71 18.54
N MET G 34 25.24 16.68 19.10
CA MET G 34 26.00 17.90 19.33
C MET G 34 27.46 17.68 18.94
N SER G 35 28.04 18.66 18.26
CA SER G 35 29.38 18.55 17.73
C SER G 35 30.24 19.74 18.16
N TRP G 36 31.54 19.53 18.10
CA TRP G 36 32.51 20.61 18.19
C TRP G 36 33.24 20.75 16.86
N VAL G 37 33.45 21.99 16.44
CA VAL G 37 34.20 22.32 15.23
C VAL G 37 35.14 23.46 15.61
N ARG G 38 36.35 23.44 15.07
CA ARG G 38 37.34 24.47 15.41
C ARG G 38 37.88 25.13 14.16
N GLN G 39 38.51 26.29 14.36
CA GLN G 39 38.99 27.10 13.24
C GLN G 39 40.21 27.88 13.72
N ALA G 40 41.38 27.49 13.23
CA ALA G 40 42.59 28.26 13.52
C ALA G 40 42.48 29.66 12.92
N PRO G 41 43.12 30.66 13.55
CA PRO G 41 43.03 32.03 13.02
C PRO G 41 43.37 32.12 11.54
N GLY G 42 42.44 32.66 10.75
CA GLY G 42 42.64 32.84 9.33
C GLY G 42 42.54 31.58 8.48
N LYS G 43 42.19 30.45 9.07
CA LYS G 43 42.19 29.17 8.36
C LYS G 43 40.76 28.61 8.31
N GLY G 44 40.64 27.36 7.85
CA GLY G 44 39.35 26.77 7.58
C GLY G 44 38.76 26.02 8.77
N LEU G 45 37.53 25.56 8.59
CA LEU G 45 36.84 24.79 9.60
C LEU G 45 37.38 23.37 9.67
N GLU G 46 37.49 22.83 10.89
CA GLU G 46 37.95 21.46 11.11
C GLU G 46 37.03 20.80 12.14
N TRP G 47 36.40 19.70 11.74
CA TRP G 47 35.54 18.94 12.65
C TRP G 47 36.38 18.34 13.77
N VAL G 48 35.88 18.45 14.99
CA VAL G 48 36.57 17.91 16.17
C VAL G 48 35.94 16.60 16.62
N GLY G 49 34.62 16.59 16.79
CA GLY G 49 33.93 15.38 17.19
C GLY G 49 32.46 15.64 17.44
N ARG G 50 31.75 14.56 17.71
CA ARG G 50 30.30 14.63 17.90
C ARG G 50 29.87 13.60 18.93
N ILE G 51 28.88 13.98 19.75
CA ILE G 51 28.25 13.08 20.71
C ILE G 51 26.80 12.92 20.33
N LYS G 52 26.32 11.68 20.33
CA LYS G 52 24.94 11.40 19.98
C LYS G 52 24.02 11.63 21.19
N SER G 53 22.72 11.64 20.91
CA SER G 53 21.73 11.73 21.97
C SER G 53 21.70 10.45 22.79
N LYS G 54 21.20 10.57 24.01
CA LYS G 54 21.02 9.39 24.86
C LYS G 54 20.17 8.33 24.17
N THR G 55 19.08 8.75 23.52
CA THR G 55 18.22 7.81 22.82
C THR G 55 18.98 7.02 21.75
N ASP G 56 19.96 7.65 21.10
CA ASP G 56 20.72 7.00 20.05
C ASP G 56 22.03 6.41 20.54
N GLY G 57 22.21 6.27 21.85
CA GLY G 57 23.36 5.58 22.41
C GLY G 57 24.34 6.47 23.15
N GLY G 58 24.29 7.78 22.92
CA GLY G 58 25.18 8.71 23.61
C GLY G 58 26.64 8.58 23.26
N THR G 59 26.96 7.94 22.14
CA THR G 59 28.34 7.62 21.81
C THR G 59 29.03 8.80 21.12
N THR G 60 30.36 8.76 21.14
CA THR G 60 31.20 9.84 20.63
C THR G 60 32.11 9.32 19.51
N ASP G 61 32.36 10.20 18.54
CA ASP G 61 33.37 9.96 17.52
C ASP G 61 34.25 11.20 17.39
N TYR G 62 35.51 11.00 17.01
CA TYR G 62 36.50 12.07 17.04
C TYR G 62 37.34 12.10 15.76
N ALA G 63 37.75 13.32 15.41
CA ALA G 63 38.72 13.50 14.34
C ALA G 63 40.08 12.94 14.76
N ALA G 64 40.81 12.40 13.79
CA ALA G 64 42.09 11.75 14.08
C ALA G 64 43.05 12.63 14.86
N PRO G 65 43.21 13.93 14.57
CA PRO G 65 44.23 14.72 15.29
C PRO G 65 43.95 14.93 16.76
N VAL G 66 42.72 14.74 17.22
CA VAL G 66 42.36 14.96 18.62
C VAL G 66 41.94 13.69 19.34
N LYS G 67 41.73 12.60 18.62
CA LYS G 67 41.26 11.37 19.24
C LYS G 67 42.25 10.90 20.30
N GLY G 68 41.74 10.63 21.50
CA GLY G 68 42.56 10.21 22.62
C GLY G 68 43.08 11.35 23.46
N ARG G 69 42.89 12.59 23.05
CA ARG G 69 43.30 13.76 23.83
C ARG G 69 42.14 14.61 24.30
N PHE G 70 41.06 14.69 23.54
CA PHE G 70 39.88 15.47 23.90
C PHE G 70 38.73 14.54 24.25
N THR G 71 37.90 14.95 25.21
CA THR G 71 36.70 14.21 25.59
C THR G 71 35.48 15.11 25.44
N ILE G 72 34.52 14.66 24.65
CA ILE G 72 33.23 15.32 24.53
C ILE G 72 32.24 14.62 25.46
N SER G 73 31.48 15.41 26.21
CA SER G 73 30.45 14.87 27.08
C SER G 73 29.31 15.88 27.17
N ARG G 74 28.19 15.42 27.73
CA ARG G 74 27.01 16.25 27.82
C ARG G 74 26.35 16.02 29.17
N ASP G 75 25.66 17.06 29.64
CA ASP G 75 24.84 16.98 30.85
C ASP G 75 23.46 17.51 30.46
N ASP G 76 22.56 16.59 30.10
CA ASP G 76 21.26 17.01 29.58
C ASP G 76 20.46 17.78 30.63
N SER G 77 20.68 17.49 31.91
CA SER G 77 19.97 18.23 32.95
C SER G 77 20.39 19.69 33.02
N LYS G 78 21.53 20.04 32.42
CA LYS G 78 22.00 21.42 32.39
C LYS G 78 21.99 22.01 30.99
N ASN G 79 21.51 21.27 29.99
CA ASN G 79 21.54 21.72 28.59
C ASN G 79 22.94 22.20 28.20
N THR G 80 23.95 21.44 28.63
CA THR G 80 25.34 21.86 28.45
C THR G 80 26.15 20.74 27.80
N LEU G 81 26.95 21.13 26.81
CA LEU G 81 27.92 20.28 26.15
C LEU G 81 29.32 20.68 26.59
N TYR G 82 30.22 19.70 26.72
CA TYR G 82 31.57 19.95 27.20
C TYR G 82 32.61 19.44 26.21
N LEU G 83 33.77 20.11 26.22
CA LEU G 83 34.98 19.63 25.57
C LEU G 83 36.11 19.70 26.58
N GLN G 84 36.50 18.53 27.11
CA GLN G 84 37.66 18.44 28.00
C GLN G 84 38.88 18.20 27.13
N MET G 85 39.81 19.16 27.12
CA MET G 85 40.99 19.08 26.28
C MET G 85 42.19 18.78 27.16
N ASN G 86 42.79 17.61 26.95
CA ASN G 86 44.00 17.21 27.65
C ASN G 86 45.13 17.08 26.64
N SER G 87 46.36 17.04 27.16
CA SER G 87 47.55 16.84 26.34
C SER G 87 47.59 17.83 25.18
N LEU G 88 47.36 19.10 25.51
CA LEU G 88 47.21 20.14 24.51
C LEU G 88 48.50 20.34 23.71
N LYS G 89 48.33 20.68 22.43
CA LYS G 89 49.42 20.96 21.52
C LYS G 89 49.28 22.37 20.96
N THR G 90 50.40 22.95 20.54
CA THR G 90 50.34 24.26 19.89
C THR G 90 49.39 24.25 18.71
N GLU G 91 49.30 23.11 18.01
CA GLU G 91 48.43 22.97 16.85
C GLU G 91 46.96 23.12 17.22
N ASP G 92 46.61 23.02 18.49
CA ASP G 92 45.21 23.11 18.92
C ASP G 92 44.72 24.55 19.03
N THR G 93 45.59 25.55 18.87
CA THR G 93 45.13 26.93 18.92
C THR G 93 44.05 27.16 17.87
N ALA G 94 42.89 27.64 18.30
CA ALA G 94 41.76 27.84 17.40
C ALA G 94 40.58 28.42 18.17
N VAL G 95 39.62 28.95 17.41
CA VAL G 95 38.29 29.20 17.93
C VAL G 95 37.52 27.88 17.89
N TYR G 96 36.86 27.54 18.99
CA TYR G 96 36.10 26.30 19.09
C TYR G 96 34.61 26.63 19.10
N TYR G 97 33.87 26.05 18.16
CA TYR G 97 32.43 26.21 18.03
C TYR G 97 31.72 24.95 18.49
N CYS G 98 30.57 25.12 19.17
CA CYS G 98 29.64 24.02 19.32
C CYS G 98 28.53 24.16 18.29
N ALA G 99 28.01 23.03 17.84
CA ALA G 99 27.02 23.04 16.78
C ALA G 99 25.97 21.97 17.04
N ARG G 100 24.71 22.39 17.02
CA ARG G 100 23.62 21.43 17.01
C ARG G 100 23.65 20.67 15.69
N THR G 101 23.59 19.35 15.77
CA THR G 101 23.89 18.49 14.64
C THR G 101 22.64 17.70 14.25
N GLY G 102 22.19 17.90 13.00
CA GLY G 102 21.11 17.10 12.47
C GLY G 102 21.63 15.91 11.70
N LYS G 103 20.75 14.94 11.47
CA LYS G 103 21.12 13.74 10.76
C LYS G 103 20.03 13.40 9.75
N TYR G 104 20.46 13.01 8.55
CA TYR G 104 19.59 12.67 7.42
C TYR G 104 18.17 12.30 7.82
N PRO G 113 21.88 4.87 6.39
CA PRO G 113 23.14 5.52 6.02
C PRO G 113 22.94 6.97 5.59
N GLY G 114 23.57 7.91 6.29
CA GLY G 114 23.45 9.30 5.94
C GLY G 114 24.46 10.14 6.68
N GLU G 115 24.66 11.35 6.17
CA GLU G 115 25.64 12.26 6.74
C GLU G 115 24.98 13.13 7.81
N GLU G 116 25.83 13.81 8.57
CA GLU G 116 25.40 14.75 9.58
C GLU G 116 25.61 16.17 9.07
N TYR G 117 24.77 17.09 9.55
CA TYR G 117 24.91 18.49 9.17
C TYR G 117 24.74 19.37 10.40
N PHE G 118 25.26 20.58 10.31
CA PHE G 118 25.45 21.45 11.47
C PHE G 118 24.42 22.56 11.40
N GLN G 119 23.31 22.35 12.13
CA GLN G 119 22.11 23.17 11.98
C GLN G 119 22.29 24.56 12.58
N ASP G 120 22.92 24.64 13.74
CA ASP G 120 23.07 25.89 14.45
C ASP G 120 24.46 25.93 15.05
N TRP G 121 25.07 27.11 15.02
CA TRP G 121 26.44 27.30 15.50
C TRP G 121 26.45 28.36 16.58
N GLY G 122 27.35 28.20 17.55
CA GLY G 122 27.56 29.20 18.56
C GLY G 122 28.48 30.32 18.08
N ARG G 123 28.86 31.18 19.02
CA ARG G 123 29.73 32.31 18.73
C ARG G 123 31.19 31.90 18.66
N GLY G 124 31.58 30.92 19.45
CA GLY G 124 32.95 30.45 19.51
C GLY G 124 33.67 30.94 20.75
N THR G 125 34.67 30.18 21.18
CA THR G 125 35.58 30.60 22.23
C THR G 125 37.01 30.27 21.80
N LEU G 126 37.92 31.20 22.07
CA LEU G 126 39.30 31.10 21.58
C LEU G 126 40.19 30.36 22.58
N VAL G 127 40.90 29.35 22.09
CA VAL G 127 41.90 28.63 22.88
C VAL G 127 43.26 28.91 22.26
N THR G 128 44.19 29.41 23.07
CA THR G 128 45.56 29.66 22.64
C THR G 128 46.49 28.75 23.42
N VAL G 129 47.30 27.97 22.71
CA VAL G 129 48.24 27.04 23.33
C VAL G 129 49.65 27.52 23.06
N SER G 130 50.35 27.92 24.13
CA SER G 130 51.73 28.34 24.03
C SER G 130 52.39 28.15 25.39
N SER G 131 53.65 27.74 25.38
CA SER G 131 54.43 27.63 26.61
C SER G 131 55.07 28.95 27.00
N ALA G 132 54.88 30.00 26.20
CA ALA G 132 55.62 31.23 26.36
C ALA G 132 55.07 32.06 27.51
N SER G 133 55.94 32.92 28.03
CA SER G 133 55.59 33.99 28.96
C SER G 133 55.95 35.32 28.31
N THR G 134 55.68 36.40 29.00
CA THR G 134 55.88 37.73 28.44
C THR G 134 57.29 37.87 27.88
N LYS G 135 57.36 38.31 26.62
CA LYS G 135 58.62 38.40 25.88
C LYS G 135 58.52 39.58 24.93
N GLY G 136 59.46 40.51 25.04
CA GLY G 136 59.46 41.68 24.19
C GLY G 136 59.94 41.37 22.78
N PRO G 137 59.60 42.23 21.83
CA PRO G 137 59.91 41.95 20.43
C PRO G 137 61.34 42.33 20.05
N SER G 138 61.81 41.68 18.99
CA SER G 138 63.03 42.08 18.29
C SER G 138 62.61 42.68 16.96
N VAL G 139 63.16 43.84 16.64
CA VAL G 139 62.72 44.62 15.48
C VAL G 139 63.88 44.73 14.50
N PHE G 140 63.65 44.30 13.27
CA PHE G 140 64.65 44.35 12.22
C PHE G 140 64.13 45.17 11.04
N PRO G 141 65.02 45.87 10.34
CA PRO G 141 64.56 46.70 9.21
C PRO G 141 64.31 45.86 7.97
N LEU G 142 63.30 46.27 7.21
CA LEU G 142 63.06 45.76 5.86
C LEU G 142 63.40 46.93 4.93
N ALA G 143 64.69 46.98 4.51
CA ALA G 143 65.22 48.18 3.87
C ALA G 143 64.92 48.19 2.38
N PRO G 144 64.70 49.37 1.82
CA PRO G 144 64.48 49.48 0.37
C PRO G 144 65.79 49.50 -0.40
N SER G 145 65.67 49.30 -1.71
CA SER G 145 66.81 49.39 -2.62
C SER G 145 66.33 49.24 -4.06
N SER G 146 67.27 49.06 -4.99
CA SER G 146 66.91 48.85 -6.39
C SER G 146 66.07 47.58 -6.54
N SER G 150 59.48 49.68 -6.76
CA SER G 150 59.00 49.76 -8.14
C SER G 150 59.23 51.13 -8.75
N GLY G 151 60.36 51.32 -9.41
CA GLY G 151 60.59 52.56 -10.10
C GLY G 151 60.53 53.72 -9.13
N GLY G 152 59.54 54.56 -9.37
CA GLY G 152 59.27 55.72 -8.56
C GLY G 152 58.65 55.60 -7.19
N THR G 153 58.11 54.45 -6.81
CA THR G 153 57.78 54.19 -5.43
C THR G 153 58.67 53.14 -4.83
N ALA G 154 58.76 53.14 -3.50
CA ALA G 154 59.58 52.16 -2.81
C ALA G 154 58.88 51.68 -1.56
N ALA G 155 59.01 50.39 -1.27
CA ALA G 155 58.44 49.79 -0.08
C ALA G 155 59.53 49.57 0.97
N LEU G 156 59.25 49.98 2.19
CA LEU G 156 60.13 49.72 3.33
C LEU G 156 59.25 49.34 4.51
N GLY G 157 59.86 48.69 5.50
CA GLY G 157 59.07 48.22 6.62
C GLY G 157 59.91 47.79 7.79
N CYS G 158 59.25 47.16 8.75
CA CYS G 158 59.86 46.66 9.97
C CYS G 158 59.32 45.27 10.26
N LEU G 159 60.22 44.37 10.63
CA LEU G 159 59.88 43.00 11.00
C LEU G 159 59.95 42.88 12.52
N VAL G 160 58.82 42.54 13.14
CA VAL G 160 58.69 42.46 14.60
C VAL G 160 58.60 40.98 14.96
N LYS G 161 59.65 40.45 15.58
CA LYS G 161 59.85 39.02 15.73
C LYS G 161 59.72 38.55 17.18
N ASP G 162 59.03 37.43 17.36
CA ASP G 162 59.14 36.59 18.55
C ASP G 162 58.79 37.35 19.83
N TYR G 163 57.56 37.84 19.89
CA TYR G 163 57.05 38.51 21.07
C TYR G 163 55.86 37.73 21.63
N PHE G 164 55.54 38.00 22.89
CA PHE G 164 54.41 37.35 23.54
C PHE G 164 54.01 38.13 24.79
N PRO G 165 52.70 38.25 25.05
CA PRO G 165 51.55 37.89 24.22
C PRO G 165 51.21 38.99 23.25
N GLU G 166 50.13 38.82 22.48
CA GLU G 166 49.60 39.91 21.67
C GLU G 166 49.08 41.00 22.59
N PRO G 167 48.96 42.24 22.09
CA PRO G 167 49.30 42.71 20.76
C PRO G 167 50.57 43.55 20.69
N VAL G 168 51.07 43.72 19.48
CA VAL G 168 52.00 44.78 19.13
C VAL G 168 51.22 45.78 18.28
N THR G 169 51.47 47.06 18.50
CA THR G 169 50.99 48.09 17.61
C THR G 169 52.18 48.79 16.97
N VAL G 170 51.99 49.29 15.76
CA VAL G 170 53.05 49.91 14.99
C VAL G 170 52.52 51.20 14.40
N SER G 171 53.30 52.26 14.51
CA SER G 171 53.07 53.50 13.80
C SER G 171 54.36 53.86 13.07
N TRP G 172 54.26 54.85 12.17
CA TRP G 172 55.41 55.35 11.45
C TRP G 172 55.55 56.84 11.69
N ASN G 173 56.75 57.27 12.06
CA ASN G 173 57.03 58.67 12.38
C ASN G 173 56.03 59.20 13.41
N SER G 174 55.79 58.40 14.45
CA SER G 174 54.94 58.80 15.57
C SER G 174 53.52 59.15 15.14
N GLY G 175 53.03 58.50 14.09
CA GLY G 175 51.67 58.73 13.62
C GLY G 175 51.52 59.80 12.56
N ALA G 176 52.59 60.53 12.27
CA ALA G 176 52.53 61.55 11.22
C ALA G 176 52.42 60.95 9.84
N LEU G 177 52.83 59.70 9.66
CA LEU G 177 52.80 59.01 8.38
C LEU G 177 51.75 57.91 8.43
N THR G 178 50.71 58.04 7.62
CA THR G 178 49.62 57.07 7.60
C THR G 178 49.34 56.58 6.17
N SER G 179 49.47 57.47 5.19
CA SER G 179 49.23 57.09 3.80
C SER G 179 50.20 56.00 3.37
N GLY G 180 49.65 54.93 2.77
CA GLY G 180 50.47 53.84 2.29
C GLY G 180 50.98 52.89 3.33
N VAL G 181 50.54 53.04 4.59
CA VAL G 181 51.00 52.19 5.68
C VAL G 181 50.07 50.99 5.80
N HIS G 182 50.66 49.81 6.03
CA HIS G 182 49.87 48.64 6.39
C HIS G 182 50.66 47.78 7.36
N THR G 183 50.04 47.48 8.50
CA THR G 183 50.58 46.56 9.48
C THR G 183 49.79 45.25 9.38
N PHE G 184 50.50 44.16 9.21
CA PHE G 184 49.86 42.88 8.92
C PHE G 184 49.43 42.18 10.20
N PRO G 185 48.47 41.25 10.10
CA PRO G 185 48.13 40.43 11.26
C PRO G 185 49.34 39.63 11.72
N ALA G 186 49.36 39.32 13.02
CA ALA G 186 50.44 38.53 13.58
C ALA G 186 50.33 37.07 13.17
N VAL G 187 51.45 36.37 13.28
CA VAL G 187 51.56 34.96 12.94
C VAL G 187 52.04 34.23 14.18
N LEU G 188 51.32 33.20 14.59
CA LEU G 188 51.72 32.38 15.74
C LEU G 188 52.56 31.21 15.24
N GLN G 189 53.80 31.16 15.70
CA GLN G 189 54.75 30.16 15.23
C GLN G 189 54.67 28.92 16.12
N SER G 190 55.20 27.81 15.59
CA SER G 190 55.26 26.57 16.35
C SER G 190 55.99 26.77 17.68
N SER G 191 56.83 27.79 17.78
CA SER G 191 57.52 28.10 19.02
C SER G 191 56.59 28.63 20.09
N GLY G 192 55.38 29.06 19.71
CA GLY G 192 54.48 29.71 20.64
C GLY G 192 54.68 31.21 20.76
N LEU G 193 55.50 31.82 19.90
CA LEU G 193 55.75 33.24 19.90
C LEU G 193 55.22 33.88 18.62
N TYR G 194 54.90 35.17 18.70
CA TYR G 194 54.30 35.91 17.60
C TYR G 194 55.33 36.72 16.82
N SER G 195 55.01 36.96 15.55
CA SER G 195 55.76 37.88 14.71
C SER G 195 54.78 38.57 13.77
N LEU G 196 55.10 39.80 13.39
CA LEU G 196 54.35 40.49 12.35
C LEU G 196 55.29 41.43 11.60
N SER G 197 54.76 42.02 10.54
CA SER G 197 55.48 43.02 9.75
C SER G 197 54.61 44.25 9.55
N SER G 198 55.27 45.39 9.37
CA SER G 198 54.60 46.63 9.00
C SER G 198 55.36 47.23 7.82
N VAL G 199 54.64 47.69 6.81
CA VAL G 199 55.25 48.21 5.60
C VAL G 199 54.62 49.56 5.27
N VAL G 200 55.40 50.39 4.58
CA VAL G 200 54.91 51.65 4.03
C VAL G 200 55.50 51.82 2.65
N THR G 201 54.67 52.30 1.72
CA THR G 201 55.11 52.61 0.36
C THR G 201 55.26 54.11 0.24
N VAL G 202 56.42 54.56 -0.23
CA VAL G 202 56.73 55.99 -0.29
C VAL G 202 57.37 56.29 -1.66
N PRO G 203 57.37 57.58 -2.02
CA PRO G 203 58.09 57.95 -3.26
C PRO G 203 59.58 57.72 -3.10
N SER G 204 60.19 57.13 -4.14
CA SER G 204 61.61 56.86 -4.08
C SER G 204 62.42 58.13 -3.85
N SER G 205 61.97 59.25 -4.42
CA SER G 205 62.71 60.50 -4.25
C SER G 205 62.72 60.97 -2.80
N SER G 206 61.74 60.58 -1.99
CA SER G 206 61.71 61.02 -0.60
C SER G 206 62.75 60.31 0.27
N LEU G 207 63.33 59.22 -0.22
CA LEU G 207 64.25 58.43 0.61
C LEU G 207 65.47 59.22 1.04
N GLY G 208 65.84 60.27 0.31
CA GLY G 208 66.95 61.12 0.71
C GLY G 208 66.52 62.42 1.35
N THR G 209 65.21 62.66 1.36
CA THR G 209 64.66 63.84 1.98
C THR G 209 64.03 63.55 3.33
N GLN G 210 63.29 62.45 3.45
CA GLN G 210 62.48 62.17 4.62
C GLN G 210 63.04 61.00 5.42
N THR G 211 62.94 61.10 6.74
CA THR G 211 63.29 60.01 7.64
C THR G 211 62.06 59.15 7.91
N TYR G 212 62.26 57.84 7.94
CA TYR G 212 61.18 56.88 8.18
C TYR G 212 61.54 56.03 9.38
N ILE G 213 60.75 56.15 10.45
CA ILE G 213 60.96 55.44 11.69
C ILE G 213 59.68 54.68 12.02
N CYS G 214 59.82 53.37 12.26
CA CYS G 214 58.69 52.59 12.74
C CYS G 214 58.72 52.57 14.26
N ASN G 215 57.56 52.84 14.86
CA ASN G 215 57.40 52.88 16.31
C ASN G 215 56.64 51.62 16.71
N VAL G 216 57.33 50.72 17.41
CA VAL G 216 56.78 49.42 17.79
C VAL G 216 56.48 49.46 19.28
N ASN G 217 55.22 49.26 19.64
CA ASN G 217 54.79 49.26 21.03
C ASN G 217 54.35 47.87 21.43
N HIS G 218 54.85 47.38 22.58
CA HIS G 218 54.45 46.10 23.16
C HIS G 218 54.13 46.35 24.62
N LYS G 219 52.91 46.80 24.90
CA LYS G 219 52.52 47.12 26.27
C LYS G 219 52.77 45.97 27.25
N PRO G 220 52.51 44.71 26.90
CA PRO G 220 52.66 43.64 27.91
C PRO G 220 54.07 43.53 28.47
N SER G 221 55.11 43.87 27.71
CA SER G 221 56.47 43.83 28.19
C SER G 221 57.03 45.21 28.50
N ASN G 222 56.18 46.24 28.52
CA ASN G 222 56.61 47.60 28.85
C ASN G 222 57.71 48.08 27.89
N THR G 223 57.57 47.76 26.61
CA THR G 223 58.60 48.00 25.62
C THR G 223 58.09 48.90 24.49
N LYS G 224 58.93 49.84 24.08
CA LYS G 224 58.71 50.60 22.85
C LYS G 224 60.03 50.64 22.08
N VAL G 225 59.98 50.30 20.80
CA VAL G 225 61.17 50.27 19.96
C VAL G 225 60.96 51.22 18.78
N ASP G 226 61.91 52.14 18.61
CA ASP G 226 61.96 52.98 17.41
C ASP G 226 63.07 52.46 16.51
N LYS G 227 62.76 52.26 15.23
CA LYS G 227 63.73 51.75 14.27
C LYS G 227 63.70 52.62 13.04
N ARG G 228 64.81 53.31 12.77
CA ARG G 228 64.92 54.10 11.55
C ARG G 228 65.35 53.20 10.40
N VAL G 229 64.56 53.20 9.33
CA VAL G 229 64.78 52.32 8.19
C VAL G 229 65.37 53.16 7.06
N GLU G 230 66.55 52.78 6.60
CA GLU G 230 67.28 53.48 5.55
C GLU G 230 67.62 52.49 4.44
N PRO G 231 67.84 52.97 3.22
CA PRO G 231 68.17 52.06 2.12
C PRO G 231 69.49 51.33 2.37
N LYS G 232 69.61 50.15 1.77
CA LYS G 232 70.83 49.36 1.87
C LYS G 232 72.01 50.13 1.27
N SER H 1 41.73 17.96 3.10
CA SER H 1 41.00 16.79 3.58
C SER H 1 40.53 15.94 2.41
N GLU H 2 39.59 15.02 2.69
CA GLU H 2 39.00 14.21 1.63
C GLU H 2 38.14 15.03 0.67
N LEU H 3 37.74 16.23 1.08
CA LEU H 3 36.92 17.11 0.27
C LEU H 3 37.75 18.30 -0.17
N THR H 4 37.71 18.63 -1.46
CA THR H 4 38.50 19.72 -2.02
C THR H 4 37.59 20.75 -2.69
N GLN H 5 37.88 22.03 -2.43
CA GLN H 5 37.21 23.15 -3.08
C GLN H 5 38.26 24.09 -3.67
N ASP H 6 37.87 24.82 -4.72
CA ASP H 6 38.73 25.89 -5.19
C ASP H 6 38.83 26.97 -4.12
N PRO H 7 39.99 27.63 -3.98
CA PRO H 7 40.14 28.60 -2.88
C PRO H 7 39.31 29.86 -3.05
N ALA H 8 38.97 30.27 -4.26
CA ALA H 8 38.35 31.57 -4.44
C ALA H 8 37.59 31.63 -5.76
N VAL H 9 36.47 32.36 -5.74
CA VAL H 9 35.66 32.64 -6.93
C VAL H 9 35.05 34.03 -6.72
N SER H 10 34.75 34.70 -7.83
CA SER H 10 34.11 36.01 -7.75
C SER H 10 32.90 36.05 -8.68
N VAL H 11 32.00 36.99 -8.40
CA VAL H 11 30.75 37.11 -9.13
C VAL H 11 30.32 38.57 -9.10
N ALA H 12 29.78 39.05 -10.23
CA ALA H 12 29.24 40.39 -10.30
C ALA H 12 27.82 40.41 -9.74
N LEU H 13 27.41 41.58 -9.24
CA LEU H 13 26.05 41.72 -8.70
C LEU H 13 25.04 41.24 -9.73
N GLY H 14 24.07 40.45 -9.27
CA GLY H 14 23.01 39.96 -10.10
C GLY H 14 23.34 38.76 -10.96
N GLN H 15 24.60 38.33 -10.99
CA GLN H 15 24.99 37.19 -11.82
C GLN H 15 24.94 35.91 -11.01
N THR H 16 25.14 34.79 -11.71
CA THR H 16 25.07 33.46 -11.12
C THR H 16 26.48 32.89 -10.97
N VAL H 17 26.72 32.23 -9.83
CA VAL H 17 28.02 31.66 -9.53
C VAL H 17 27.82 30.27 -8.94
N ARG H 18 28.74 29.37 -9.26
CA ARG H 18 28.71 28.00 -8.77
C ARG H 18 30.01 27.72 -8.02
N ILE H 19 29.89 27.12 -6.84
CA ILE H 19 31.01 26.70 -6.01
C ILE H 19 30.96 25.18 -5.89
N THR H 20 32.07 24.51 -6.21
CA THR H 20 32.09 23.05 -6.31
C THR H 20 32.98 22.42 -5.26
N CYS H 21 32.49 21.28 -4.75
CA CYS H 21 33.16 20.44 -3.76
C CYS H 21 33.38 19.07 -4.39
N GLN H 22 34.54 18.47 -4.17
CA GLN H 22 34.87 17.19 -4.80
C GLN H 22 35.52 16.26 -3.80
N GLY H 23 35.08 14.99 -3.82
CA GLY H 23 35.61 13.97 -2.95
C GLY H 23 34.87 12.65 -3.13
N ASP H 24 35.55 11.53 -2.85
CA ASP H 24 34.96 10.22 -3.12
C ASP H 24 33.71 9.98 -2.28
N SER H 25 33.66 10.53 -1.06
CA SER H 25 32.49 10.32 -0.21
C SER H 25 31.24 10.97 -0.77
N LEU H 26 31.38 11.95 -1.65
CA LEU H 26 30.20 12.59 -2.25
C LEU H 26 29.49 11.67 -3.24
N ARG H 27 30.11 10.55 -3.62
CA ARG H 27 29.38 9.54 -4.38
C ARG H 27 28.32 8.86 -3.54
N SER H 28 28.46 8.87 -2.21
CA SER H 28 27.54 8.19 -1.30
C SER H 28 26.61 9.15 -0.58
N TYR H 29 27.05 10.38 -0.32
CA TYR H 29 26.34 11.28 0.57
C TYR H 29 26.15 12.64 -0.07
N TYR H 30 25.09 13.33 0.36
CA TYR H 30 24.96 14.73 0.04
C TYR H 30 25.97 15.54 0.84
N ALA H 31 26.36 16.68 0.31
CA ALA H 31 27.15 17.65 1.03
C ALA H 31 26.23 18.72 1.58
N SER H 32 26.51 19.16 2.80
CA SER H 32 25.91 20.37 3.33
C SER H 32 26.86 21.53 3.11
N TRP H 33 26.29 22.74 3.12
CA TRP H 33 27.02 23.95 2.76
C TRP H 33 26.84 25.00 3.84
N TYR H 34 27.92 25.75 4.10
CA TYR H 34 27.95 26.73 5.18
C TYR H 34 28.53 28.03 4.69
N GLN H 35 27.94 29.13 5.16
CA GLN H 35 28.37 30.49 4.85
C GLN H 35 29.00 31.09 6.10
N GLN H 36 30.15 31.75 5.94
CA GLN H 36 30.82 32.40 7.07
C GLN H 36 31.38 33.74 6.61
N LYS H 37 30.89 34.82 7.22
CA LYS H 37 31.40 36.14 6.95
C LYS H 37 32.51 36.50 7.93
N PRO H 38 33.35 37.48 7.59
CA PRO H 38 34.48 37.82 8.47
C PRO H 38 34.02 38.15 9.88
N GLY H 39 34.69 37.54 10.86
CA GLY H 39 34.39 37.80 12.25
C GLY H 39 33.07 37.24 12.74
N GLN H 40 32.44 36.34 11.99
CA GLN H 40 31.18 35.73 12.37
C GLN H 40 31.28 34.22 12.34
N ALA H 41 30.37 33.58 13.07
CA ALA H 41 30.25 32.13 13.05
C ALA H 41 29.57 31.67 11.76
N PRO H 42 29.75 30.41 11.38
CA PRO H 42 29.10 29.90 10.17
C PRO H 42 27.59 29.76 10.34
N VAL H 43 26.90 29.71 9.20
CA VAL H 43 25.47 29.44 9.14
C VAL H 43 25.23 28.37 8.09
N LEU H 44 24.29 27.47 8.38
CA LEU H 44 23.92 26.44 7.42
C LEU H 44 23.10 27.04 6.28
N VAL H 45 23.48 26.73 5.04
CA VAL H 45 22.81 27.24 3.86
C VAL H 45 22.04 26.16 3.11
N ILE H 46 22.64 24.98 2.94
CA ILE H 46 22.01 23.85 2.25
C ILE H 46 22.33 22.58 3.02
N TYR H 47 21.33 21.71 3.18
CA TYR H 47 21.54 20.37 3.71
C TYR H 47 20.72 19.39 2.91
N GLY H 48 21.14 18.13 2.98
CA GLY H 48 20.42 17.06 2.29
C GLY H 48 20.24 17.37 0.82
N LYS H 49 19.06 17.02 0.30
CA LYS H 49 18.73 17.15 -1.11
C LYS H 49 18.15 18.54 -1.35
N ASN H 50 19.04 19.52 -1.41
CA ASN H 50 18.70 20.90 -1.78
C ASN H 50 17.67 21.49 -0.82
N ASN H 51 17.83 21.25 0.47
CA ASN H 51 16.96 21.83 1.48
C ASN H 51 17.58 23.12 2.00
N ARG H 52 16.81 24.22 1.95
CA ARG H 52 17.23 25.50 2.48
C ARG H 52 16.57 25.72 3.83
N PRO H 53 17.33 25.95 4.91
CA PRO H 53 16.68 26.29 6.19
C PRO H 53 15.86 27.56 6.08
N SER H 54 14.96 27.74 7.05
CA SER H 54 14.23 29.00 7.15
C SER H 54 15.21 30.16 7.30
N GLY H 55 14.97 31.23 6.55
CA GLY H 55 15.86 32.36 6.54
C GLY H 55 16.92 32.33 5.46
N ILE H 56 17.05 31.22 4.75
CA ILE H 56 17.97 31.12 3.61
C ILE H 56 17.15 31.30 2.33
N PRO H 57 17.45 32.30 1.51
CA PRO H 57 16.64 32.54 0.32
C PRO H 57 16.81 31.46 -0.74
N ASP H 58 15.77 31.33 -1.58
CA ASP H 58 15.75 30.33 -2.63
C ASP H 58 16.90 30.49 -3.63
N ARG H 59 17.51 31.67 -3.71
CA ARG H 59 18.57 31.86 -4.69
C ARG H 59 19.79 31.01 -4.38
N PHE H 60 19.86 30.41 -3.18
CA PHE H 60 20.85 29.38 -2.88
C PHE H 60 20.27 28.02 -3.19
N SER H 61 21.01 27.20 -3.93
CA SER H 61 20.53 25.87 -4.27
C SER H 61 21.71 24.91 -4.36
N GLY H 62 21.43 23.64 -4.08
CA GLY H 62 22.46 22.61 -4.10
C GLY H 62 22.18 21.60 -5.20
N SER H 63 23.25 21.02 -5.72
CA SER H 63 23.18 19.97 -6.73
C SER H 63 24.37 19.05 -6.52
N SER H 64 24.33 17.91 -7.20
CA SER H 64 25.40 16.93 -7.10
C SER H 64 25.51 16.15 -8.39
N SER H 65 26.73 15.73 -8.71
CA SER H 65 26.99 14.96 -9.91
C SER H 65 28.26 14.15 -9.68
N GLY H 66 28.14 12.83 -9.73
CA GLY H 66 29.31 11.98 -9.53
C GLY H 66 29.90 12.20 -8.15
N ASN H 67 31.21 12.46 -8.12
CA ASN H 67 31.91 12.74 -6.88
C ASN H 67 32.01 14.23 -6.59
N THR H 68 31.10 15.03 -7.13
CA THR H 68 31.10 16.47 -6.89
C THR H 68 29.76 16.92 -6.33
N ALA H 69 29.81 18.00 -5.56
CA ALA H 69 28.64 18.68 -5.05
C ALA H 69 28.83 20.16 -5.30
N SER H 70 27.75 20.87 -5.62
CA SER H 70 27.85 22.27 -6.00
C SER H 70 26.81 23.10 -5.28
N LEU H 71 27.22 24.29 -4.89
CA LEU H 71 26.34 25.33 -4.39
C LEU H 71 26.23 26.39 -5.47
N THR H 72 25.01 26.70 -5.89
CA THR H 72 24.77 27.73 -6.88
C THR H 72 24.03 28.89 -6.24
N ILE H 73 24.51 30.11 -6.50
CA ILE H 73 23.84 31.33 -6.08
C ILE H 73 23.43 32.07 -7.34
N THR H 74 22.12 32.24 -7.53
CA THR H 74 21.58 33.00 -8.64
C THR H 74 21.27 34.40 -8.17
N GLY H 75 21.55 35.39 -9.01
CA GLY H 75 21.34 36.77 -8.63
C GLY H 75 22.10 37.15 -7.38
N ALA H 76 23.44 37.07 -7.45
CA ALA H 76 24.26 37.34 -6.28
C ALA H 76 24.01 38.74 -5.74
N GLN H 77 23.94 38.84 -4.41
CA GLN H 77 23.78 40.09 -3.71
C GLN H 77 25.00 40.35 -2.85
N ALA H 78 25.22 41.63 -2.51
CA ALA H 78 26.37 42.01 -1.70
C ALA H 78 26.45 41.18 -0.42
N GLU H 79 25.31 40.87 0.19
CA GLU H 79 25.32 40.15 1.45
C GLU H 79 25.74 38.68 1.29
N ASP H 80 25.88 38.20 0.06
CA ASP H 80 26.32 36.83 -0.17
C ASP H 80 27.85 36.68 -0.14
N GLU H 81 28.59 37.79 -0.09
CA GLU H 81 30.04 37.70 0.04
C GLU H 81 30.40 37.04 1.36
N ALA H 82 31.18 35.96 1.28
CA ALA H 82 31.50 35.16 2.46
C ALA H 82 32.43 34.03 2.02
N ASP H 83 32.92 33.29 3.01
CA ASP H 83 33.58 32.02 2.76
C ASP H 83 32.53 30.92 2.82
N TYR H 84 32.61 29.97 1.90
CA TYR H 84 31.66 28.87 1.83
C TYR H 84 32.39 27.55 1.99
N TYR H 85 31.86 26.68 2.85
CA TYR H 85 32.45 25.39 3.15
C TYR H 85 31.44 24.29 2.85
N CYS H 86 31.91 23.20 2.25
CA CYS H 86 31.13 21.98 2.14
C CYS H 86 31.53 21.02 3.25
N SER H 87 30.60 20.15 3.63
CA SER H 87 30.87 19.13 4.63
C SER H 87 30.13 17.85 4.27
N SER H 88 30.77 16.73 4.56
CA SER H 88 30.16 15.42 4.41
C SER H 88 31.01 14.43 5.20
N ARG H 89 30.74 13.15 5.01
CA ARG H 89 31.58 12.14 5.62
C ARG H 89 32.93 12.07 4.90
N ASP H 90 33.94 11.55 5.61
CA ASP H 90 35.25 11.40 4.98
C ASP H 90 35.29 10.21 4.04
N LYS H 91 34.48 9.18 4.29
CA LYS H 91 34.43 8.01 3.43
C LYS H 91 33.12 7.27 3.67
N SER H 92 32.76 6.40 2.73
CA SER H 92 31.54 5.63 2.84
C SER H 92 31.55 4.77 4.10
N GLY H 93 30.47 4.84 4.87
CA GLY H 93 30.32 4.04 6.07
C GLY H 93 31.01 4.60 7.30
N SER H 94 31.66 5.75 7.20
CA SER H 94 32.37 6.33 8.33
C SER H 94 31.39 6.99 9.29
N ARG H 95 31.81 7.07 10.56
CA ARG H 95 31.09 7.82 11.58
C ARG H 95 31.65 9.22 11.78
N LEU H 96 32.59 9.63 10.94
CA LEU H 96 33.25 10.92 11.08
C LEU H 96 32.73 11.90 10.04
N SER H 97 33.03 13.18 10.27
CA SER H 97 32.67 14.25 9.37
C SER H 97 33.92 15.06 9.03
N VAL H 98 33.91 15.70 7.86
CA VAL H 98 35.01 16.55 7.42
C VAL H 98 34.46 17.75 6.68
N PHE H 99 35.30 18.77 6.57
CA PHE H 99 35.01 19.98 5.80
C PHE H 99 35.96 20.09 4.62
N GLY H 100 35.47 20.64 3.52
CA GLY H 100 36.34 21.12 2.48
C GLY H 100 37.15 22.32 2.96
N GLY H 101 38.12 22.72 2.15
CA GLY H 101 39.02 23.79 2.53
C GLY H 101 38.41 25.18 2.49
N GLY H 102 37.21 25.31 1.94
CA GLY H 102 36.55 26.61 1.88
C GLY H 102 36.84 27.34 0.58
N THR H 103 35.84 28.11 0.14
CA THR H 103 35.96 28.96 -1.04
C THR H 103 35.58 30.37 -0.64
N LYS H 104 36.48 31.32 -0.88
CA LYS H 104 36.18 32.73 -0.67
C LYS H 104 35.38 33.23 -1.87
N LEU H 105 34.13 33.63 -1.64
CA LEU H 105 33.29 34.21 -2.67
C LEU H 105 33.33 35.72 -2.53
N THR H 106 33.83 36.39 -3.55
CA THR H 106 33.82 37.85 -3.60
C THR H 106 32.69 38.29 -4.52
N VAL H 107 31.83 39.18 -4.00
CA VAL H 107 30.83 39.85 -4.81
C VAL H 107 31.44 41.18 -5.24
N LEU H 108 31.79 41.28 -6.52
CA LEU H 108 32.65 42.35 -6.99
C LEU H 108 32.08 43.73 -6.66
N SER H 109 32.85 44.51 -5.91
CA SER H 109 32.49 45.87 -5.54
C SER H 109 33.58 46.88 -5.85
N GLN H 110 34.67 46.46 -6.47
CA GLN H 110 35.69 47.40 -6.94
C GLN H 110 36.47 46.71 -8.04
N PRO H 111 37.27 47.46 -8.80
CA PRO H 111 38.00 46.83 -9.91
C PRO H 111 38.94 45.74 -9.46
N LYS H 112 39.10 44.74 -10.32
CA LYS H 112 40.17 43.77 -10.10
C LYS H 112 41.51 44.47 -10.16
N ALA H 113 42.36 44.19 -9.17
CA ALA H 113 43.65 44.86 -9.06
C ALA H 113 44.72 43.81 -8.78
N ALA H 114 45.77 43.83 -9.59
CA ALA H 114 46.84 42.87 -9.43
C ALA H 114 47.77 43.27 -8.29
N PRO H 115 48.32 42.30 -7.57
CA PRO H 115 49.12 42.62 -6.39
C PRO H 115 50.47 43.24 -6.72
N SER H 116 50.89 44.16 -5.86
CA SER H 116 52.27 44.60 -5.79
C SER H 116 53.02 43.66 -4.86
N VAL H 117 54.19 43.20 -5.28
CA VAL H 117 54.95 42.21 -4.53
C VAL H 117 56.34 42.77 -4.29
N THR H 118 56.79 42.69 -3.03
CA THR H 118 58.16 43.02 -2.67
C THR H 118 58.72 41.89 -1.82
N LEU H 119 59.88 41.38 -2.19
CA LEU H 119 60.54 40.31 -1.47
C LEU H 119 61.78 40.88 -0.80
N PHE H 120 61.78 40.91 0.51
CA PHE H 120 62.92 41.37 1.28
C PHE H 120 63.81 40.20 1.67
N PRO H 121 65.11 40.24 1.39
CA PRO H 121 66.01 39.19 1.90
C PRO H 121 66.22 39.38 3.39
N PRO H 122 66.84 38.41 4.06
CA PRO H 122 67.17 38.60 5.49
C PRO H 122 68.01 39.84 5.69
N SER H 123 67.68 40.60 6.73
CA SER H 123 68.50 41.75 7.08
C SER H 123 69.82 41.29 7.67
N SER H 124 70.87 42.09 7.44
CA SER H 124 72.15 41.78 8.05
C SER H 124 72.02 41.71 9.56
N GLU H 125 71.19 42.57 10.14
CA GLU H 125 71.01 42.57 11.59
C GLU H 125 70.40 41.26 12.08
N GLU H 126 69.43 40.72 11.35
CA GLU H 126 68.82 39.46 11.77
C GLU H 126 69.83 38.32 11.70
N LEU H 127 70.63 38.28 10.63
CA LEU H 127 71.67 37.26 10.52
C LEU H 127 72.62 37.32 11.72
N GLN H 128 72.85 38.52 12.27
CA GLN H 128 73.68 38.65 13.46
C GLN H 128 73.01 38.05 14.69
N ALA H 129 71.68 37.98 14.69
CA ALA H 129 70.95 37.24 15.71
C ALA H 129 70.84 35.76 15.39
N ASN H 130 71.56 35.29 14.36
CA ASN H 130 71.59 33.88 13.98
C ASN H 130 70.23 33.40 13.49
N LYS H 131 69.52 34.27 12.78
CA LYS H 131 68.26 33.91 12.15
C LYS H 131 68.21 34.51 10.76
N ALA H 132 67.32 33.95 9.93
CA ALA H 132 67.18 34.42 8.55
C ALA H 132 65.73 34.26 8.14
N THR H 133 65.07 35.39 7.84
CA THR H 133 63.68 35.38 7.40
C THR H 133 63.60 36.12 6.08
N LEU H 134 63.08 35.43 5.05
CA LEU H 134 62.68 36.08 3.82
C LEU H 134 61.24 36.56 4.01
N VAL H 135 60.97 37.80 3.66
CA VAL H 135 59.67 38.43 3.89
C VAL H 135 59.11 38.83 2.53
N CYS H 136 58.00 38.20 2.14
CA CYS H 136 57.31 38.49 0.90
C CYS H 136 56.03 39.26 1.25
N LEU H 137 56.00 40.54 0.91
CA LEU H 137 54.86 41.39 1.21
C LEU H 137 54.07 41.65 -0.06
N ILE H 138 52.76 41.51 0.04
CA ILE H 138 51.85 41.52 -1.10
C ILE H 138 50.74 42.50 -0.77
N SER H 139 50.53 43.49 -1.64
CA SER H 139 49.64 44.59 -1.31
C SER H 139 48.80 45.00 -2.53
N ASP H 140 47.70 45.70 -2.22
CA ASP H 140 46.91 46.44 -3.21
C ASP H 140 46.31 45.51 -4.26
N PHE H 141 45.76 44.38 -3.83
CA PHE H 141 45.10 43.48 -4.76
C PHE H 141 43.63 43.29 -4.39
N TYR H 142 42.86 42.91 -5.40
CA TYR H 142 41.43 42.66 -5.26
C TYR H 142 41.01 41.80 -6.45
N PRO H 143 40.19 40.75 -6.22
CA PRO H 143 39.68 40.23 -4.94
C PRO H 143 40.78 39.79 -3.97
N GLY H 144 40.43 39.68 -2.70
CA GLY H 144 41.41 39.40 -1.66
C GLY H 144 41.72 37.92 -1.53
N ALA H 145 42.24 37.31 -2.58
CA ALA H 145 42.57 35.89 -2.58
C ALA H 145 43.85 35.70 -3.39
N VAL H 146 44.87 35.11 -2.76
CA VAL H 146 46.12 34.80 -3.42
C VAL H 146 46.62 33.45 -2.93
N THR H 147 47.45 32.82 -3.75
CA THR H 147 48.24 31.66 -3.35
C THR H 147 49.70 32.03 -3.49
N VAL H 148 50.51 31.67 -2.51
CA VAL H 148 51.92 32.00 -2.47
C VAL H 148 52.72 30.72 -2.54
N ALA H 149 53.74 30.71 -3.41
CA ALA H 149 54.66 29.59 -3.55
C ALA H 149 56.09 30.10 -3.48
N TRP H 150 56.92 29.41 -2.73
CA TRP H 150 58.32 29.77 -2.59
C TRP H 150 59.19 28.84 -3.41
N LYS H 151 60.30 29.38 -3.93
CA LYS H 151 61.27 28.62 -4.67
C LYS H 151 62.66 28.86 -4.10
N ALA H 152 63.48 27.82 -4.12
CA ALA H 152 64.90 27.92 -3.79
C ALA H 152 65.67 27.28 -4.94
N ASP H 153 66.50 28.07 -5.60
CA ASP H 153 67.22 27.61 -6.79
C ASP H 153 66.24 27.05 -7.83
N SER H 154 65.10 27.73 -7.97
CA SER H 154 64.07 27.45 -8.98
C SER H 154 63.25 26.21 -8.67
N SER H 155 63.36 25.64 -7.48
CA SER H 155 62.56 24.47 -7.12
C SER H 155 61.69 24.78 -5.91
N PRO H 156 60.53 24.11 -5.79
CA PRO H 156 59.60 24.45 -4.69
C PRO H 156 60.21 24.26 -3.31
N VAL H 157 59.79 25.13 -2.40
CA VAL H 157 60.09 25.00 -0.98
C VAL H 157 58.79 25.17 -0.21
N LYS H 158 58.58 24.32 0.79
CA LYS H 158 57.33 24.31 1.56
C LYS H 158 57.55 24.46 3.05
N ALA H 159 58.61 23.88 3.60
CA ALA H 159 58.84 23.93 5.03
C ALA H 159 59.40 25.28 5.44
N GLY H 160 59.03 25.71 6.64
CA GLY H 160 59.41 27.03 7.13
C GLY H 160 58.61 28.16 6.52
N VAL H 161 57.48 27.87 5.90
CA VAL H 161 56.63 28.88 5.27
C VAL H 161 55.45 29.18 6.18
N GLU H 162 55.21 30.45 6.44
CA GLU H 162 54.03 30.93 7.14
C GLU H 162 53.44 32.08 6.34
N THR H 163 52.13 32.03 6.10
CA THR H 163 51.45 33.01 5.27
C THR H 163 50.17 33.46 5.96
N THR H 164 49.95 34.78 5.99
CA THR H 164 48.76 35.34 6.59
C THR H 164 47.63 35.43 5.57
N THR H 165 46.41 35.25 6.04
CA THR H 165 45.25 35.38 5.19
C THR H 165 45.04 36.85 4.82
N PRO H 166 44.68 37.15 3.58
CA PRO H 166 44.57 38.55 3.16
C PRO H 166 43.67 39.36 4.08
N SER H 167 44.10 40.60 4.35
CA SER H 167 43.39 41.53 5.22
C SER H 167 43.25 42.86 4.49
N LYS H 168 42.25 43.64 4.89
CA LYS H 168 41.92 44.87 4.18
C LYS H 168 42.89 45.99 4.54
N GLN H 169 43.23 46.80 3.53
CA GLN H 169 44.04 47.98 3.71
C GLN H 169 43.17 49.21 3.95
N SER H 170 43.83 50.33 4.25
CA SER H 170 43.13 51.59 4.45
C SER H 170 42.38 52.01 3.18
N ASN H 171 42.96 51.75 2.01
CA ASN H 171 42.32 52.10 0.75
C ASN H 171 41.32 51.05 0.27
N ASN H 172 41.00 50.05 1.11
CA ASN H 172 39.99 49.03 0.88
C ASN H 172 40.44 47.90 -0.05
N LYS H 173 41.67 47.90 -0.54
CA LYS H 173 42.21 46.73 -1.20
C LYS H 173 42.76 45.76 -0.15
N TYR H 174 43.33 44.64 -0.60
CA TYR H 174 43.81 43.61 0.31
C TYR H 174 45.34 43.53 0.29
N ALA H 175 45.87 43.03 1.40
CA ALA H 175 47.29 42.78 1.54
C ALA H 175 47.49 41.47 2.28
N ALA H 176 48.64 40.84 2.04
CA ALA H 176 49.01 39.60 2.71
C ALA H 176 50.51 39.55 2.86
N SER H 177 50.97 38.73 3.80
CA SER H 177 52.40 38.56 4.05
C SER H 177 52.74 37.07 4.09
N SER H 178 53.94 36.75 3.63
CA SER H 178 54.43 35.39 3.64
C SER H 178 55.87 35.39 4.12
N TYR H 179 56.22 34.43 4.96
CA TYR H 179 57.54 34.35 5.56
C TYR H 179 58.17 33.00 5.23
N LEU H 180 59.45 33.02 4.90
CA LEU H 180 60.25 31.81 4.73
C LEU H 180 61.39 31.87 5.73
N SER H 181 61.31 31.05 6.77
CA SER H 181 62.33 31.00 7.81
C SER H 181 63.44 30.04 7.38
N LEU H 182 64.68 30.51 7.48
CA LEU H 182 65.84 29.71 7.13
C LEU H 182 66.91 29.90 8.20
N THR H 183 67.88 29.00 8.20
CA THR H 183 69.10 29.26 8.94
C THR H 183 70.01 30.17 8.12
N PRO H 184 70.89 30.93 8.77
CA PRO H 184 71.90 31.66 7.99
C PRO H 184 72.63 30.77 7.01
N GLU H 185 72.88 29.52 7.39
CA GLU H 185 73.60 28.59 6.53
C GLU H 185 72.77 28.22 5.30
N GLN H 186 71.47 27.97 5.50
CA GLN H 186 70.59 27.71 4.36
C GLN H 186 70.53 28.91 3.42
N TRP H 187 70.46 30.11 3.99
CA TRP H 187 70.32 31.32 3.17
C TRP H 187 71.55 31.53 2.28
N LYS H 188 72.74 31.30 2.83
CA LYS H 188 73.97 31.53 2.07
C LYS H 188 74.36 30.37 1.17
N SER H 189 73.69 29.23 1.26
CA SER H 189 74.07 28.06 0.47
C SER H 189 73.38 28.01 -0.89
N HIS H 190 72.24 28.65 -1.04
CA HIS H 190 71.50 28.64 -2.29
C HIS H 190 71.85 29.85 -3.15
N ARG H 191 71.61 29.72 -4.46
CA ARG H 191 71.91 30.80 -5.39
C ARG H 191 70.80 31.84 -5.39
N SER H 192 69.55 31.41 -5.38
CA SER H 192 68.43 32.35 -5.47
C SER H 192 67.26 31.83 -4.64
N TYR H 193 66.41 32.77 -4.21
CA TYR H 193 65.13 32.49 -3.59
C TYR H 193 64.08 33.33 -4.28
N SER H 194 62.87 32.79 -4.40
CA SER H 194 61.81 33.48 -5.11
C SER H 194 60.48 33.31 -4.38
N CYS H 195 59.67 34.36 -4.45
CA CYS H 195 58.30 34.34 -3.95
C CYS H 195 57.36 34.49 -5.14
N GLN H 196 56.53 33.49 -5.39
CA GLN H 196 55.58 33.49 -6.49
C GLN H 196 54.18 33.72 -5.94
N VAL H 197 53.50 34.74 -6.47
CA VAL H 197 52.17 35.12 -6.02
C VAL H 197 51.22 34.97 -7.20
N THR H 198 50.19 34.16 -7.03
CA THR H 198 49.17 33.94 -8.04
C THR H 198 47.89 34.65 -7.64
N HIS H 199 47.34 35.43 -8.56
CA HIS H 199 46.12 36.19 -8.32
C HIS H 199 45.30 36.18 -9.60
N GLU H 200 44.05 35.72 -9.51
CA GLU H 200 43.15 35.71 -10.66
C GLU H 200 43.77 34.97 -11.84
N GLY H 201 44.44 33.85 -11.56
CA GLY H 201 45.02 33.03 -12.59
C GLY H 201 46.31 33.55 -13.19
N SER H 202 46.79 34.71 -12.76
CA SER H 202 48.05 35.30 -13.22
C SER H 202 49.07 35.22 -12.10
N THR H 203 50.33 34.97 -12.47
CA THR H 203 51.40 34.77 -11.50
C THR H 203 52.49 35.81 -11.70
N VAL H 204 52.93 36.40 -10.60
CA VAL H 204 54.11 37.26 -10.56
C VAL H 204 55.15 36.60 -9.69
N GLU H 205 56.42 36.87 -9.99
CA GLU H 205 57.53 36.32 -9.24
C GLU H 205 58.54 37.42 -8.94
N LYS H 206 59.06 37.41 -7.72
CA LYS H 206 60.18 38.25 -7.32
C LYS H 206 61.28 37.37 -6.78
N THR H 207 62.53 37.74 -7.06
CA THR H 207 63.69 36.91 -6.73
C THR H 207 64.75 37.75 -6.05
N VAL H 208 65.39 37.16 -5.03
CA VAL H 208 66.52 37.76 -4.34
C VAL H 208 67.66 36.74 -4.34
N ALA H 209 68.87 37.25 -4.08
CA ALA H 209 70.06 36.42 -4.09
C ALA H 209 70.97 36.83 -2.95
N PRO H 210 71.63 35.87 -2.28
CA PRO H 210 72.54 36.23 -1.19
C PRO H 210 73.64 37.19 -1.58
N THR H 211 74.02 37.25 -2.86
CA THR H 211 75.07 38.15 -3.32
C THR H 211 74.44 39.51 -3.63
N GLU H 212 74.76 40.50 -2.81
CA GLU H 212 74.18 41.84 -2.95
C GLU H 212 72.65 41.77 -2.93
#